data_6UTC
# 
_entry.id   6UTC 
# 
_audit_conform.dict_name       mmcif_pdbx.dic 
_audit_conform.dict_version    5.398 
_audit_conform.dict_location   http://mmcif.pdb.org/dictionaries/ascii/mmcif_pdbx.dic 
# 
loop_
_database_2.database_id 
_database_2.database_code 
_database_2.pdbx_database_accession 
_database_2.pdbx_DOI 
PDB   6UTC         pdb_00006utc 10.2210/pdb6utc/pdb 
WWPDB D_1000245171 ?            ?                   
# 
loop_
_pdbx_audit_revision_history.ordinal 
_pdbx_audit_revision_history.data_content_type 
_pdbx_audit_revision_history.major_revision 
_pdbx_audit_revision_history.minor_revision 
_pdbx_audit_revision_history.revision_date 
1 'Structure model' 1 0 2020-06-17 
2 'Structure model' 1 1 2024-04-03 
3 'Structure model' 1 2 2024-11-13 
# 
_pdbx_audit_revision_details.ordinal             1 
_pdbx_audit_revision_details.revision_ordinal    1 
_pdbx_audit_revision_details.data_content_type   'Structure model' 
_pdbx_audit_revision_details.provider            repository 
_pdbx_audit_revision_details.type                'Initial release' 
_pdbx_audit_revision_details.description         ? 
_pdbx_audit_revision_details.details             ? 
# 
loop_
_pdbx_audit_revision_group.ordinal 
_pdbx_audit_revision_group.revision_ordinal 
_pdbx_audit_revision_group.data_content_type 
_pdbx_audit_revision_group.group 
1 2 'Structure model' 'Data collection'        
2 2 'Structure model' 'Database references'    
3 2 'Structure model' 'Refinement description' 
4 3 'Structure model' 'Structure summary'      
# 
loop_
_pdbx_audit_revision_category.ordinal 
_pdbx_audit_revision_category.revision_ordinal 
_pdbx_audit_revision_category.data_content_type 
_pdbx_audit_revision_category.category 
1 2 'Structure model' chem_comp_atom                
2 2 'Structure model' chem_comp_bond                
3 2 'Structure model' database_2                    
4 2 'Structure model' pdbx_initial_refinement_model 
5 3 'Structure model' pdbx_entry_details            
6 3 'Structure model' pdbx_modification_feature     
# 
loop_
_pdbx_audit_revision_item.ordinal 
_pdbx_audit_revision_item.revision_ordinal 
_pdbx_audit_revision_item.data_content_type 
_pdbx_audit_revision_item.item 
1 2 'Structure model' '_database_2.pdbx_DOI'                         
2 2 'Structure model' '_database_2.pdbx_database_accession'          
3 3 'Structure model' '_pdbx_entry_details.has_protein_modification' 
# 
_pdbx_database_status.status_code                     REL 
_pdbx_database_status.status_code_sf                  REL 
_pdbx_database_status.status_code_mr                  ? 
_pdbx_database_status.entry_id                        6UTC 
_pdbx_database_status.recvd_initial_deposition_date   2019-10-29 
_pdbx_database_status.SG_entry                        N 
_pdbx_database_status.deposit_site                    RCSB 
_pdbx_database_status.process_site                    RCSB 
_pdbx_database_status.status_code_cs                  ? 
_pdbx_database_status.methods_development_category    ? 
_pdbx_database_status.pdb_format_compatible           Y 
_pdbx_database_status.status_code_nmr_data            ? 
# 
loop_
_audit_author.name 
_audit_author.pdbx_ordinal 
_audit_author.identifier_ORCID 
'Midgett, C.R.'  1 ? 
'Swindell, R.A.' 2 ? 
'Kull, F.J.'     3 ? 
# 
_citation.abstract                  ? 
_citation.abstract_id_CAS           ? 
_citation.book_id_ISBN              ? 
_citation.book_publisher            ? 
_citation.book_publisher_city       ? 
_citation.book_title                ? 
_citation.coordinate_linkage        ? 
_citation.country                   UK 
_citation.database_id_Medline       ? 
_citation.details                   ? 
_citation.id                        primary 
_citation.journal_abbrev            'Sci Rep' 
_citation.journal_id_ASTM           ? 
_citation.journal_id_CSD            ? 
_citation.journal_id_ISSN           2045-2322 
_citation.journal_full              ? 
_citation.journal_issue             ? 
_citation.journal_volume            10 
_citation.language                  ? 
_citation.page_first                9002 
_citation.page_last                 9002 
_citation.title                     
'A disulfide constrains the ToxR periplasmic domain structure, altering its interactions with ToxS and bile-salts.' 
_citation.year                      2020 
_citation.database_id_CSD           ? 
_citation.pdbx_database_id_DOI      10.1038/s41598-020-66050-5 
_citation.pdbx_database_id_PubMed   32488093 
_citation.unpublished_flag          ? 
# 
loop_
_citation_author.citation_id 
_citation_author.name 
_citation_author.ordinal 
_citation_author.identifier_ORCID 
primary 'Midgett, C.R.'  1 ? 
primary 'Swindell, R.A.' 2 ? 
primary 'Pellegrini, M.' 3 ? 
primary 'Jon Kull, F.'   4 ? 
# 
loop_
_entity.id 
_entity.type 
_entity.src_method 
_entity.pdbx_description 
_entity.formula_weight 
_entity.pdbx_number_of_molecules 
_entity.pdbx_ec 
_entity.pdbx_mutation 
_entity.pdbx_fragment 
_entity.details 
1 polymer     man 'Transcriptional activator ToxR' 11649.110 1   ? ? 'periplasmic domain' ? 
2 non-polymer syn 'SULFATE ION'                    96.063    1   ? ? ?                    ? 
3 water       nat water                            18.015    104 ? ? ?                    ? 
# 
_entity_name_com.entity_id   1 
_entity_name_com.name        'Transcriptional regulator,Transmembrane transcription activator' 
# 
_entity_poly.entity_id                      1 
_entity_poly.type                           'polypeptide(L)' 
_entity_poly.nstd_linkage                   no 
_entity_poly.nstd_monomer                   no 
_entity_poly.pdbx_seq_one_letter_code       
;MAHHHHHHTNPSESKFRLLENVNGVEVLTPLNHPPLQAWMPSIRQCVNKYAETHTGDSAPVKVIATGGQGNQLILNYIHT
LPHSNENVTLRIFSEQNDLGSICK
;
_entity_poly.pdbx_seq_one_letter_code_can   
;MAHHHHHHTNPSESKFRLLENVNGVEVLTPLNHPPLQAWMPSIRQCVNKYAETHTGDSAPVKVIATGGQGNQLILNYIHT
LPHSNENVTLRIFSEQNDLGSICK
;
_entity_poly.pdbx_strand_id                 A 
_entity_poly.pdbx_target_identifier         ? 
# 
loop_
_pdbx_entity_nonpoly.entity_id 
_pdbx_entity_nonpoly.name 
_pdbx_entity_nonpoly.comp_id 
2 'SULFATE ION' SO4 
3 water         HOH 
# 
loop_
_entity_poly_seq.entity_id 
_entity_poly_seq.num 
_entity_poly_seq.mon_id 
_entity_poly_seq.hetero 
1 1   MET n 
1 2   ALA n 
1 3   HIS n 
1 4   HIS n 
1 5   HIS n 
1 6   HIS n 
1 7   HIS n 
1 8   HIS n 
1 9   THR n 
1 10  ASN n 
1 11  PRO n 
1 12  SER n 
1 13  GLU n 
1 14  SER n 
1 15  LYS n 
1 16  PHE n 
1 17  ARG n 
1 18  LEU n 
1 19  LEU n 
1 20  GLU n 
1 21  ASN n 
1 22  VAL n 
1 23  ASN n 
1 24  GLY n 
1 25  VAL n 
1 26  GLU n 
1 27  VAL n 
1 28  LEU n 
1 29  THR n 
1 30  PRO n 
1 31  LEU n 
1 32  ASN n 
1 33  HIS n 
1 34  PRO n 
1 35  PRO n 
1 36  LEU n 
1 37  GLN n 
1 38  ALA n 
1 39  TRP n 
1 40  MET n 
1 41  PRO n 
1 42  SER n 
1 43  ILE n 
1 44  ARG n 
1 45  GLN n 
1 46  CYS n 
1 47  VAL n 
1 48  ASN n 
1 49  LYS n 
1 50  TYR n 
1 51  ALA n 
1 52  GLU n 
1 53  THR n 
1 54  HIS n 
1 55  THR n 
1 56  GLY n 
1 57  ASP n 
1 58  SER n 
1 59  ALA n 
1 60  PRO n 
1 61  VAL n 
1 62  LYS n 
1 63  VAL n 
1 64  ILE n 
1 65  ALA n 
1 66  THR n 
1 67  GLY n 
1 68  GLY n 
1 69  GLN n 
1 70  GLY n 
1 71  ASN n 
1 72  GLN n 
1 73  LEU n 
1 74  ILE n 
1 75  LEU n 
1 76  ASN n 
1 77  TYR n 
1 78  ILE n 
1 79  HIS n 
1 80  THR n 
1 81  LEU n 
1 82  PRO n 
1 83  HIS n 
1 84  SER n 
1 85  ASN n 
1 86  GLU n 
1 87  ASN n 
1 88  VAL n 
1 89  THR n 
1 90  LEU n 
1 91  ARG n 
1 92  ILE n 
1 93  PHE n 
1 94  SER n 
1 95  GLU n 
1 96  GLN n 
1 97  ASN n 
1 98  ASP n 
1 99  LEU n 
1 100 GLY n 
1 101 SER n 
1 102 ILE n 
1 103 CYS n 
1 104 LYS n 
# 
_entity_src_gen.entity_id                          1 
_entity_src_gen.pdbx_src_id                        1 
_entity_src_gen.pdbx_alt_source_flag               sample 
_entity_src_gen.pdbx_seq_type                      'Biological sequence' 
_entity_src_gen.pdbx_beg_seq_num                   1 
_entity_src_gen.pdbx_end_seq_num                   104 
_entity_src_gen.gene_src_common_name               ? 
_entity_src_gen.gene_src_genus                     ? 
_entity_src_gen.pdbx_gene_src_gene                 'toxR, CRN46_04050, D8T65_08455, FORC36_0761' 
_entity_src_gen.gene_src_species                   ? 
_entity_src_gen.gene_src_strain                    ? 
_entity_src_gen.gene_src_tissue                    ? 
_entity_src_gen.gene_src_tissue_fraction           ? 
_entity_src_gen.gene_src_details                   ? 
_entity_src_gen.pdbx_gene_src_fragment             ? 
_entity_src_gen.pdbx_gene_src_scientific_name      'Vibrio vulnificus' 
_entity_src_gen.pdbx_gene_src_ncbi_taxonomy_id     672 
_entity_src_gen.pdbx_gene_src_variant              ? 
_entity_src_gen.pdbx_gene_src_cell_line            ? 
_entity_src_gen.pdbx_gene_src_atcc                 ? 
_entity_src_gen.pdbx_gene_src_organ                ? 
_entity_src_gen.pdbx_gene_src_organelle            ? 
_entity_src_gen.pdbx_gene_src_cell                 ? 
_entity_src_gen.pdbx_gene_src_cellular_location    ? 
_entity_src_gen.host_org_common_name               ? 
_entity_src_gen.pdbx_host_org_scientific_name      'Escherichia coli' 
_entity_src_gen.pdbx_host_org_ncbi_taxonomy_id     562 
_entity_src_gen.host_org_genus                     ? 
_entity_src_gen.pdbx_host_org_gene                 ? 
_entity_src_gen.pdbx_host_org_organ                ? 
_entity_src_gen.host_org_species                   ? 
_entity_src_gen.pdbx_host_org_tissue               ? 
_entity_src_gen.pdbx_host_org_tissue_fraction      ? 
_entity_src_gen.pdbx_host_org_strain               'SHuffle T7 Express' 
_entity_src_gen.pdbx_host_org_variant              ? 
_entity_src_gen.pdbx_host_org_cell_line            ? 
_entity_src_gen.pdbx_host_org_atcc                 ? 
_entity_src_gen.pdbx_host_org_culture_collection   ? 
_entity_src_gen.pdbx_host_org_cell                 ? 
_entity_src_gen.pdbx_host_org_organelle            ? 
_entity_src_gen.pdbx_host_org_cellular_location    ? 
_entity_src_gen.pdbx_host_org_vector_type          ? 
_entity_src_gen.pdbx_host_org_vector               ? 
_entity_src_gen.host_org_details                   ? 
_entity_src_gen.expression_system_id               ? 
_entity_src_gen.plasmid_name                       pET-VvToxRp 
_entity_src_gen.plasmid_details                    ? 
_entity_src_gen.pdbx_description                   ? 
# 
loop_
_chem_comp.id 
_chem_comp.type 
_chem_comp.mon_nstd_flag 
_chem_comp.name 
_chem_comp.pdbx_synonyms 
_chem_comp.formula 
_chem_comp.formula_weight 
ALA 'L-peptide linking' y ALANINE         ? 'C3 H7 N O2'     89.093  
ARG 'L-peptide linking' y ARGININE        ? 'C6 H15 N4 O2 1' 175.209 
ASN 'L-peptide linking' y ASPARAGINE      ? 'C4 H8 N2 O3'    132.118 
ASP 'L-peptide linking' y 'ASPARTIC ACID' ? 'C4 H7 N O4'     133.103 
CYS 'L-peptide linking' y CYSTEINE        ? 'C3 H7 N O2 S'   121.158 
GLN 'L-peptide linking' y GLUTAMINE       ? 'C5 H10 N2 O3'   146.144 
GLU 'L-peptide linking' y 'GLUTAMIC ACID' ? 'C5 H9 N O4'     147.129 
GLY 'peptide linking'   y GLYCINE         ? 'C2 H5 N O2'     75.067  
HIS 'L-peptide linking' y HISTIDINE       ? 'C6 H10 N3 O2 1' 156.162 
HOH non-polymer         . WATER           ? 'H2 O'           18.015  
ILE 'L-peptide linking' y ISOLEUCINE      ? 'C6 H13 N O2'    131.173 
LEU 'L-peptide linking' y LEUCINE         ? 'C6 H13 N O2'    131.173 
LYS 'L-peptide linking' y LYSINE          ? 'C6 H15 N2 O2 1' 147.195 
MET 'L-peptide linking' y METHIONINE      ? 'C5 H11 N O2 S'  149.211 
PHE 'L-peptide linking' y PHENYLALANINE   ? 'C9 H11 N O2'    165.189 
PRO 'L-peptide linking' y PROLINE         ? 'C5 H9 N O2'     115.130 
SER 'L-peptide linking' y SERINE          ? 'C3 H7 N O3'     105.093 
SO4 non-polymer         . 'SULFATE ION'   ? 'O4 S -2'        96.063  
THR 'L-peptide linking' y THREONINE       ? 'C4 H9 N O3'     119.119 
TRP 'L-peptide linking' y TRYPTOPHAN      ? 'C11 H12 N2 O2'  204.225 
TYR 'L-peptide linking' y TYROSINE        ? 'C9 H11 N O3'    181.189 
VAL 'L-peptide linking' y VALINE          ? 'C5 H11 N O2'    117.146 
# 
loop_
_pdbx_poly_seq_scheme.asym_id 
_pdbx_poly_seq_scheme.entity_id 
_pdbx_poly_seq_scheme.seq_id 
_pdbx_poly_seq_scheme.mon_id 
_pdbx_poly_seq_scheme.ndb_seq_num 
_pdbx_poly_seq_scheme.pdb_seq_num 
_pdbx_poly_seq_scheme.auth_seq_num 
_pdbx_poly_seq_scheme.pdb_mon_id 
_pdbx_poly_seq_scheme.auth_mon_id 
_pdbx_poly_seq_scheme.pdb_strand_id 
_pdbx_poly_seq_scheme.pdb_ins_code 
_pdbx_poly_seq_scheme.hetero 
A 1 1   MET 1   187 ?   ?   ?   A . n 
A 1 2   ALA 2   188 ?   ?   ?   A . n 
A 1 3   HIS 3   189 ?   ?   ?   A . n 
A 1 4   HIS 4   190 ?   ?   ?   A . n 
A 1 5   HIS 5   191 ?   ?   ?   A . n 
A 1 6   HIS 6   192 ?   ?   ?   A . n 
A 1 7   HIS 7   193 ?   ?   ?   A . n 
A 1 8   HIS 8   194 ?   ?   ?   A . n 
A 1 9   THR 9   195 ?   ?   ?   A . n 
A 1 10  ASN 10  196 ?   ?   ?   A . n 
A 1 11  PRO 11  197 ?   ?   ?   A . n 
A 1 12  SER 12  198 ?   ?   ?   A . n 
A 1 13  GLU 13  199 ?   ?   ?   A . n 
A 1 14  SER 14  200 14  SER SER A . n 
A 1 15  LYS 15  201 15  LYS LYS A . n 
A 1 16  PHE 16  202 16  PHE PHE A . n 
A 1 17  ARG 17  203 17  ARG ARG A . n 
A 1 18  LEU 18  204 18  LEU LEU A . n 
A 1 19  LEU 19  205 19  LEU LEU A . n 
A 1 20  GLU 20  206 20  GLU GLU A . n 
A 1 21  ASN 21  207 21  ASN ASN A . n 
A 1 22  VAL 22  208 22  VAL VAL A . n 
A 1 23  ASN 23  209 23  ASN ASN A . n 
A 1 24  GLY 24  210 24  GLY GLY A . n 
A 1 25  VAL 25  211 25  VAL VAL A . n 
A 1 26  GLU 26  212 26  GLU GLU A . n 
A 1 27  VAL 27  213 27  VAL VAL A . n 
A 1 28  LEU 28  214 28  LEU LEU A . n 
A 1 29  THR 29  215 29  THR THR A . n 
A 1 30  PRO 30  216 30  PRO PRO A . n 
A 1 31  LEU 31  217 31  LEU LEU A . n 
A 1 32  ASN 32  218 32  ASN ASN A . n 
A 1 33  HIS 33  219 33  HIS HIS A . n 
A 1 34  PRO 34  220 34  PRO PRO A . n 
A 1 35  PRO 35  221 35  PRO PRO A . n 
A 1 36  LEU 36  222 36  LEU LEU A . n 
A 1 37  GLN 37  223 37  GLN GLN A . n 
A 1 38  ALA 38  224 38  ALA ALA A . n 
A 1 39  TRP 39  225 39  TRP TRP A . n 
A 1 40  MET 40  226 40  MET MET A . n 
A 1 41  PRO 41  227 41  PRO PRO A . n 
A 1 42  SER 42  228 42  SER SER A . n 
A 1 43  ILE 43  229 43  ILE ILE A . n 
A 1 44  ARG 44  230 44  ARG ARG A . n 
A 1 45  GLN 45  231 45  GLN GLN A . n 
A 1 46  CYS 46  232 46  CYS CYS A . n 
A 1 47  VAL 47  233 47  VAL VAL A . n 
A 1 48  ASN 48  234 48  ASN ASN A . n 
A 1 49  LYS 49  235 49  LYS LYS A . n 
A 1 50  TYR 50  236 50  TYR TYR A . n 
A 1 51  ALA 51  237 51  ALA ALA A . n 
A 1 52  GLU 52  238 52  GLU GLU A . n 
A 1 53  THR 53  239 53  THR THR A . n 
A 1 54  HIS 54  240 54  HIS HIS A . n 
A 1 55  THR 55  241 55  THR THR A . n 
A 1 56  GLY 56  242 56  GLY GLY A . n 
A 1 57  ASP 57  243 57  ASP ASP A . n 
A 1 58  SER 58  244 58  SER SER A . n 
A 1 59  ALA 59  245 59  ALA ALA A . n 
A 1 60  PRO 60  246 60  PRO PRO A . n 
A 1 61  VAL 61  247 61  VAL VAL A . n 
A 1 62  LYS 62  248 62  LYS LYS A . n 
A 1 63  VAL 63  249 63  VAL VAL A . n 
A 1 64  ILE 64  250 64  ILE ILE A . n 
A 1 65  ALA 65  251 65  ALA ALA A . n 
A 1 66  THR 66  252 66  THR THR A . n 
A 1 67  GLY 67  253 67  GLY GLY A . n 
A 1 68  GLY 68  254 68  GLY GLY A . n 
A 1 69  GLN 69  255 69  GLN GLN A . n 
A 1 70  GLY 70  256 70  GLY GLY A . n 
A 1 71  ASN 71  257 71  ASN ASN A . n 
A 1 72  GLN 72  258 72  GLN GLN A . n 
A 1 73  LEU 73  259 73  LEU LEU A . n 
A 1 74  ILE 74  260 74  ILE ILE A . n 
A 1 75  LEU 75  261 75  LEU LEU A . n 
A 1 76  ASN 76  262 76  ASN ASN A . n 
A 1 77  TYR 77  263 77  TYR TYR A . n 
A 1 78  ILE 78  264 78  ILE ILE A . n 
A 1 79  HIS 79  265 79  HIS HIS A . n 
A 1 80  THR 80  266 80  THR THR A . n 
A 1 81  LEU 81  267 81  LEU LEU A . n 
A 1 82  PRO 82  268 82  PRO PRO A . n 
A 1 83  HIS 83  269 83  HIS HIS A . n 
A 1 84  SER 84  270 84  SER SER A . n 
A 1 85  ASN 85  271 85  ASN ASN A . n 
A 1 86  GLU 86  272 86  GLU GLU A . n 
A 1 87  ASN 87  273 87  ASN ASN A . n 
A 1 88  VAL 88  274 88  VAL VAL A . n 
A 1 89  THR 89  275 89  THR THR A . n 
A 1 90  LEU 90  276 90  LEU LEU A . n 
A 1 91  ARG 91  277 91  ARG ARG A . n 
A 1 92  ILE 92  278 92  ILE ILE A . n 
A 1 93  PHE 93  279 93  PHE PHE A . n 
A 1 94  SER 94  280 94  SER SER A . n 
A 1 95  GLU 95  281 95  GLU GLU A . n 
A 1 96  GLN 96  282 96  GLN GLN A . n 
A 1 97  ASN 97  283 97  ASN ASN A . n 
A 1 98  ASP 98  284 98  ASP ASP A . n 
A 1 99  LEU 99  285 99  LEU LEU A . n 
A 1 100 GLY 100 286 100 GLY GLY A . n 
A 1 101 SER 101 287 101 SER SER A . n 
A 1 102 ILE 102 288 102 ILE ILE A . n 
A 1 103 CYS 103 289 103 CYS CYS A . n 
A 1 104 LYS 104 290 104 LYS LYS A . n 
# 
loop_
_pdbx_nonpoly_scheme.asym_id 
_pdbx_nonpoly_scheme.entity_id 
_pdbx_nonpoly_scheme.mon_id 
_pdbx_nonpoly_scheme.ndb_seq_num 
_pdbx_nonpoly_scheme.pdb_seq_num 
_pdbx_nonpoly_scheme.auth_seq_num 
_pdbx_nonpoly_scheme.pdb_mon_id 
_pdbx_nonpoly_scheme.auth_mon_id 
_pdbx_nonpoly_scheme.pdb_strand_id 
_pdbx_nonpoly_scheme.pdb_ins_code 
B 2 SO4 1   301 1   SO4 SO4 A . 
C 3 HOH 1   401 100 HOH HOH A . 
C 3 HOH 2   402 81  HOH HOH A . 
C 3 HOH 3   403 59  HOH HOH A . 
C 3 HOH 4   404 31  HOH HOH A . 
C 3 HOH 5   405 72  HOH HOH A . 
C 3 HOH 6   406 64  HOH HOH A . 
C 3 HOH 7   407 26  HOH HOH A . 
C 3 HOH 8   408 84  HOH HOH A . 
C 3 HOH 9   409 38  HOH HOH A . 
C 3 HOH 10  410 75  HOH HOH A . 
C 3 HOH 11  411 95  HOH HOH A . 
C 3 HOH 12  412 27  HOH HOH A . 
C 3 HOH 13  413 16  HOH HOH A . 
C 3 HOH 14  414 86  HOH HOH A . 
C 3 HOH 15  415 44  HOH HOH A . 
C 3 HOH 16  416 18  HOH HOH A . 
C 3 HOH 17  417 94  HOH HOH A . 
C 3 HOH 18  418 65  HOH HOH A . 
C 3 HOH 19  419 47  HOH HOH A . 
C 3 HOH 20  420 34  HOH HOH A . 
C 3 HOH 21  421 19  HOH HOH A . 
C 3 HOH 22  422 20  HOH HOH A . 
C 3 HOH 23  423 7   HOH HOH A . 
C 3 HOH 24  424 79  HOH HOH A . 
C 3 HOH 25  425 5   HOH HOH A . 
C 3 HOH 26  426 58  HOH HOH A . 
C 3 HOH 27  427 49  HOH HOH A . 
C 3 HOH 28  428 35  HOH HOH A . 
C 3 HOH 29  429 23  HOH HOH A . 
C 3 HOH 30  430 40  HOH HOH A . 
C 3 HOH 31  431 3   HOH HOH A . 
C 3 HOH 32  432 8   HOH HOH A . 
C 3 HOH 33  433 63  HOH HOH A . 
C 3 HOH 34  434 43  HOH HOH A . 
C 3 HOH 35  435 77  HOH HOH A . 
C 3 HOH 36  436 73  HOH HOH A . 
C 3 HOH 37  437 15  HOH HOH A . 
C 3 HOH 38  438 9   HOH HOH A . 
C 3 HOH 39  439 48  HOH HOH A . 
C 3 HOH 40  440 87  HOH HOH A . 
C 3 HOH 41  441 54  HOH HOH A . 
C 3 HOH 42  442 55  HOH HOH A . 
C 3 HOH 43  443 78  HOH HOH A . 
C 3 HOH 44  444 2   HOH HOH A . 
C 3 HOH 45  445 96  HOH HOH A . 
C 3 HOH 46  446 89  HOH HOH A . 
C 3 HOH 47  447 60  HOH HOH A . 
C 3 HOH 48  448 67  HOH HOH A . 
C 3 HOH 49  449 41  HOH HOH A . 
C 3 HOH 50  450 4   HOH HOH A . 
C 3 HOH 51  451 28  HOH HOH A . 
C 3 HOH 52  452 88  HOH HOH A . 
C 3 HOH 53  453 11  HOH HOH A . 
C 3 HOH 54  454 6   HOH HOH A . 
C 3 HOH 55  455 92  HOH HOH A . 
C 3 HOH 56  456 61  HOH HOH A . 
C 3 HOH 57  457 103 HOH HOH A . 
C 3 HOH 58  458 36  HOH HOH A . 
C 3 HOH 59  459 13  HOH HOH A . 
C 3 HOH 60  460 53  HOH HOH A . 
C 3 HOH 61  461 10  HOH HOH A . 
C 3 HOH 62  462 50  HOH HOH A . 
C 3 HOH 63  463 12  HOH HOH A . 
C 3 HOH 64  464 37  HOH HOH A . 
C 3 HOH 65  465 90  HOH HOH A . 
C 3 HOH 66  466 32  HOH HOH A . 
C 3 HOH 67  467 22  HOH HOH A . 
C 3 HOH 68  468 101 HOH HOH A . 
C 3 HOH 69  469 51  HOH HOH A . 
C 3 HOH 70  470 46  HOH HOH A . 
C 3 HOH 71  471 33  HOH HOH A . 
C 3 HOH 72  472 39  HOH HOH A . 
C 3 HOH 73  473 52  HOH HOH A . 
C 3 HOH 74  474 82  HOH HOH A . 
C 3 HOH 75  475 1   HOH HOH A . 
C 3 HOH 76  476 30  HOH HOH A . 
C 3 HOH 77  477 83  HOH HOH A . 
C 3 HOH 78  478 76  HOH HOH A . 
C 3 HOH 79  479 56  HOH HOH A . 
C 3 HOH 80  480 57  HOH HOH A . 
C 3 HOH 81  481 91  HOH HOH A . 
C 3 HOH 82  482 102 HOH HOH A . 
C 3 HOH 83  483 80  HOH HOH A . 
C 3 HOH 84  484 93  HOH HOH A . 
C 3 HOH 85  485 68  HOH HOH A . 
C 3 HOH 86  486 98  HOH HOH A . 
C 3 HOH 87  487 24  HOH HOH A . 
C 3 HOH 88  488 14  HOH HOH A . 
C 3 HOH 89  489 97  HOH HOH A . 
C 3 HOH 90  490 105 HOH HOH A . 
C 3 HOH 91  491 85  HOH HOH A . 
C 3 HOH 92  492 62  HOH HOH A . 
C 3 HOH 93  493 25  HOH HOH A . 
C 3 HOH 94  494 17  HOH HOH A . 
C 3 HOH 95  495 21  HOH HOH A . 
C 3 HOH 96  496 71  HOH HOH A . 
C 3 HOH 97  497 70  HOH HOH A . 
C 3 HOH 98  498 29  HOH HOH A . 
C 3 HOH 99  499 69  HOH HOH A . 
C 3 HOH 100 500 45  HOH HOH A . 
C 3 HOH 101 501 104 HOH HOH A . 
C 3 HOH 102 502 74  HOH HOH A . 
C 3 HOH 103 503 99  HOH HOH A . 
C 3 HOH 104 504 66  HOH HOH A . 
# 
loop_
_software.citation_id 
_software.classification 
_software.compiler_name 
_software.compiler_version 
_software.contact_author 
_software.contact_author_email 
_software.date 
_software.description 
_software.dependencies 
_software.hardware 
_software.language 
_software.location 
_software.mods 
_software.name 
_software.os 
_software.os_version 
_software.type 
_software.version 
_software.pdbx_ordinal 
? refinement        ? ? ? ? ? ? ? ? ? ? ? PHENIX      ? ? ? 1.15_3459 1 
? 'data extraction' ? ? ? ? ? ? ? ? ? ? ? PDB_EXTRACT ? ? ? 3.25      2 
? 'data reduction'  ? ? ? ? ? ? ? ? ? ? ? XDS         ? ? ? .         3 
? 'data scaling'    ? ? ? ? ? ? ? ? ? ? ? XSCALE      ? ? ? .         4 
? phasing           ? ? ? ? ? ? ? ? ? ? ? PHASER      ? ? ? .         5 
# 
_cell.angle_alpha                  90.000 
_cell.angle_alpha_esd              ? 
_cell.angle_beta                   90.000 
_cell.angle_beta_esd               ? 
_cell.angle_gamma                  90.000 
_cell.angle_gamma_esd              ? 
_cell.entry_id                     6UTC 
_cell.details                      ? 
_cell.formula_units_Z              ? 
_cell.length_a                     39.970 
_cell.length_a_esd                 ? 
_cell.length_b                     40.440 
_cell.length_b_esd                 ? 
_cell.length_c                     50.280 
_cell.length_c_esd                 ? 
_cell.volume                       ? 
_cell.volume_esd                   ? 
_cell.Z_PDB                        4 
_cell.reciprocal_angle_alpha       ? 
_cell.reciprocal_angle_beta        ? 
_cell.reciprocal_angle_gamma       ? 
_cell.reciprocal_angle_alpha_esd   ? 
_cell.reciprocal_angle_beta_esd    ? 
_cell.reciprocal_angle_gamma_esd   ? 
_cell.reciprocal_length_a          ? 
_cell.reciprocal_length_b          ? 
_cell.reciprocal_length_c          ? 
_cell.reciprocal_length_a_esd      ? 
_cell.reciprocal_length_b_esd      ? 
_cell.reciprocal_length_c_esd      ? 
_cell.pdbx_unique_axis             ? 
# 
_symmetry.entry_id                         6UTC 
_symmetry.cell_setting                     ? 
_symmetry.Int_Tables_number                19 
_symmetry.space_group_name_Hall            ? 
_symmetry.space_group_name_H-M             'P 21 21 21' 
_symmetry.pdbx_full_space_group_name_H-M   ? 
# 
_exptl.absorpt_coefficient_mu     ? 
_exptl.absorpt_correction_T_max   ? 
_exptl.absorpt_correction_T_min   ? 
_exptl.absorpt_correction_type    ? 
_exptl.absorpt_process_details    ? 
_exptl.entry_id                   6UTC 
_exptl.crystals_number            1 
_exptl.details                    ? 
_exptl.method                     'X-RAY DIFFRACTION' 
_exptl.method_details             ? 
# 
_exptl_crystal.colour                      ? 
_exptl_crystal.density_diffrn              ? 
_exptl_crystal.density_Matthews            1.74 
_exptl_crystal.density_method              ? 
_exptl_crystal.density_percent_sol         29.48 
_exptl_crystal.description                 ? 
_exptl_crystal.F_000                       ? 
_exptl_crystal.id                          1 
_exptl_crystal.preparation                 ? 
_exptl_crystal.size_max                    ? 
_exptl_crystal.size_mid                    ? 
_exptl_crystal.size_min                    ? 
_exptl_crystal.size_rad                    ? 
_exptl_crystal.colour_lustre               ? 
_exptl_crystal.colour_modifier             ? 
_exptl_crystal.colour_primary              ? 
_exptl_crystal.density_meas                ? 
_exptl_crystal.density_meas_esd            ? 
_exptl_crystal.density_meas_gt             ? 
_exptl_crystal.density_meas_lt             ? 
_exptl_crystal.density_meas_temp           ? 
_exptl_crystal.density_meas_temp_esd       ? 
_exptl_crystal.density_meas_temp_gt        ? 
_exptl_crystal.density_meas_temp_lt        ? 
_exptl_crystal.pdbx_crystal_image_url      ? 
_exptl_crystal.pdbx_crystal_image_format   ? 
_exptl_crystal.pdbx_mosaicity              ? 
_exptl_crystal.pdbx_mosaicity_esd          ? 
# 
_exptl_crystal_grow.apparatus       ? 
_exptl_crystal_grow.atmosphere      ? 
_exptl_crystal_grow.crystal_id      1 
_exptl_crystal_grow.details         ? 
_exptl_crystal_grow.method          'VAPOR DIFFUSION, SITTING DROP' 
_exptl_crystal_grow.method_ref      ? 
_exptl_crystal_grow.pH              6.3 
_exptl_crystal_grow.pressure        ? 
_exptl_crystal_grow.pressure_esd    ? 
_exptl_crystal_grow.seeding         ? 
_exptl_crystal_grow.seeding_ref     ? 
_exptl_crystal_grow.temp            298 
_exptl_crystal_grow.temp_details    'Room Temperature' 
_exptl_crystal_grow.temp_esd        ? 
_exptl_crystal_grow.time            ? 
_exptl_crystal_grow.pdbx_details    '4 mg/ml VvToxRp, 2.0 M Ammonium Sulfate, 0.1 M Na Cacodylate pH 6.3' 
_exptl_crystal_grow.pdbx_pH_range   ? 
# 
_diffrn.ambient_environment              ? 
_diffrn.ambient_temp                     100 
_diffrn.ambient_temp_details             ? 
_diffrn.ambient_temp_esd                 ? 
_diffrn.crystal_id                       1 
_diffrn.crystal_support                  ? 
_diffrn.crystal_treatment                ? 
_diffrn.details                          ? 
_diffrn.id                               1 
_diffrn.ambient_pressure                 ? 
_diffrn.ambient_pressure_esd             ? 
_diffrn.ambient_pressure_gt              ? 
_diffrn.ambient_pressure_lt              ? 
_diffrn.ambient_temp_gt                  ? 
_diffrn.ambient_temp_lt                  ? 
_diffrn.pdbx_serial_crystal_experiment   N 
# 
_diffrn_detector.details                      ? 
_diffrn_detector.detector                     PIXEL 
_diffrn_detector.diffrn_id                    1 
_diffrn_detector.type                         'DECTRIS EIGER X 16M' 
_diffrn_detector.area_resol_mean              ? 
_diffrn_detector.dtime                        ? 
_diffrn_detector.pdbx_frames_total            ? 
_diffrn_detector.pdbx_collection_time_total   ? 
_diffrn_detector.pdbx_collection_date         2019-03-02 
_diffrn_detector.pdbx_frequency               ? 
# 
_diffrn_radiation.collimation                      ? 
_diffrn_radiation.diffrn_id                        1 
_diffrn_radiation.filter_edge                      ? 
_diffrn_radiation.inhomogeneity                    ? 
_diffrn_radiation.monochromator                    ? 
_diffrn_radiation.polarisn_norm                    ? 
_diffrn_radiation.polarisn_ratio                   ? 
_diffrn_radiation.probe                            ? 
_diffrn_radiation.type                             ? 
_diffrn_radiation.xray_symbol                      ? 
_diffrn_radiation.wavelength_id                    1 
_diffrn_radiation.pdbx_monochromatic_or_laue_m_l   M 
_diffrn_radiation.pdbx_wavelength_list             ? 
_diffrn_radiation.pdbx_wavelength                  ? 
_diffrn_radiation.pdbx_diffrn_protocol             'SINGLE WAVELENGTH' 
_diffrn_radiation.pdbx_analyzer                    ? 
_diffrn_radiation.pdbx_scattering_type             x-ray 
# 
_diffrn_radiation_wavelength.id           1 
_diffrn_radiation_wavelength.wavelength   0.97933 
_diffrn_radiation_wavelength.wt           1.0 
# 
_diffrn_source.current                     ? 
_diffrn_source.details                     ? 
_diffrn_source.diffrn_id                   1 
_diffrn_source.power                       ? 
_diffrn_source.size                        ? 
_diffrn_source.source                      SYNCHROTRON 
_diffrn_source.target                      ? 
_diffrn_source.type                        'NSLS-II BEAMLINE 17-ID-2' 
_diffrn_source.voltage                     ? 
_diffrn_source.take-off_angle              ? 
_diffrn_source.pdbx_wavelength_list        0.97933 
_diffrn_source.pdbx_wavelength             ? 
_diffrn_source.pdbx_synchrotron_beamline   17-ID-2 
_diffrn_source.pdbx_synchrotron_site       NSLS-II 
# 
_reflns.B_iso_Wilson_estimate            ? 
_reflns.entry_id                         6UTC 
_reflns.data_reduction_details           ? 
_reflns.data_reduction_method            ? 
_reflns.d_resolution_high                1.249 
_reflns.d_resolution_low                 28.43 
_reflns.details                          ? 
_reflns.limit_h_max                      ? 
_reflns.limit_h_min                      ? 
_reflns.limit_k_max                      ? 
_reflns.limit_k_min                      ? 
_reflns.limit_l_max                      ? 
_reflns.limit_l_min                      ? 
_reflns.number_all                       ? 
_reflns.number_obs                       20411 
_reflns.observed_criterion               ? 
_reflns.observed_criterion_F_max         ? 
_reflns.observed_criterion_F_min         ? 
_reflns.observed_criterion_I_max         ? 
_reflns.observed_criterion_I_min         ? 
_reflns.observed_criterion_sigma_F       ? 
_reflns.observed_criterion_sigma_I       ? 
_reflns.percent_possible_obs             87.8 
_reflns.R_free_details                   ? 
_reflns.Rmerge_F_all                     ? 
_reflns.Rmerge_F_obs                     ? 
_reflns.Friedel_coverage                 ? 
_reflns.number_gt                        ? 
_reflns.threshold_expression             ? 
_reflns.pdbx_redundancy                  11.2 
_reflns.pdbx_Rmerge_I_obs                ? 
_reflns.pdbx_Rmerge_I_all                ? 
_reflns.pdbx_Rsym_value                  ? 
_reflns.pdbx_netI_over_av_sigmaI         ? 
_reflns.pdbx_netI_over_sigmaI            23.84 
_reflns.pdbx_res_netI_over_av_sigmaI_2   ? 
_reflns.pdbx_res_netI_over_sigmaI_2      ? 
_reflns.pdbx_chi_squared                 ? 
_reflns.pdbx_scaling_rejects             ? 
_reflns.pdbx_d_res_high_opt              ? 
_reflns.pdbx_d_res_low_opt               ? 
_reflns.pdbx_d_res_opt_method            ? 
_reflns.phase_calculation_details        ? 
_reflns.pdbx_Rrim_I_all                  ? 
_reflns.pdbx_Rpim_I_all                  ? 
_reflns.pdbx_d_opt                       ? 
_reflns.pdbx_number_measured_all         ? 
_reflns.pdbx_diffrn_id                   1 
_reflns.pdbx_ordinal                     1 
_reflns.pdbx_CC_half                     1 
_reflns.pdbx_CC_star                     ? 
_reflns.pdbx_R_split                     ? 
# 
_reflns_shell.d_res_high                  1.249 
_reflns_shell.d_res_low                   1.294 
_reflns_shell.meanI_over_sigI_all         ? 
_reflns_shell.meanI_over_sigI_obs         1.30 
_reflns_shell.number_measured_all         ? 
_reflns_shell.number_measured_obs         ? 
_reflns_shell.number_possible             ? 
_reflns_shell.number_unique_all           ? 
_reflns_shell.number_unique_obs           1084 
_reflns_shell.percent_possible_all        47.13 
_reflns_shell.percent_possible_obs        ? 
_reflns_shell.Rmerge_F_all                ? 
_reflns_shell.Rmerge_F_obs                ? 
_reflns_shell.Rmerge_I_all                ? 
_reflns_shell.Rmerge_I_obs                0.9187 
_reflns_shell.meanI_over_sigI_gt          ? 
_reflns_shell.meanI_over_uI_all           ? 
_reflns_shell.meanI_over_uI_gt            ? 
_reflns_shell.number_measured_gt          ? 
_reflns_shell.number_unique_gt            ? 
_reflns_shell.percent_possible_gt         ? 
_reflns_shell.Rmerge_F_gt                 ? 
_reflns_shell.Rmerge_I_gt                 ? 
_reflns_shell.pdbx_redundancy             5.3 
_reflns_shell.pdbx_Rsym_value             ? 
_reflns_shell.pdbx_chi_squared            ? 
_reflns_shell.pdbx_netI_over_sigmaI_all   ? 
_reflns_shell.pdbx_netI_over_sigmaI_obs   ? 
_reflns_shell.pdbx_Rrim_I_all             1.018 
_reflns_shell.pdbx_Rpim_I_all             0.4217 
_reflns_shell.pdbx_rejects                ? 
_reflns_shell.pdbx_ordinal                1 
_reflns_shell.pdbx_diffrn_id              1 
_reflns_shell.pdbx_CC_half                0.474 
_reflns_shell.pdbx_CC_star                ? 
_reflns_shell.pdbx_R_split                ? 
# 
_refine.aniso_B[1][1]                            ? 
_refine.aniso_B[1][2]                            ? 
_refine.aniso_B[1][3]                            ? 
_refine.aniso_B[2][2]                            ? 
_refine.aniso_B[2][3]                            ? 
_refine.aniso_B[3][3]                            ? 
_refine.B_iso_max                                76.400 
_refine.B_iso_mean                               23.79 
_refine.B_iso_min                                12.110 
_refine.correlation_coeff_Fo_to_Fc               ? 
_refine.correlation_coeff_Fo_to_Fc_free          ? 
_refine.details                                  ? 
_refine.diff_density_max                         ? 
_refine.diff_density_max_esd                     ? 
_refine.diff_density_min                         ? 
_refine.diff_density_min_esd                     ? 
_refine.diff_density_rms                         ? 
_refine.diff_density_rms_esd                     ? 
_refine.entry_id                                 6UTC 
_refine.pdbx_refine_id                           'X-RAY DIFFRACTION' 
_refine.ls_abs_structure_details                 ? 
_refine.ls_abs_structure_Flack                   ? 
_refine.ls_abs_structure_Flack_esd               ? 
_refine.ls_abs_structure_Rogers                  ? 
_refine.ls_abs_structure_Rogers_esd              ? 
_refine.ls_d_res_high                            1.2490 
_refine.ls_d_res_low                             28.4280 
_refine.ls_extinction_coef                       ? 
_refine.ls_extinction_coef_esd                   ? 
_refine.ls_extinction_expression                 ? 
_refine.ls_extinction_method                     ? 
_refine.ls_goodness_of_fit_all                   ? 
_refine.ls_goodness_of_fit_all_esd               ? 
_refine.ls_goodness_of_fit_obs                   ? 
_refine.ls_goodness_of_fit_obs_esd               ? 
_refine.ls_hydrogen_treatment                    ? 
_refine.ls_matrix_type                           ? 
_refine.ls_number_constraints                    ? 
_refine.ls_number_parameters                     ? 
_refine.ls_number_reflns_all                     ? 
_refine.ls_number_reflns_obs                     20411 
_refine.ls_number_reflns_R_free                  3748 
_refine.ls_number_reflns_R_work                  ? 
_refine.ls_number_restraints                     ? 
_refine.ls_percent_reflns_obs                    87.3200 
_refine.ls_percent_reflns_R_free                 9.8300 
_refine.ls_R_factor_all                          ? 
_refine.ls_R_factor_obs                          0.1944 
_refine.ls_R_factor_R_free                       0.2126 
_refine.ls_R_factor_R_free_error                 ? 
_refine.ls_R_factor_R_free_error_details         ? 
_refine.ls_R_factor_R_work                       0.1925 
_refine.ls_R_Fsqd_factor_obs                     ? 
_refine.ls_R_I_factor_obs                        ? 
_refine.ls_redundancy_reflns_all                 ? 
_refine.ls_redundancy_reflns_obs                 ? 
_refine.ls_restrained_S_all                      ? 
_refine.ls_restrained_S_obs                      ? 
_refine.ls_shift_over_esd_max                    ? 
_refine.ls_shift_over_esd_mean                   ? 
_refine.ls_structure_factor_coef                 ? 
_refine.ls_weighting_details                     ? 
_refine.ls_weighting_scheme                      ? 
_refine.ls_wR_factor_all                         ? 
_refine.ls_wR_factor_obs                         ? 
_refine.ls_wR_factor_R_free                      ? 
_refine.ls_wR_factor_R_work                      ? 
_refine.occupancy_max                            ? 
_refine.occupancy_min                            ? 
_refine.solvent_model_details                    ? 
_refine.solvent_model_param_bsol                 ? 
_refine.solvent_model_param_ksol                 ? 
_refine.pdbx_R_complete                          ? 
_refine.ls_R_factor_gt                           ? 
_refine.ls_goodness_of_fit_gt                    ? 
_refine.ls_goodness_of_fit_ref                   ? 
_refine.ls_shift_over_su_max                     ? 
_refine.ls_shift_over_su_max_lt                  ? 
_refine.ls_shift_over_su_mean                    ? 
_refine.ls_shift_over_su_mean_lt                 ? 
_refine.pdbx_ls_sigma_I                          ? 
_refine.pdbx_ls_sigma_F                          1.360 
_refine.pdbx_ls_sigma_Fsqd                       ? 
_refine.pdbx_data_cutoff_high_absF               ? 
_refine.pdbx_data_cutoff_high_rms_absF           ? 
_refine.pdbx_data_cutoff_low_absF                ? 
_refine.pdbx_isotropic_thermal_model             ? 
_refine.pdbx_ls_cross_valid_method               THROUGHOUT 
_refine.pdbx_method_to_determine_struct          'MOLECULAR REPLACEMENT' 
_refine.pdbx_starting_model                      Se-Met-VvToxRp 
_refine.pdbx_stereochemistry_target_values       ? 
_refine.pdbx_R_Free_selection_details            ? 
_refine.pdbx_stereochem_target_val_spec_case     ? 
_refine.pdbx_overall_ESU_R                       ? 
_refine.pdbx_overall_ESU_R_Free                  ? 
_refine.pdbx_solvent_vdw_probe_radii             1.1100 
_refine.pdbx_solvent_ion_probe_radii             ? 
_refine.pdbx_solvent_shrinkage_radii             0.9000 
_refine.pdbx_real_space_R                        ? 
_refine.pdbx_density_correlation                 ? 
_refine.pdbx_pd_number_of_powder_patterns        ? 
_refine.pdbx_pd_number_of_points                 ? 
_refine.pdbx_pd_meas_number_of_points            ? 
_refine.pdbx_pd_proc_ls_prof_R_factor            ? 
_refine.pdbx_pd_proc_ls_prof_wR_factor           ? 
_refine.pdbx_pd_Marquardt_correlation_coeff      ? 
_refine.pdbx_pd_Fsqrd_R_factor                   ? 
_refine.pdbx_pd_ls_matrix_band_width             ? 
_refine.pdbx_overall_phase_error                 23.8100 
_refine.pdbx_overall_SU_R_free_Cruickshank_DPI   ? 
_refine.pdbx_overall_SU_R_free_Blow_DPI          ? 
_refine.pdbx_overall_SU_R_Blow_DPI               ? 
_refine.pdbx_TLS_residual_ADP_flag               ? 
_refine.pdbx_diffrn_id                           1 
_refine.overall_SU_B                             ? 
_refine.overall_SU_ML                            0.1600 
_refine.overall_SU_R_Cruickshank_DPI             ? 
_refine.overall_SU_R_free                        ? 
_refine.overall_FOM_free_R_set                   ? 
_refine.overall_FOM_work_R_set                   ? 
_refine.pdbx_average_fsc_overall                 ? 
_refine.pdbx_average_fsc_work                    ? 
_refine.pdbx_average_fsc_free                    ? 
# 
_refine_hist.pdbx_refine_id                   'X-RAY DIFFRACTION' 
_refine_hist.cycle_id                         final 
_refine_hist.details                          ? 
_refine_hist.d_res_high                       1.2490 
_refine_hist.d_res_low                        28.4280 
_refine_hist.number_atoms_solvent             104 
_refine_hist.number_atoms_total               817 
_refine_hist.number_reflns_all                ? 
_refine_hist.number_reflns_obs                ? 
_refine_hist.number_reflns_R_free             ? 
_refine_hist.number_reflns_R_work             ? 
_refine_hist.R_factor_all                     ? 
_refine_hist.R_factor_obs                     ? 
_refine_hist.R_factor_R_free                  ? 
_refine_hist.R_factor_R_work                  ? 
_refine_hist.pdbx_number_residues_total       91 
_refine_hist.pdbx_B_iso_mean_ligand           24.27 
_refine_hist.pdbx_B_iso_mean_solvent          32.84 
_refine_hist.pdbx_number_atoms_protein        708 
_refine_hist.pdbx_number_atoms_nucleic_acid   0 
_refine_hist.pdbx_number_atoms_ligand         5 
_refine_hist.pdbx_number_atoms_lipid          ? 
_refine_hist.pdbx_number_atoms_carb           ? 
_refine_hist.pdbx_pseudo_atom_details         ? 
# 
loop_
_refine_ls_shell.pdbx_refine_id 
_refine_ls_shell.d_res_high 
_refine_ls_shell.d_res_low 
_refine_ls_shell.number_reflns_all 
_refine_ls_shell.number_reflns_obs 
_refine_ls_shell.number_reflns_R_free 
_refine_ls_shell.number_reflns_R_work 
_refine_ls_shell.percent_reflns_obs 
_refine_ls_shell.percent_reflns_R_free 
_refine_ls_shell.R_factor_all 
_refine_ls_shell.R_factor_obs 
_refine_ls_shell.R_factor_R_free 
_refine_ls_shell.R_factor_R_free_error 
_refine_ls_shell.R_factor_R_work 
_refine_ls_shell.redundancy_reflns_all 
_refine_ls_shell.redundancy_reflns_obs 
_refine_ls_shell.wR_factor_all 
_refine_ls_shell.wR_factor_obs 
_refine_ls_shell.wR_factor_R_free 
_refine_ls_shell.wR_factor_R_work 
_refine_ls_shell.pdbx_R_complete 
_refine_ls_shell.pdbx_total_number_of_bins_used 
_refine_ls_shell.pdbx_phase_error 
_refine_ls_shell.pdbx_fsc_work 
_refine_ls_shell.pdbx_fsc_free 
'X-RAY DIFFRACTION' 1.2491 1.2649  . . 55  630  42.0000  . . . 0.4520 0.0000 0.4265 . . . . . . . . . . . 
'X-RAY DIFFRACTION' 1.2649 1.2816  . . 85  640  46.0000  . . . 0.3966 0.0000 0.3701 . . . . . . . . . . . 
'X-RAY DIFFRACTION' 1.2816 1.2991  . . 79  768  52.0000  . . . 0.4264 0.0000 0.3414 . . . . . . . . . . . 
'X-RAY DIFFRACTION' 1.2991 1.3177  . . 96  828  58.0000  . . . 0.4197 0.0000 0.3378 . . . . . . . . . . . 
'X-RAY DIFFRACTION' 1.3177 1.3373  . . 91  900  61.0000  . . . 0.3366 0.0000 0.3298 . . . . . . . . . . . 
'X-RAY DIFFRACTION' 1.3373 1.3582  . . 116 992  68.0000  . . . 0.2703 0.0000 0.3348 . . . . . . . . . . . 
'X-RAY DIFFRACTION' 1.3582 1.3805  . . 117 1096 76.0000  . . . 0.2811 0.0000 0.2913 . . . . . . . . . . . 
'X-RAY DIFFRACTION' 1.3805 1.4043  . . 140 1222 84.0000  . . . 0.3394 0.0000 0.2847 . . . . . . . . . . . 
'X-RAY DIFFRACTION' 1.4043 1.4298  . . 153 1374 93.0000  . . . 0.2921 0.0000 0.2592 . . . . . . . . . . . 
'X-RAY DIFFRACTION' 1.4298 1.4573  . . 150 1371 96.0000  . . . 0.2562 0.0000 0.2254 . . . . . . . . . . . 
'X-RAY DIFFRACTION' 1.4573 1.4871  . . 160 1428 97.0000  . . . 0.2891 0.0000 0.2175 . . . . . . . . . . . 
'X-RAY DIFFRACTION' 1.4871 1.5194  . . 147 1415 98.0000  . . . 0.2118 0.0000 0.2061 . . . . . . . . . . . 
'X-RAY DIFFRACTION' 1.5194 1.5548  . . 168 1399 97.0000  . . . 0.2154 0.0000 0.2136 . . . . . . . . . . . 
'X-RAY DIFFRACTION' 1.5548 1.5936  . . 160 1454 100.0000 . . . 0.2469 0.0000 0.2109 . . . . . . . . . . . 
'X-RAY DIFFRACTION' 1.5936 1.6367  . . 155 1418 98.0000  . . . 0.2298 0.0000 0.1965 . . . . . . . . . . . 
'X-RAY DIFFRACTION' 1.6367 1.6849  . . 156 1481 99.0000  . . . 0.2389 0.0000 0.2035 . . . . . . . . . . . 
'X-RAY DIFFRACTION' 1.6849 1.7393  . . 152 1447 100.0000 . . . 0.2069 0.0000 0.1966 . . . . . . . . . . . 
'X-RAY DIFFRACTION' 1.7393 1.8014  . . 158 1436 99.0000  . . . 0.1977 0.0000 0.2062 . . . . . . . . . . . 
'X-RAY DIFFRACTION' 1.8014 1.8735  . . 153 1447 99.0000  . . . 0.2226 0.0000 0.1937 . . . . . . . . . . . 
'X-RAY DIFFRACTION' 1.8735 1.9588  . . 155 1461 99.0000  . . . 0.2224 0.0000 0.1937 . . . . . . . . . . . 
'X-RAY DIFFRACTION' 1.9588 2.0620  . . 154 1436 100.0000 . . . 0.2135 0.0000 0.1968 . . . . . . . . . . . 
'X-RAY DIFFRACTION' 2.0620 2.1912  . . 169 1451 100.0000 . . . 0.1920 0.0000 0.1866 . . . . . . . . . . . 
'X-RAY DIFFRACTION' 2.1912 2.3603  . . 158 1464 100.0000 . . . 0.1850 0.0000 0.1820 . . . . . . . . . . . 
'X-RAY DIFFRACTION' 2.3603 2.5977  . . 149 1451 100.0000 . . . 0.2470 0.0000 0.1908 . . . . . . . . . . . 
'X-RAY DIFFRACTION' 2.5977 2.9732  . . 157 1462 100.0000 . . . 0.2051 0.0000 0.1868 . . . . . . . . . . . 
'X-RAY DIFFRACTION' 2.9732 3.7446  . . 155 1476 100.0000 . . . 0.2106 0.0000 0.1762 . . . . . . . . . . . 
'X-RAY DIFFRACTION' 3.7446 28.4280 . . 160 1451 100.0000 . . . 0.1668 0.0000 0.1625 . . . . . . . . . . . 
# 
_struct.entry_id                     6UTC 
_struct.title                        'Intra-chain disulfide bonded ToxR periplasmic domain from Vibrio vulnificus' 
_struct.pdbx_model_details           ? 
_struct.pdbx_formula_weight          ? 
_struct.pdbx_formula_weight_method   ? 
_struct.pdbx_model_type_details      ? 
_struct.pdbx_CASP_flag               N 
# 
_struct_keywords.entry_id        6UTC 
_struct_keywords.text            'Sensor, Periplasm, ToxR, alpha-beta, DNA BINDING PROTEIN' 
_struct_keywords.pdbx_keywords   'DNA BINDING PROTEIN' 
# 
loop_
_struct_asym.id 
_struct_asym.pdbx_blank_PDB_chainid_flag 
_struct_asym.pdbx_modified 
_struct_asym.entity_id 
_struct_asym.details 
A N N 1 ? 
B N N 2 ? 
C N N 3 ? 
# 
_struct_ref.id                         1 
_struct_ref.db_name                    UNP 
_struct_ref.db_code                    Q9RP86_VIBVL 
_struct_ref.pdbx_db_accession          Q9RP86 
_struct_ref.pdbx_db_isoform            ? 
_struct_ref.entity_id                  1 
_struct_ref.pdbx_seq_one_letter_code   
;TNPSESKFRLLENVNGVEVLTPLNHPPLQAWMPSIRQCVNKYAETHTGDSAPVKVIATGGQGNQLILNYIHTLPHSNENV
TLRIFSEQNDLGSICK
;
_struct_ref.pdbx_align_begin           195 
# 
_struct_ref_seq.align_id                      1 
_struct_ref_seq.ref_id                        1 
_struct_ref_seq.pdbx_PDB_id_code              6UTC 
_struct_ref_seq.pdbx_strand_id                A 
_struct_ref_seq.seq_align_beg                 9 
_struct_ref_seq.pdbx_seq_align_beg_ins_code   ? 
_struct_ref_seq.seq_align_end                 104 
_struct_ref_seq.pdbx_seq_align_end_ins_code   ? 
_struct_ref_seq.pdbx_db_accession             Q9RP86 
_struct_ref_seq.db_align_beg                  195 
_struct_ref_seq.pdbx_db_align_beg_ins_code    ? 
_struct_ref_seq.db_align_end                  290 
_struct_ref_seq.pdbx_db_align_end_ins_code    ? 
_struct_ref_seq.pdbx_auth_seq_align_beg       195 
_struct_ref_seq.pdbx_auth_seq_align_end       290 
# 
loop_
_struct_ref_seq_dif.align_id 
_struct_ref_seq_dif.pdbx_pdb_id_code 
_struct_ref_seq_dif.mon_id 
_struct_ref_seq_dif.pdbx_pdb_strand_id 
_struct_ref_seq_dif.seq_num 
_struct_ref_seq_dif.pdbx_pdb_ins_code 
_struct_ref_seq_dif.pdbx_seq_db_name 
_struct_ref_seq_dif.pdbx_seq_db_accession_code 
_struct_ref_seq_dif.db_mon_id 
_struct_ref_seq_dif.pdbx_seq_db_seq_num 
_struct_ref_seq_dif.details 
_struct_ref_seq_dif.pdbx_auth_seq_num 
_struct_ref_seq_dif.pdbx_ordinal 
1 6UTC MET A 1 ? UNP Q9RP86 ? ? 'initiating methionine' 187 1 
1 6UTC ALA A 2 ? UNP Q9RP86 ? ? 'expression tag'        188 2 
1 6UTC HIS A 3 ? UNP Q9RP86 ? ? 'expression tag'        189 3 
1 6UTC HIS A 4 ? UNP Q9RP86 ? ? 'expression tag'        190 4 
1 6UTC HIS A 5 ? UNP Q9RP86 ? ? 'expression tag'        191 5 
1 6UTC HIS A 6 ? UNP Q9RP86 ? ? 'expression tag'        192 6 
1 6UTC HIS A 7 ? UNP Q9RP86 ? ? 'expression tag'        193 7 
1 6UTC HIS A 8 ? UNP Q9RP86 ? ? 'expression tag'        194 8 
# 
_pdbx_struct_assembly.id                   1 
_pdbx_struct_assembly.details              author_and_software_defined_assembly 
_pdbx_struct_assembly.method_details       PISA 
_pdbx_struct_assembly.oligomeric_details   monomeric 
_pdbx_struct_assembly.oligomeric_count     1 
# 
_pdbx_struct_assembly_gen.assembly_id       1 
_pdbx_struct_assembly_gen.oper_expression   1 
_pdbx_struct_assembly_gen.asym_id_list      A,B,C 
# 
_pdbx_struct_assembly_auth_evidence.id                     1 
_pdbx_struct_assembly_auth_evidence.assembly_id            1 
_pdbx_struct_assembly_auth_evidence.experimental_support   none 
_pdbx_struct_assembly_auth_evidence.details                ? 
# 
_pdbx_struct_oper_list.id                   1 
_pdbx_struct_oper_list.type                 'identity operation' 
_pdbx_struct_oper_list.name                 1_555 
_pdbx_struct_oper_list.symmetry_operation   x,y,z 
_pdbx_struct_oper_list.matrix[1][1]         1.0000000000 
_pdbx_struct_oper_list.matrix[1][2]         0.0000000000 
_pdbx_struct_oper_list.matrix[1][3]         0.0000000000 
_pdbx_struct_oper_list.vector[1]            0.0000000000 
_pdbx_struct_oper_list.matrix[2][1]         0.0000000000 
_pdbx_struct_oper_list.matrix[2][2]         1.0000000000 
_pdbx_struct_oper_list.matrix[2][3]         0.0000000000 
_pdbx_struct_oper_list.vector[2]            0.0000000000 
_pdbx_struct_oper_list.matrix[3][1]         0.0000000000 
_pdbx_struct_oper_list.matrix[3][2]         0.0000000000 
_pdbx_struct_oper_list.matrix[3][3]         1.0000000000 
_pdbx_struct_oper_list.vector[3]            0.0000000000 
# 
loop_
_struct_conf.conf_type_id 
_struct_conf.id 
_struct_conf.pdbx_PDB_helix_id 
_struct_conf.beg_label_comp_id 
_struct_conf.beg_label_asym_id 
_struct_conf.beg_label_seq_id 
_struct_conf.pdbx_beg_PDB_ins_code 
_struct_conf.end_label_comp_id 
_struct_conf.end_label_asym_id 
_struct_conf.end_label_seq_id 
_struct_conf.pdbx_end_PDB_ins_code 
_struct_conf.beg_auth_comp_id 
_struct_conf.beg_auth_asym_id 
_struct_conf.beg_auth_seq_id 
_struct_conf.end_auth_comp_id 
_struct_conf.end_auth_asym_id 
_struct_conf.end_auth_seq_id 
_struct_conf.pdbx_PDB_helix_class 
_struct_conf.details 
_struct_conf.pdbx_PDB_helix_length 
HELX_P HELX_P1 AA1 LEU A 36 ? ALA A 38  ? LEU A 222 ALA A 224 5 ? 3  
HELX_P HELX_P2 AA2 TRP A 39 ? THR A 53  ? TRP A 225 THR A 239 1 ? 15 
HELX_P HELX_P3 AA3 HIS A 54 ? ALA A 59  ? HIS A 240 ALA A 245 5 ? 6  
HELX_P HELX_P4 AA4 THR A 80 ? ASN A 87  ? THR A 266 ASN A 273 5 ? 8  
HELX_P HELX_P5 AA5 ASP A 98 ? CYS A 103 ? ASP A 284 CYS A 289 1 ? 6  
# 
_struct_conf_type.id          HELX_P 
_struct_conf_type.criteria    ? 
_struct_conf_type.reference   ? 
# 
_struct_conn.id                            disulf1 
_struct_conn.conn_type_id                  disulf 
_struct_conn.pdbx_leaving_atom_flag        ? 
_struct_conn.pdbx_PDB_id                   ? 
_struct_conn.ptnr1_label_asym_id           A 
_struct_conn.ptnr1_label_comp_id           CYS 
_struct_conn.ptnr1_label_seq_id            46 
_struct_conn.ptnr1_label_atom_id           SG 
_struct_conn.pdbx_ptnr1_label_alt_id       ? 
_struct_conn.pdbx_ptnr1_PDB_ins_code       ? 
_struct_conn.pdbx_ptnr1_standard_comp_id   ? 
_struct_conn.ptnr1_symmetry                1_555 
_struct_conn.ptnr2_label_asym_id           A 
_struct_conn.ptnr2_label_comp_id           CYS 
_struct_conn.ptnr2_label_seq_id            103 
_struct_conn.ptnr2_label_atom_id           SG 
_struct_conn.pdbx_ptnr2_label_alt_id       ? 
_struct_conn.pdbx_ptnr2_PDB_ins_code       ? 
_struct_conn.ptnr1_auth_asym_id            A 
_struct_conn.ptnr1_auth_comp_id            CYS 
_struct_conn.ptnr1_auth_seq_id             232 
_struct_conn.ptnr2_auth_asym_id            A 
_struct_conn.ptnr2_auth_comp_id            CYS 
_struct_conn.ptnr2_auth_seq_id             289 
_struct_conn.ptnr2_symmetry                1_555 
_struct_conn.pdbx_ptnr3_label_atom_id      ? 
_struct_conn.pdbx_ptnr3_label_seq_id       ? 
_struct_conn.pdbx_ptnr3_label_comp_id      ? 
_struct_conn.pdbx_ptnr3_label_asym_id      ? 
_struct_conn.pdbx_ptnr3_label_alt_id       ? 
_struct_conn.pdbx_ptnr3_PDB_ins_code       ? 
_struct_conn.details                       ? 
_struct_conn.pdbx_dist_value               2.046 
_struct_conn.pdbx_value_order              ? 
_struct_conn.pdbx_role                     ? 
# 
_struct_conn_type.id          disulf 
_struct_conn_type.criteria    ? 
_struct_conn_type.reference   ? 
# 
_pdbx_modification_feature.ordinal                            1 
_pdbx_modification_feature.label_comp_id                      CYS 
_pdbx_modification_feature.label_asym_id                      A 
_pdbx_modification_feature.label_seq_id                       46 
_pdbx_modification_feature.label_alt_id                       ? 
_pdbx_modification_feature.modified_residue_label_comp_id     CYS 
_pdbx_modification_feature.modified_residue_label_asym_id     A 
_pdbx_modification_feature.modified_residue_label_seq_id      103 
_pdbx_modification_feature.modified_residue_label_alt_id      ? 
_pdbx_modification_feature.auth_comp_id                       CYS 
_pdbx_modification_feature.auth_asym_id                       A 
_pdbx_modification_feature.auth_seq_id                        232 
_pdbx_modification_feature.PDB_ins_code                       ? 
_pdbx_modification_feature.symmetry                           1_555 
_pdbx_modification_feature.modified_residue_auth_comp_id      CYS 
_pdbx_modification_feature.modified_residue_auth_asym_id      A 
_pdbx_modification_feature.modified_residue_auth_seq_id       289 
_pdbx_modification_feature.modified_residue_PDB_ins_code      ? 
_pdbx_modification_feature.modified_residue_symmetry          1_555 
_pdbx_modification_feature.comp_id_linking_atom               SG 
_pdbx_modification_feature.modified_residue_id_linking_atom   SG 
_pdbx_modification_feature.modified_residue_id                . 
_pdbx_modification_feature.ref_pcm_id                         . 
_pdbx_modification_feature.ref_comp_id                        . 
_pdbx_modification_feature.type                               None 
_pdbx_modification_feature.category                           'Disulfide bridge' 
# 
_struct_sheet.id               AA1 
_struct_sheet.type             ? 
_struct_sheet.number_strands   5 
_struct_sheet.details          ? 
# 
loop_
_struct_sheet_order.sheet_id 
_struct_sheet_order.range_id_1 
_struct_sheet_order.range_id_2 
_struct_sheet_order.offset 
_struct_sheet_order.sense 
AA1 1 2 ? anti-parallel 
AA1 2 3 ? parallel      
AA1 3 4 ? anti-parallel 
AA1 4 5 ? anti-parallel 
# 
loop_
_struct_sheet_range.sheet_id 
_struct_sheet_range.id 
_struct_sheet_range.beg_label_comp_id 
_struct_sheet_range.beg_label_asym_id 
_struct_sheet_range.beg_label_seq_id 
_struct_sheet_range.pdbx_beg_PDB_ins_code 
_struct_sheet_range.end_label_comp_id 
_struct_sheet_range.end_label_asym_id 
_struct_sheet_range.end_label_seq_id 
_struct_sheet_range.pdbx_end_PDB_ins_code 
_struct_sheet_range.beg_auth_comp_id 
_struct_sheet_range.beg_auth_asym_id 
_struct_sheet_range.beg_auth_seq_id 
_struct_sheet_range.end_auth_comp_id 
_struct_sheet_range.end_auth_asym_id 
_struct_sheet_range.end_auth_seq_id 
AA1 1 PHE A 16 ? VAL A 22 ? PHE A 202 VAL A 208 
AA1 2 VAL A 25 ? PRO A 30 ? VAL A 211 PRO A 216 
AA1 3 LYS A 62 ? GLY A 67 ? LYS A 248 GLY A 253 
AA1 4 GLN A 72 ? ILE A 78 ? GLN A 258 ILE A 264 
AA1 5 VAL A 88 ? PHE A 93 ? VAL A 274 PHE A 279 
# 
loop_
_pdbx_struct_sheet_hbond.sheet_id 
_pdbx_struct_sheet_hbond.range_id_1 
_pdbx_struct_sheet_hbond.range_id_2 
_pdbx_struct_sheet_hbond.range_1_label_atom_id 
_pdbx_struct_sheet_hbond.range_1_label_comp_id 
_pdbx_struct_sheet_hbond.range_1_label_asym_id 
_pdbx_struct_sheet_hbond.range_1_label_seq_id 
_pdbx_struct_sheet_hbond.range_1_PDB_ins_code 
_pdbx_struct_sheet_hbond.range_1_auth_atom_id 
_pdbx_struct_sheet_hbond.range_1_auth_comp_id 
_pdbx_struct_sheet_hbond.range_1_auth_asym_id 
_pdbx_struct_sheet_hbond.range_1_auth_seq_id 
_pdbx_struct_sheet_hbond.range_2_label_atom_id 
_pdbx_struct_sheet_hbond.range_2_label_comp_id 
_pdbx_struct_sheet_hbond.range_2_label_asym_id 
_pdbx_struct_sheet_hbond.range_2_label_seq_id 
_pdbx_struct_sheet_hbond.range_2_PDB_ins_code 
_pdbx_struct_sheet_hbond.range_2_auth_atom_id 
_pdbx_struct_sheet_hbond.range_2_auth_comp_id 
_pdbx_struct_sheet_hbond.range_2_auth_asym_id 
_pdbx_struct_sheet_hbond.range_2_auth_seq_id 
AA1 1 2 N GLU A 20 ? N GLU A 206 O VAL A 27 ? O VAL A 213 
AA1 2 3 N LEU A 28 ? N LEU A 214 O ALA A 65 ? O ALA A 251 
AA1 3 4 N THR A 66 ? N THR A 252 O ILE A 74 ? O ILE A 260 
AA1 4 5 N LEU A 75 ? N LEU A 261 O LEU A 90 ? O LEU A 276 
# 
_struct_site.id                   AC1 
_struct_site.pdbx_evidence_code   Software 
_struct_site.pdbx_auth_asym_id    A 
_struct_site.pdbx_auth_comp_id    SO4 
_struct_site.pdbx_auth_seq_id     301 
_struct_site.pdbx_auth_ins_code   ? 
_struct_site.pdbx_num_residues    10 
_struct_site.details              'binding site for residue SO4 A 301' 
# 
loop_
_struct_site_gen.id 
_struct_site_gen.site_id 
_struct_site_gen.pdbx_num_res 
_struct_site_gen.label_comp_id 
_struct_site_gen.label_asym_id 
_struct_site_gen.label_seq_id 
_struct_site_gen.pdbx_auth_ins_code 
_struct_site_gen.auth_comp_id 
_struct_site_gen.auth_asym_id 
_struct_site_gen.auth_seq_id 
_struct_site_gen.label_atom_id 
_struct_site_gen.label_alt_id 
_struct_site_gen.symmetry 
_struct_site_gen.details 
1  AC1 10 ARG A 17 ? ARG A 203 . ? 1_555 ? 
2  AC1 10 LEU A 19 ? LEU A 205 . ? 1_555 ? 
3  AC1 10 PRO A 35 ? PRO A 221 . ? 1_555 ? 
4  AC1 10 LEU A 36 ? LEU A 222 . ? 1_555 ? 
5  AC1 10 GLN A 37 ? GLN A 223 . ? 1_555 ? 
6  AC1 10 GLN A 45 ? GLN A 231 . ? 4_566 ? 
7  AC1 10 LYS A 49 ? LYS A 235 . ? 4_566 ? 
8  AC1 10 HOH C .  ? HOH A 406 . ? 1_555 ? 
9  AC1 10 HOH C .  ? HOH A 420 . ? 1_555 ? 
10 AC1 10 HOH C .  ? HOH A 437 . ? 1_555 ? 
# 
_pdbx_entry_details.entry_id                   6UTC 
_pdbx_entry_details.has_ligand_of_interest     N 
_pdbx_entry_details.compound_details           ? 
_pdbx_entry_details.source_details             ? 
_pdbx_entry_details.nonpolymer_details         ? 
_pdbx_entry_details.sequence_details           ? 
_pdbx_entry_details.has_protein_modification   Y 
# 
_pdbx_validate_torsion.id              1 
_pdbx_validate_torsion.PDB_model_num   1 
_pdbx_validate_torsion.auth_comp_id    GLU 
_pdbx_validate_torsion.auth_asym_id    A 
_pdbx_validate_torsion.auth_seq_id     206 
_pdbx_validate_torsion.PDB_ins_code    ? 
_pdbx_validate_torsion.label_alt_id    ? 
_pdbx_validate_torsion.phi             -173.66 
_pdbx_validate_torsion.psi             145.07 
# 
loop_
_pdbx_unobs_or_zero_occ_residues.id 
_pdbx_unobs_or_zero_occ_residues.PDB_model_num 
_pdbx_unobs_or_zero_occ_residues.polymer_flag 
_pdbx_unobs_or_zero_occ_residues.occupancy_flag 
_pdbx_unobs_or_zero_occ_residues.auth_asym_id 
_pdbx_unobs_or_zero_occ_residues.auth_comp_id 
_pdbx_unobs_or_zero_occ_residues.auth_seq_id 
_pdbx_unobs_or_zero_occ_residues.PDB_ins_code 
_pdbx_unobs_or_zero_occ_residues.label_asym_id 
_pdbx_unobs_or_zero_occ_residues.label_comp_id 
_pdbx_unobs_or_zero_occ_residues.label_seq_id 
1  1 Y 1 A MET 187 ? A MET 1  
2  1 Y 1 A ALA 188 ? A ALA 2  
3  1 Y 1 A HIS 189 ? A HIS 3  
4  1 Y 1 A HIS 190 ? A HIS 4  
5  1 Y 1 A HIS 191 ? A HIS 5  
6  1 Y 1 A HIS 192 ? A HIS 6  
7  1 Y 1 A HIS 193 ? A HIS 7  
8  1 Y 1 A HIS 194 ? A HIS 8  
9  1 Y 1 A THR 195 ? A THR 9  
10 1 Y 1 A ASN 196 ? A ASN 10 
11 1 Y 1 A PRO 197 ? A PRO 11 
12 1 Y 1 A SER 198 ? A SER 12 
13 1 Y 1 A GLU 199 ? A GLU 13 
# 
loop_
_chem_comp_atom.comp_id 
_chem_comp_atom.atom_id 
_chem_comp_atom.type_symbol 
_chem_comp_atom.pdbx_aromatic_flag 
_chem_comp_atom.pdbx_stereo_config 
_chem_comp_atom.pdbx_ordinal 
ALA N    N N N 1   
ALA CA   C N S 2   
ALA C    C N N 3   
ALA O    O N N 4   
ALA CB   C N N 5   
ALA OXT  O N N 6   
ALA H    H N N 7   
ALA H2   H N N 8   
ALA HA   H N N 9   
ALA HB1  H N N 10  
ALA HB2  H N N 11  
ALA HB3  H N N 12  
ALA HXT  H N N 13  
ARG N    N N N 14  
ARG CA   C N S 15  
ARG C    C N N 16  
ARG O    O N N 17  
ARG CB   C N N 18  
ARG CG   C N N 19  
ARG CD   C N N 20  
ARG NE   N N N 21  
ARG CZ   C N N 22  
ARG NH1  N N N 23  
ARG NH2  N N N 24  
ARG OXT  O N N 25  
ARG H    H N N 26  
ARG H2   H N N 27  
ARG HA   H N N 28  
ARG HB2  H N N 29  
ARG HB3  H N N 30  
ARG HG2  H N N 31  
ARG HG3  H N N 32  
ARG HD2  H N N 33  
ARG HD3  H N N 34  
ARG HE   H N N 35  
ARG HH11 H N N 36  
ARG HH12 H N N 37  
ARG HH21 H N N 38  
ARG HH22 H N N 39  
ARG HXT  H N N 40  
ASN N    N N N 41  
ASN CA   C N S 42  
ASN C    C N N 43  
ASN O    O N N 44  
ASN CB   C N N 45  
ASN CG   C N N 46  
ASN OD1  O N N 47  
ASN ND2  N N N 48  
ASN OXT  O N N 49  
ASN H    H N N 50  
ASN H2   H N N 51  
ASN HA   H N N 52  
ASN HB2  H N N 53  
ASN HB3  H N N 54  
ASN HD21 H N N 55  
ASN HD22 H N N 56  
ASN HXT  H N N 57  
ASP N    N N N 58  
ASP CA   C N S 59  
ASP C    C N N 60  
ASP O    O N N 61  
ASP CB   C N N 62  
ASP CG   C N N 63  
ASP OD1  O N N 64  
ASP OD2  O N N 65  
ASP OXT  O N N 66  
ASP H    H N N 67  
ASP H2   H N N 68  
ASP HA   H N N 69  
ASP HB2  H N N 70  
ASP HB3  H N N 71  
ASP HD2  H N N 72  
ASP HXT  H N N 73  
CYS N    N N N 74  
CYS CA   C N R 75  
CYS C    C N N 76  
CYS O    O N N 77  
CYS CB   C N N 78  
CYS SG   S N N 79  
CYS OXT  O N N 80  
CYS H    H N N 81  
CYS H2   H N N 82  
CYS HA   H N N 83  
CYS HB2  H N N 84  
CYS HB3  H N N 85  
CYS HG   H N N 86  
CYS HXT  H N N 87  
GLN N    N N N 88  
GLN CA   C N S 89  
GLN C    C N N 90  
GLN O    O N N 91  
GLN CB   C N N 92  
GLN CG   C N N 93  
GLN CD   C N N 94  
GLN OE1  O N N 95  
GLN NE2  N N N 96  
GLN OXT  O N N 97  
GLN H    H N N 98  
GLN H2   H N N 99  
GLN HA   H N N 100 
GLN HB2  H N N 101 
GLN HB3  H N N 102 
GLN HG2  H N N 103 
GLN HG3  H N N 104 
GLN HE21 H N N 105 
GLN HE22 H N N 106 
GLN HXT  H N N 107 
GLU N    N N N 108 
GLU CA   C N S 109 
GLU C    C N N 110 
GLU O    O N N 111 
GLU CB   C N N 112 
GLU CG   C N N 113 
GLU CD   C N N 114 
GLU OE1  O N N 115 
GLU OE2  O N N 116 
GLU OXT  O N N 117 
GLU H    H N N 118 
GLU H2   H N N 119 
GLU HA   H N N 120 
GLU HB2  H N N 121 
GLU HB3  H N N 122 
GLU HG2  H N N 123 
GLU HG3  H N N 124 
GLU HE2  H N N 125 
GLU HXT  H N N 126 
GLY N    N N N 127 
GLY CA   C N N 128 
GLY C    C N N 129 
GLY O    O N N 130 
GLY OXT  O N N 131 
GLY H    H N N 132 
GLY H2   H N N 133 
GLY HA2  H N N 134 
GLY HA3  H N N 135 
GLY HXT  H N N 136 
HIS N    N N N 137 
HIS CA   C N S 138 
HIS C    C N N 139 
HIS O    O N N 140 
HIS CB   C N N 141 
HIS CG   C Y N 142 
HIS ND1  N Y N 143 
HIS CD2  C Y N 144 
HIS CE1  C Y N 145 
HIS NE2  N Y N 146 
HIS OXT  O N N 147 
HIS H    H N N 148 
HIS H2   H N N 149 
HIS HA   H N N 150 
HIS HB2  H N N 151 
HIS HB3  H N N 152 
HIS HD1  H N N 153 
HIS HD2  H N N 154 
HIS HE1  H N N 155 
HIS HE2  H N N 156 
HIS HXT  H N N 157 
HOH O    O N N 158 
HOH H1   H N N 159 
HOH H2   H N N 160 
ILE N    N N N 161 
ILE CA   C N S 162 
ILE C    C N N 163 
ILE O    O N N 164 
ILE CB   C N S 165 
ILE CG1  C N N 166 
ILE CG2  C N N 167 
ILE CD1  C N N 168 
ILE OXT  O N N 169 
ILE H    H N N 170 
ILE H2   H N N 171 
ILE HA   H N N 172 
ILE HB   H N N 173 
ILE HG12 H N N 174 
ILE HG13 H N N 175 
ILE HG21 H N N 176 
ILE HG22 H N N 177 
ILE HG23 H N N 178 
ILE HD11 H N N 179 
ILE HD12 H N N 180 
ILE HD13 H N N 181 
ILE HXT  H N N 182 
LEU N    N N N 183 
LEU CA   C N S 184 
LEU C    C N N 185 
LEU O    O N N 186 
LEU CB   C N N 187 
LEU CG   C N N 188 
LEU CD1  C N N 189 
LEU CD2  C N N 190 
LEU OXT  O N N 191 
LEU H    H N N 192 
LEU H2   H N N 193 
LEU HA   H N N 194 
LEU HB2  H N N 195 
LEU HB3  H N N 196 
LEU HG   H N N 197 
LEU HD11 H N N 198 
LEU HD12 H N N 199 
LEU HD13 H N N 200 
LEU HD21 H N N 201 
LEU HD22 H N N 202 
LEU HD23 H N N 203 
LEU HXT  H N N 204 
LYS N    N N N 205 
LYS CA   C N S 206 
LYS C    C N N 207 
LYS O    O N N 208 
LYS CB   C N N 209 
LYS CG   C N N 210 
LYS CD   C N N 211 
LYS CE   C N N 212 
LYS NZ   N N N 213 
LYS OXT  O N N 214 
LYS H    H N N 215 
LYS H2   H N N 216 
LYS HA   H N N 217 
LYS HB2  H N N 218 
LYS HB3  H N N 219 
LYS HG2  H N N 220 
LYS HG3  H N N 221 
LYS HD2  H N N 222 
LYS HD3  H N N 223 
LYS HE2  H N N 224 
LYS HE3  H N N 225 
LYS HZ1  H N N 226 
LYS HZ2  H N N 227 
LYS HZ3  H N N 228 
LYS HXT  H N N 229 
MET N    N N N 230 
MET CA   C N S 231 
MET C    C N N 232 
MET O    O N N 233 
MET CB   C N N 234 
MET CG   C N N 235 
MET SD   S N N 236 
MET CE   C N N 237 
MET OXT  O N N 238 
MET H    H N N 239 
MET H2   H N N 240 
MET HA   H N N 241 
MET HB2  H N N 242 
MET HB3  H N N 243 
MET HG2  H N N 244 
MET HG3  H N N 245 
MET HE1  H N N 246 
MET HE2  H N N 247 
MET HE3  H N N 248 
MET HXT  H N N 249 
PHE N    N N N 250 
PHE CA   C N S 251 
PHE C    C N N 252 
PHE O    O N N 253 
PHE CB   C N N 254 
PHE CG   C Y N 255 
PHE CD1  C Y N 256 
PHE CD2  C Y N 257 
PHE CE1  C Y N 258 
PHE CE2  C Y N 259 
PHE CZ   C Y N 260 
PHE OXT  O N N 261 
PHE H    H N N 262 
PHE H2   H N N 263 
PHE HA   H N N 264 
PHE HB2  H N N 265 
PHE HB3  H N N 266 
PHE HD1  H N N 267 
PHE HD2  H N N 268 
PHE HE1  H N N 269 
PHE HE2  H N N 270 
PHE HZ   H N N 271 
PHE HXT  H N N 272 
PRO N    N N N 273 
PRO CA   C N S 274 
PRO C    C N N 275 
PRO O    O N N 276 
PRO CB   C N N 277 
PRO CG   C N N 278 
PRO CD   C N N 279 
PRO OXT  O N N 280 
PRO H    H N N 281 
PRO HA   H N N 282 
PRO HB2  H N N 283 
PRO HB3  H N N 284 
PRO HG2  H N N 285 
PRO HG3  H N N 286 
PRO HD2  H N N 287 
PRO HD3  H N N 288 
PRO HXT  H N N 289 
SER N    N N N 290 
SER CA   C N S 291 
SER C    C N N 292 
SER O    O N N 293 
SER CB   C N N 294 
SER OG   O N N 295 
SER OXT  O N N 296 
SER H    H N N 297 
SER H2   H N N 298 
SER HA   H N N 299 
SER HB2  H N N 300 
SER HB3  H N N 301 
SER HG   H N N 302 
SER HXT  H N N 303 
SO4 S    S N N 304 
SO4 O1   O N N 305 
SO4 O2   O N N 306 
SO4 O3   O N N 307 
SO4 O4   O N N 308 
THR N    N N N 309 
THR CA   C N S 310 
THR C    C N N 311 
THR O    O N N 312 
THR CB   C N R 313 
THR OG1  O N N 314 
THR CG2  C N N 315 
THR OXT  O N N 316 
THR H    H N N 317 
THR H2   H N N 318 
THR HA   H N N 319 
THR HB   H N N 320 
THR HG1  H N N 321 
THR HG21 H N N 322 
THR HG22 H N N 323 
THR HG23 H N N 324 
THR HXT  H N N 325 
TRP N    N N N 326 
TRP CA   C N S 327 
TRP C    C N N 328 
TRP O    O N N 329 
TRP CB   C N N 330 
TRP CG   C Y N 331 
TRP CD1  C Y N 332 
TRP CD2  C Y N 333 
TRP NE1  N Y N 334 
TRP CE2  C Y N 335 
TRP CE3  C Y N 336 
TRP CZ2  C Y N 337 
TRP CZ3  C Y N 338 
TRP CH2  C Y N 339 
TRP OXT  O N N 340 
TRP H    H N N 341 
TRP H2   H N N 342 
TRP HA   H N N 343 
TRP HB2  H N N 344 
TRP HB3  H N N 345 
TRP HD1  H N N 346 
TRP HE1  H N N 347 
TRP HE3  H N N 348 
TRP HZ2  H N N 349 
TRP HZ3  H N N 350 
TRP HH2  H N N 351 
TRP HXT  H N N 352 
TYR N    N N N 353 
TYR CA   C N S 354 
TYR C    C N N 355 
TYR O    O N N 356 
TYR CB   C N N 357 
TYR CG   C Y N 358 
TYR CD1  C Y N 359 
TYR CD2  C Y N 360 
TYR CE1  C Y N 361 
TYR CE2  C Y N 362 
TYR CZ   C Y N 363 
TYR OH   O N N 364 
TYR OXT  O N N 365 
TYR H    H N N 366 
TYR H2   H N N 367 
TYR HA   H N N 368 
TYR HB2  H N N 369 
TYR HB3  H N N 370 
TYR HD1  H N N 371 
TYR HD2  H N N 372 
TYR HE1  H N N 373 
TYR HE2  H N N 374 
TYR HH   H N N 375 
TYR HXT  H N N 376 
VAL N    N N N 377 
VAL CA   C N S 378 
VAL C    C N N 379 
VAL O    O N N 380 
VAL CB   C N N 381 
VAL CG1  C N N 382 
VAL CG2  C N N 383 
VAL OXT  O N N 384 
VAL H    H N N 385 
VAL H2   H N N 386 
VAL HA   H N N 387 
VAL HB   H N N 388 
VAL HG11 H N N 389 
VAL HG12 H N N 390 
VAL HG13 H N N 391 
VAL HG21 H N N 392 
VAL HG22 H N N 393 
VAL HG23 H N N 394 
VAL HXT  H N N 395 
# 
loop_
_chem_comp_bond.comp_id 
_chem_comp_bond.atom_id_1 
_chem_comp_bond.atom_id_2 
_chem_comp_bond.value_order 
_chem_comp_bond.pdbx_aromatic_flag 
_chem_comp_bond.pdbx_stereo_config 
_chem_comp_bond.pdbx_ordinal 
ALA N   CA   sing N N 1   
ALA N   H    sing N N 2   
ALA N   H2   sing N N 3   
ALA CA  C    sing N N 4   
ALA CA  CB   sing N N 5   
ALA CA  HA   sing N N 6   
ALA C   O    doub N N 7   
ALA C   OXT  sing N N 8   
ALA CB  HB1  sing N N 9   
ALA CB  HB2  sing N N 10  
ALA CB  HB3  sing N N 11  
ALA OXT HXT  sing N N 12  
ARG N   CA   sing N N 13  
ARG N   H    sing N N 14  
ARG N   H2   sing N N 15  
ARG CA  C    sing N N 16  
ARG CA  CB   sing N N 17  
ARG CA  HA   sing N N 18  
ARG C   O    doub N N 19  
ARG C   OXT  sing N N 20  
ARG CB  CG   sing N N 21  
ARG CB  HB2  sing N N 22  
ARG CB  HB3  sing N N 23  
ARG CG  CD   sing N N 24  
ARG CG  HG2  sing N N 25  
ARG CG  HG3  sing N N 26  
ARG CD  NE   sing N N 27  
ARG CD  HD2  sing N N 28  
ARG CD  HD3  sing N N 29  
ARG NE  CZ   sing N N 30  
ARG NE  HE   sing N N 31  
ARG CZ  NH1  sing N N 32  
ARG CZ  NH2  doub N N 33  
ARG NH1 HH11 sing N N 34  
ARG NH1 HH12 sing N N 35  
ARG NH2 HH21 sing N N 36  
ARG NH2 HH22 sing N N 37  
ARG OXT HXT  sing N N 38  
ASN N   CA   sing N N 39  
ASN N   H    sing N N 40  
ASN N   H2   sing N N 41  
ASN CA  C    sing N N 42  
ASN CA  CB   sing N N 43  
ASN CA  HA   sing N N 44  
ASN C   O    doub N N 45  
ASN C   OXT  sing N N 46  
ASN CB  CG   sing N N 47  
ASN CB  HB2  sing N N 48  
ASN CB  HB3  sing N N 49  
ASN CG  OD1  doub N N 50  
ASN CG  ND2  sing N N 51  
ASN ND2 HD21 sing N N 52  
ASN ND2 HD22 sing N N 53  
ASN OXT HXT  sing N N 54  
ASP N   CA   sing N N 55  
ASP N   H    sing N N 56  
ASP N   H2   sing N N 57  
ASP CA  C    sing N N 58  
ASP CA  CB   sing N N 59  
ASP CA  HA   sing N N 60  
ASP C   O    doub N N 61  
ASP C   OXT  sing N N 62  
ASP CB  CG   sing N N 63  
ASP CB  HB2  sing N N 64  
ASP CB  HB3  sing N N 65  
ASP CG  OD1  doub N N 66  
ASP CG  OD2  sing N N 67  
ASP OD2 HD2  sing N N 68  
ASP OXT HXT  sing N N 69  
CYS N   CA   sing N N 70  
CYS N   H    sing N N 71  
CYS N   H2   sing N N 72  
CYS CA  C    sing N N 73  
CYS CA  CB   sing N N 74  
CYS CA  HA   sing N N 75  
CYS C   O    doub N N 76  
CYS C   OXT  sing N N 77  
CYS CB  SG   sing N N 78  
CYS CB  HB2  sing N N 79  
CYS CB  HB3  sing N N 80  
CYS SG  HG   sing N N 81  
CYS OXT HXT  sing N N 82  
GLN N   CA   sing N N 83  
GLN N   H    sing N N 84  
GLN N   H2   sing N N 85  
GLN CA  C    sing N N 86  
GLN CA  CB   sing N N 87  
GLN CA  HA   sing N N 88  
GLN C   O    doub N N 89  
GLN C   OXT  sing N N 90  
GLN CB  CG   sing N N 91  
GLN CB  HB2  sing N N 92  
GLN CB  HB3  sing N N 93  
GLN CG  CD   sing N N 94  
GLN CG  HG2  sing N N 95  
GLN CG  HG3  sing N N 96  
GLN CD  OE1  doub N N 97  
GLN CD  NE2  sing N N 98  
GLN NE2 HE21 sing N N 99  
GLN NE2 HE22 sing N N 100 
GLN OXT HXT  sing N N 101 
GLU N   CA   sing N N 102 
GLU N   H    sing N N 103 
GLU N   H2   sing N N 104 
GLU CA  C    sing N N 105 
GLU CA  CB   sing N N 106 
GLU CA  HA   sing N N 107 
GLU C   O    doub N N 108 
GLU C   OXT  sing N N 109 
GLU CB  CG   sing N N 110 
GLU CB  HB2  sing N N 111 
GLU CB  HB3  sing N N 112 
GLU CG  CD   sing N N 113 
GLU CG  HG2  sing N N 114 
GLU CG  HG3  sing N N 115 
GLU CD  OE1  doub N N 116 
GLU CD  OE2  sing N N 117 
GLU OE2 HE2  sing N N 118 
GLU OXT HXT  sing N N 119 
GLY N   CA   sing N N 120 
GLY N   H    sing N N 121 
GLY N   H2   sing N N 122 
GLY CA  C    sing N N 123 
GLY CA  HA2  sing N N 124 
GLY CA  HA3  sing N N 125 
GLY C   O    doub N N 126 
GLY C   OXT  sing N N 127 
GLY OXT HXT  sing N N 128 
HIS N   CA   sing N N 129 
HIS N   H    sing N N 130 
HIS N   H2   sing N N 131 
HIS CA  C    sing N N 132 
HIS CA  CB   sing N N 133 
HIS CA  HA   sing N N 134 
HIS C   O    doub N N 135 
HIS C   OXT  sing N N 136 
HIS CB  CG   sing N N 137 
HIS CB  HB2  sing N N 138 
HIS CB  HB3  sing N N 139 
HIS CG  ND1  sing Y N 140 
HIS CG  CD2  doub Y N 141 
HIS ND1 CE1  doub Y N 142 
HIS ND1 HD1  sing N N 143 
HIS CD2 NE2  sing Y N 144 
HIS CD2 HD2  sing N N 145 
HIS CE1 NE2  sing Y N 146 
HIS CE1 HE1  sing N N 147 
HIS NE2 HE2  sing N N 148 
HIS OXT HXT  sing N N 149 
HOH O   H1   sing N N 150 
HOH O   H2   sing N N 151 
ILE N   CA   sing N N 152 
ILE N   H    sing N N 153 
ILE N   H2   sing N N 154 
ILE CA  C    sing N N 155 
ILE CA  CB   sing N N 156 
ILE CA  HA   sing N N 157 
ILE C   O    doub N N 158 
ILE C   OXT  sing N N 159 
ILE CB  CG1  sing N N 160 
ILE CB  CG2  sing N N 161 
ILE CB  HB   sing N N 162 
ILE CG1 CD1  sing N N 163 
ILE CG1 HG12 sing N N 164 
ILE CG1 HG13 sing N N 165 
ILE CG2 HG21 sing N N 166 
ILE CG2 HG22 sing N N 167 
ILE CG2 HG23 sing N N 168 
ILE CD1 HD11 sing N N 169 
ILE CD1 HD12 sing N N 170 
ILE CD1 HD13 sing N N 171 
ILE OXT HXT  sing N N 172 
LEU N   CA   sing N N 173 
LEU N   H    sing N N 174 
LEU N   H2   sing N N 175 
LEU CA  C    sing N N 176 
LEU CA  CB   sing N N 177 
LEU CA  HA   sing N N 178 
LEU C   O    doub N N 179 
LEU C   OXT  sing N N 180 
LEU CB  CG   sing N N 181 
LEU CB  HB2  sing N N 182 
LEU CB  HB3  sing N N 183 
LEU CG  CD1  sing N N 184 
LEU CG  CD2  sing N N 185 
LEU CG  HG   sing N N 186 
LEU CD1 HD11 sing N N 187 
LEU CD1 HD12 sing N N 188 
LEU CD1 HD13 sing N N 189 
LEU CD2 HD21 sing N N 190 
LEU CD2 HD22 sing N N 191 
LEU CD2 HD23 sing N N 192 
LEU OXT HXT  sing N N 193 
LYS N   CA   sing N N 194 
LYS N   H    sing N N 195 
LYS N   H2   sing N N 196 
LYS CA  C    sing N N 197 
LYS CA  CB   sing N N 198 
LYS CA  HA   sing N N 199 
LYS C   O    doub N N 200 
LYS C   OXT  sing N N 201 
LYS CB  CG   sing N N 202 
LYS CB  HB2  sing N N 203 
LYS CB  HB3  sing N N 204 
LYS CG  CD   sing N N 205 
LYS CG  HG2  sing N N 206 
LYS CG  HG3  sing N N 207 
LYS CD  CE   sing N N 208 
LYS CD  HD2  sing N N 209 
LYS CD  HD3  sing N N 210 
LYS CE  NZ   sing N N 211 
LYS CE  HE2  sing N N 212 
LYS CE  HE3  sing N N 213 
LYS NZ  HZ1  sing N N 214 
LYS NZ  HZ2  sing N N 215 
LYS NZ  HZ3  sing N N 216 
LYS OXT HXT  sing N N 217 
MET N   CA   sing N N 218 
MET N   H    sing N N 219 
MET N   H2   sing N N 220 
MET CA  C    sing N N 221 
MET CA  CB   sing N N 222 
MET CA  HA   sing N N 223 
MET C   O    doub N N 224 
MET C   OXT  sing N N 225 
MET CB  CG   sing N N 226 
MET CB  HB2  sing N N 227 
MET CB  HB3  sing N N 228 
MET CG  SD   sing N N 229 
MET CG  HG2  sing N N 230 
MET CG  HG3  sing N N 231 
MET SD  CE   sing N N 232 
MET CE  HE1  sing N N 233 
MET CE  HE2  sing N N 234 
MET CE  HE3  sing N N 235 
MET OXT HXT  sing N N 236 
PHE N   CA   sing N N 237 
PHE N   H    sing N N 238 
PHE N   H2   sing N N 239 
PHE CA  C    sing N N 240 
PHE CA  CB   sing N N 241 
PHE CA  HA   sing N N 242 
PHE C   O    doub N N 243 
PHE C   OXT  sing N N 244 
PHE CB  CG   sing N N 245 
PHE CB  HB2  sing N N 246 
PHE CB  HB3  sing N N 247 
PHE CG  CD1  doub Y N 248 
PHE CG  CD2  sing Y N 249 
PHE CD1 CE1  sing Y N 250 
PHE CD1 HD1  sing N N 251 
PHE CD2 CE2  doub Y N 252 
PHE CD2 HD2  sing N N 253 
PHE CE1 CZ   doub Y N 254 
PHE CE1 HE1  sing N N 255 
PHE CE2 CZ   sing Y N 256 
PHE CE2 HE2  sing N N 257 
PHE CZ  HZ   sing N N 258 
PHE OXT HXT  sing N N 259 
PRO N   CA   sing N N 260 
PRO N   CD   sing N N 261 
PRO N   H    sing N N 262 
PRO CA  C    sing N N 263 
PRO CA  CB   sing N N 264 
PRO CA  HA   sing N N 265 
PRO C   O    doub N N 266 
PRO C   OXT  sing N N 267 
PRO CB  CG   sing N N 268 
PRO CB  HB2  sing N N 269 
PRO CB  HB3  sing N N 270 
PRO CG  CD   sing N N 271 
PRO CG  HG2  sing N N 272 
PRO CG  HG3  sing N N 273 
PRO CD  HD2  sing N N 274 
PRO CD  HD3  sing N N 275 
PRO OXT HXT  sing N N 276 
SER N   CA   sing N N 277 
SER N   H    sing N N 278 
SER N   H2   sing N N 279 
SER CA  C    sing N N 280 
SER CA  CB   sing N N 281 
SER CA  HA   sing N N 282 
SER C   O    doub N N 283 
SER C   OXT  sing N N 284 
SER CB  OG   sing N N 285 
SER CB  HB2  sing N N 286 
SER CB  HB3  sing N N 287 
SER OG  HG   sing N N 288 
SER OXT HXT  sing N N 289 
SO4 S   O1   doub N N 290 
SO4 S   O2   doub N N 291 
SO4 S   O3   sing N N 292 
SO4 S   O4   sing N N 293 
THR N   CA   sing N N 294 
THR N   H    sing N N 295 
THR N   H2   sing N N 296 
THR CA  C    sing N N 297 
THR CA  CB   sing N N 298 
THR CA  HA   sing N N 299 
THR C   O    doub N N 300 
THR C   OXT  sing N N 301 
THR CB  OG1  sing N N 302 
THR CB  CG2  sing N N 303 
THR CB  HB   sing N N 304 
THR OG1 HG1  sing N N 305 
THR CG2 HG21 sing N N 306 
THR CG2 HG22 sing N N 307 
THR CG2 HG23 sing N N 308 
THR OXT HXT  sing N N 309 
TRP N   CA   sing N N 310 
TRP N   H    sing N N 311 
TRP N   H2   sing N N 312 
TRP CA  C    sing N N 313 
TRP CA  CB   sing N N 314 
TRP CA  HA   sing N N 315 
TRP C   O    doub N N 316 
TRP C   OXT  sing N N 317 
TRP CB  CG   sing N N 318 
TRP CB  HB2  sing N N 319 
TRP CB  HB3  sing N N 320 
TRP CG  CD1  doub Y N 321 
TRP CG  CD2  sing Y N 322 
TRP CD1 NE1  sing Y N 323 
TRP CD1 HD1  sing N N 324 
TRP CD2 CE2  doub Y N 325 
TRP CD2 CE3  sing Y N 326 
TRP NE1 CE2  sing Y N 327 
TRP NE1 HE1  sing N N 328 
TRP CE2 CZ2  sing Y N 329 
TRP CE3 CZ3  doub Y N 330 
TRP CE3 HE3  sing N N 331 
TRP CZ2 CH2  doub Y N 332 
TRP CZ2 HZ2  sing N N 333 
TRP CZ3 CH2  sing Y N 334 
TRP CZ3 HZ3  sing N N 335 
TRP CH2 HH2  sing N N 336 
TRP OXT HXT  sing N N 337 
TYR N   CA   sing N N 338 
TYR N   H    sing N N 339 
TYR N   H2   sing N N 340 
TYR CA  C    sing N N 341 
TYR CA  CB   sing N N 342 
TYR CA  HA   sing N N 343 
TYR C   O    doub N N 344 
TYR C   OXT  sing N N 345 
TYR CB  CG   sing N N 346 
TYR CB  HB2  sing N N 347 
TYR CB  HB3  sing N N 348 
TYR CG  CD1  doub Y N 349 
TYR CG  CD2  sing Y N 350 
TYR CD1 CE1  sing Y N 351 
TYR CD1 HD1  sing N N 352 
TYR CD2 CE2  doub Y N 353 
TYR CD2 HD2  sing N N 354 
TYR CE1 CZ   doub Y N 355 
TYR CE1 HE1  sing N N 356 
TYR CE2 CZ   sing Y N 357 
TYR CE2 HE2  sing N N 358 
TYR CZ  OH   sing N N 359 
TYR OH  HH   sing N N 360 
TYR OXT HXT  sing N N 361 
VAL N   CA   sing N N 362 
VAL N   H    sing N N 363 
VAL N   H2   sing N N 364 
VAL CA  C    sing N N 365 
VAL CA  CB   sing N N 366 
VAL CA  HA   sing N N 367 
VAL C   O    doub N N 368 
VAL C   OXT  sing N N 369 
VAL CB  CG1  sing N N 370 
VAL CB  CG2  sing N N 371 
VAL CB  HB   sing N N 372 
VAL CG1 HG11 sing N N 373 
VAL CG1 HG12 sing N N 374 
VAL CG1 HG13 sing N N 375 
VAL CG2 HG21 sing N N 376 
VAL CG2 HG22 sing N N 377 
VAL CG2 HG23 sing N N 378 
VAL OXT HXT  sing N N 379 
# 
_pdbx_audit_support.funding_organization   
'National Institutes of Health/National Institute Of Allergy and Infectious Diseases (NIH/NIAID)' 
_pdbx_audit_support.country                'United States' 
_pdbx_audit_support.grant_number           R21AI140740 
_pdbx_audit_support.ordinal                1 
# 
_pdbx_initial_refinement_model.accession_code   ? 
_pdbx_initial_refinement_model.id               1 
_pdbx_initial_refinement_model.entity_id_list   ? 
_pdbx_initial_refinement_model.type             'experimental model' 
_pdbx_initial_refinement_model.source_name      Other 
_pdbx_initial_refinement_model.details          Se-Met-VvToxRp 
# 
_atom_sites.entry_id                    6UTC 
_atom_sites.Cartn_transf_matrix[1][1]   ? 
_atom_sites.Cartn_transf_matrix[1][2]   ? 
_atom_sites.Cartn_transf_matrix[1][3]   ? 
_atom_sites.Cartn_transf_matrix[2][1]   ? 
_atom_sites.Cartn_transf_matrix[2][2]   ? 
_atom_sites.Cartn_transf_matrix[2][3]   ? 
_atom_sites.Cartn_transf_matrix[3][1]   ? 
_atom_sites.Cartn_transf_matrix[3][2]   ? 
_atom_sites.Cartn_transf_matrix[3][3]   ? 
_atom_sites.Cartn_transf_vector[1]      ? 
_atom_sites.Cartn_transf_vector[2]      ? 
_atom_sites.Cartn_transf_vector[3]      ? 
_atom_sites.fract_transf_matrix[1][1]   0.01554214 
_atom_sites.fract_transf_matrix[1][2]   -0.01768673 
_atom_sites.fract_transf_matrix[1][3]   0.00846001 
_atom_sites.fract_transf_matrix[2][1]   0.01844999 
_atom_sites.fract_transf_matrix[2][2]   0.01645638 
_atom_sites.fract_transf_matrix[2][3]   0.00050915 
_atom_sites.fract_transf_matrix[3][1]   -0.00476519 
_atom_sites.fract_transf_matrix[3][2]   0.00476349 
_atom_sites.fract_transf_matrix[3][3]   0.01871295 
_atom_sites.fract_transf_vector[1]      0.870927 
_atom_sites.fract_transf_vector[2]      0.588575 
_atom_sites.fract_transf_vector[3]      0.394088 
_atom_sites.solution_primary            ? 
_atom_sites.solution_secondary          ? 
_atom_sites.solution_hydrogens          ? 
_atom_sites.special_details             ? 
# 
loop_
_atom_type.symbol 
C 
N 
O 
S 
# 
loop_
_atom_site.group_PDB 
_atom_site.id 
_atom_site.type_symbol 
_atom_site.label_atom_id 
_atom_site.label_alt_id 
_atom_site.label_comp_id 
_atom_site.label_asym_id 
_atom_site.label_entity_id 
_atom_site.label_seq_id 
_atom_site.pdbx_PDB_ins_code 
_atom_site.Cartn_x 
_atom_site.Cartn_y 
_atom_site.Cartn_z 
_atom_site.occupancy 
_atom_site.B_iso_or_equiv 
_atom_site.pdbx_formal_charge 
_atom_site.auth_seq_id 
_atom_site.auth_comp_id 
_atom_site.auth_asym_id 
_atom_site.auth_atom_id 
_atom_site.pdbx_PDB_model_num 
ATOM   1   N N   . SER A 1 14  ? 14.496  -10.925 -0.210  1.00 52.15 ? 200 SER A N   1 
ATOM   2   C CA  . SER A 1 14  ? 13.053  -10.779 -0.062  1.00 48.55 ? 200 SER A CA  1 
ATOM   3   C C   . SER A 1 14  ? 12.667  -10.396 1.366   1.00 39.82 ? 200 SER A C   1 
ATOM   4   O O   . SER A 1 14  ? 11.559  -10.684 1.818   1.00 44.76 ? 200 SER A O   1 
ATOM   5   C CB  . SER A 1 14  ? 12.336  -12.068 -0.478  1.00 57.02 ? 200 SER A CB  1 
ATOM   6   O OG  . SER A 1 14  ? 12.782  -13.172 0.289   1.00 58.67 ? 200 SER A OG  1 
ATOM   7   N N   . LYS A 1 15  ? 13.595  -9.755  2.075   1.00 37.84 ? 201 LYS A N   1 
ATOM   8   C CA  . LYS A 1 15  ? 13.323  -9.233  3.405   1.00 25.08 ? 201 LYS A CA  1 
ATOM   9   C C   . LYS A 1 15  ? 12.848  -7.792  3.296   1.00 18.65 ? 201 LYS A C   1 
ATOM   10  O O   . LYS A 1 15  ? 13.324  -7.033  2.444   1.00 21.06 ? 201 LYS A O   1 
ATOM   11  C CB  . LYS A 1 15  ? 14.579  -9.294  4.269   1.00 28.12 ? 201 LYS A CB  1 
ATOM   12  C CG  . LYS A 1 15  ? 15.057  -10.711 4.553   1.00 34.68 ? 201 LYS A CG  1 
ATOM   13  C CD  . LYS A 1 15  ? 16.553  -10.728 4.800   1.00 42.89 ? 201 LYS A CD  1 
ATOM   14  C CE  . LYS A 1 15  ? 17.145  -12.098 4.516   1.00 48.53 ? 201 LYS A CE  1 
ATOM   15  N NZ  . LYS A 1 15  ? 18.555  -11.982 4.043   1.00 49.03 ? 201 LYS A NZ  1 
ATOM   16  N N   . PHE A 1 16  ? 11.893  -7.429  4.153   1.00 15.39 ? 202 PHE A N   1 
ATOM   17  C CA  . PHE A 1 16  ? 11.250  -6.124  4.123   1.00 14.38 ? 202 PHE A CA  1 
ATOM   18  C C   . PHE A 1 16  ? 11.538  -5.345  5.395   1.00 16.22 ? 202 PHE A C   1 
ATOM   19  O O   . PHE A 1 16  ? 11.617  -5.922  6.488   1.00 17.08 ? 202 PHE A O   1 
ATOM   20  C CB  . PHE A 1 16  ? 9.732   -6.296  3.979   1.00 15.50 ? 202 PHE A CB  1 
ATOM   21  C CG  . PHE A 1 16  ? 9.327   -6.941  2.691   1.00 17.41 ? 202 PHE A CG  1 
ATOM   22  C CD1 . PHE A 1 16  ? 9.347   -6.232  1.506   1.00 16.21 ? 202 PHE A CD1 1 
ATOM   23  C CD2 . PHE A 1 16  ? 8.944   -8.269  2.663   1.00 25.95 ? 202 PHE A CD2 1 
ATOM   24  C CE1 . PHE A 1 16  ? 8.983   -6.829  0.316   1.00 18.63 ? 202 PHE A CE1 1 
ATOM   25  C CE2 . PHE A 1 16  ? 8.580   -8.873  1.467   1.00 28.83 ? 202 PHE A CE2 1 
ATOM   26  C CZ  . PHE A 1 16  ? 8.605   -8.149  0.298   1.00 23.75 ? 202 PHE A CZ  1 
ATOM   27  N N   . ARG A 1 17  ? 11.681  -4.031  5.253   1.00 12.92 ? 203 ARG A N   1 
ATOM   28  C CA  . ARG A 1 17  ? 11.729  -3.134  6.394   1.00 13.64 ? 203 ARG A CA  1 
ATOM   29  C C   . ARG A 1 17  ? 10.400  -2.396  6.493   1.00 13.84 ? 203 ARG A C   1 
ATOM   30  O O   . ARG A 1 17  ? 9.722   -2.166  5.482   1.00 13.98 ? 203 ARG A O   1 
ATOM   31  C CB  . ARG A 1 17  ? 12.893  -2.139  6.294   1.00 14.85 ? 203 ARG A CB  1 
ATOM   32  C CG  . ARG A 1 17  ? 12.923  -1.256  5.046   1.00 14.23 ? 203 ARG A CG  1 
ATOM   33  C CD  . ARG A 1 17  ? 14.211  -0.416  5.009   1.00 15.91 ? 203 ARG A CD  1 
ATOM   34  N NE  . ARG A 1 17  ? 14.333  0.343   3.760   1.00 18.75 ? 203 ARG A NE  1 
ATOM   35  C CZ  . ARG A 1 17  ? 13.803  1.546   3.576   1.00 16.88 ? 203 ARG A CZ  1 
ATOM   36  N NH1 . ARG A 1 17  ? 13.094  2.096   4.550   1.00 17.51 ? 203 ARG A NH1 1 
ATOM   37  N NH2 . ARG A 1 17  ? 13.935  2.187   2.419   1.00 16.11 ? 203 ARG A NH2 1 
ATOM   38  N N   . LEU A 1 18  ? 10.019  -2.044  7.725   1.00 14.34 ? 204 LEU A N   1 
ATOM   39  C CA  . LEU A 1 18  ? 8.729   -1.415  7.999   1.00 14.15 ? 204 LEU A CA  1 
ATOM   40  C C   . LEU A 1 18  ? 8.848   0.098   7.902   1.00 16.66 ? 204 LEU A C   1 
ATOM   41  O O   . LEU A 1 18  ? 9.438   0.736   8.782   1.00 19.47 ? 204 LEU A O   1 
ATOM   42  C CB  . LEU A 1 18  ? 8.236   -1.809  9.387   1.00 18.80 ? 204 LEU A CB  1 
ATOM   43  C CG  . LEU A 1 18  ? 6.879   -1.252  9.833   1.00 17.64 ? 204 LEU A CG  1 
ATOM   44  C CD1 . LEU A 1 18  ? 5.744   -1.793  9.011   1.00 20.18 ? 204 LEU A CD1 1 
ATOM   45  C CD2 . LEU A 1 18  ? 6.669   -1.567  11.312  1.00 22.00 ? 204 LEU A CD2 1 
ATOM   46  N N   . LEU A 1 19  ? 8.261   0.676   6.851   1.00 15.53 ? 205 LEU A N   1 
ATOM   47  C CA  . LEU A 1 19  ? 8.179   2.128   6.756   1.00 17.08 ? 205 LEU A CA  1 
ATOM   48  C C   . LEU A 1 19  ? 7.272   2.705   7.827   1.00 18.42 ? 205 LEU A C   1 
ATOM   49  O O   . LEU A 1 19  ? 7.602   3.722   8.448   1.00 21.86 ? 205 LEU A O   1 
ATOM   50  C CB  . LEU A 1 19  ? 7.664   2.528   5.384   1.00 20.25 ? 205 LEU A CB  1 
ATOM   51  C CG  . LEU A 1 19  ? 8.582   2.191   4.228   1.00 19.60 ? 205 LEU A CG  1 
ATOM   52  C CD1 . LEU A 1 19  ? 7.977   2.664   2.919   1.00 21.69 ? 205 LEU A CD1 1 
ATOM   53  C CD2 . LEU A 1 19  ? 9.937   2.844   4.437   1.00 25.26 ? 205 LEU A CD2 1 
ATOM   54  N N   . GLU A 1 20  ? 6.125   2.081   8.052   1.00 17.74 ? 206 GLU A N   1 
ATOM   55  C CA  . GLU A 1 20  ? 5.165   2.595   9.011   1.00 17.33 ? 206 GLU A CA  1 
ATOM   56  C C   . GLU A 1 20  ? 4.054   1.573   9.138   1.00 17.29 ? 206 GLU A C   1 
ATOM   57  O O   . GLU A 1 20  ? 3.703   0.915   8.159   1.00 17.47 ? 206 GLU A O   1 
ATOM   58  C CB  . GLU A 1 20  ? 4.580   3.924   8.515   1.00 21.04 ? 206 GLU A CB  1 
ATOM   59  C CG  . GLU A 1 20  ? 3.678   4.626   9.507   1.00 23.36 ? 206 GLU A CG  1 
ATOM   60  C CD  . GLU A 1 20  ? 3.427   6.063   9.120   1.00 21.01 ? 206 GLU A CD  1 
ATOM   61  O OE1 . GLU A 1 20  ? 4.412   6.783   8.853   1.00 22.65 ? 206 GLU A OE1 1 
ATOM   62  O OE2 . GLU A 1 20  ? 2.242   6.453   9.066   1.00 22.39 ? 206 GLU A OE2 1 
ATOM   63  N N   . ASN A 1 21  ? 3.513   1.440   10.339  1.00 19.65 ? 207 ASN A N   1 
ATOM   64  C CA  . ASN A 1 21  ? 2.253   0.745   10.523  1.00 20.55 ? 207 ASN A CA  1 
ATOM   65  C C   . ASN A 1 21  ? 1.145   1.788   10.432  1.00 19.76 ? 207 ASN A C   1 
ATOM   66  O O   . ASN A 1 21  ? 1.092   2.715   11.251  1.00 24.03 ? 207 ASN A O   1 
ATOM   67  C CB  . ASN A 1 21  ? 2.218   0.042   11.880  1.00 22.85 ? 207 ASN A CB  1 
ATOM   68  C CG  . ASN A 1 21  ? 1.064   -0.908  11.996  1.00 29.02 ? 207 ASN A CG  1 
ATOM   69  O OD1 . ASN A 1 21  ? -0.095  -0.497  11.969  1.00 27.91 ? 207 ASN A OD1 1 
ATOM   70  N ND2 . ASN A 1 21  ? 1.365   -2.197  12.120  1.00 33.42 ? 207 ASN A ND2 1 
ATOM   71  N N   . VAL A 1 22  ? 0.299   1.670   9.417   1.00 17.60 ? 208 VAL A N   1 
ATOM   72  C CA  . VAL A 1 22  ? -0.774  2.631   9.174   1.00 19.10 ? 208 VAL A CA  1 
ATOM   73  C C   . VAL A 1 22  ? -2.087  1.927   9.500   1.00 19.42 ? 208 VAL A C   1 
ATOM   74  O O   . VAL A 1 22  ? -2.593  1.140   8.695   1.00 20.48 ? 208 VAL A O   1 
ATOM   75  C CB  . VAL A 1 22  ? -0.757  3.151   7.733   1.00 17.28 ? 208 VAL A CB  1 
ATOM   76  C CG1 . VAL A 1 22  ? -1.875  4.158   7.531   1.00 21.01 ? 208 VAL A CG1 1 
ATOM   77  C CG2 . VAL A 1 22  ? 0.582   3.787   7.406   1.00 20.12 ? 208 VAL A CG2 1 
ATOM   78  N N   . ASN A 1 23  ? -2.634  2.190   10.691  1.00 23.70 ? 209 ASN A N   1 
ATOM   79  C CA  . ASN A 1 23  ? -3.939  1.660   11.098  1.00 25.27 ? 209 ASN A CA  1 
ATOM   80  C C   . ASN A 1 23  ? -4.017  0.140   10.943  1.00 24.36 ? 209 ASN A C   1 
ATOM   81  O O   . ASN A 1 23  ? -4.981  -0.408  10.401  1.00 26.15 ? 209 ASN A O   1 
ATOM   82  C CB  . ASN A 1 23  ? -5.077  2.358   10.355  1.00 25.97 ? 209 ASN A CB  1 
ATOM   83  C CG  . ASN A 1 23  ? -5.243  3.800   10.783  1.00 25.30 ? 209 ASN A CG  1 
ATOM   84  O OD1 . ASN A 1 23  ? -5.079  4.125   11.958  1.00 29.45 ? 209 ASN A OD1 1 
ATOM   85  N ND2 . ASN A 1 23  ? -5.560  4.669   9.835   1.00 26.66 ? 209 ASN A ND2 1 
ATOM   86  N N   . GLY A 1 24  ? -2.974  -0.541  11.409  1.00 22.40 ? 210 GLY A N   1 
ATOM   87  C CA  . GLY A 1 24  ? -2.927  -1.989  11.372  1.00 24.64 ? 210 GLY A CA  1 
ATOM   88  C C   . GLY A 1 24  ? -2.363  -2.587  10.099  1.00 23.63 ? 210 GLY A C   1 
ATOM   89  O O   . GLY A 1 24  ? -2.155  -3.808  10.047  1.00 24.31 ? 210 GLY A O   1 
ATOM   90  N N   . VAL A 1 25  ? -2.135  -1.782  9.067   1.00 19.33 ? 211 VAL A N   1 
ATOM   91  C CA  . VAL A 1 25  ? -1.564  -2.246  7.810   1.00 17.87 ? 211 VAL A CA  1 
ATOM   92  C C   . VAL A 1 25  ? -0.071  -1.955  7.856   1.00 19.06 ? 211 VAL A C   1 
ATOM   93  O O   . VAL A 1 25  ? 0.340   -0.802  8.050   1.00 17.52 ? 211 VAL A O   1 
ATOM   94  C CB  . VAL A 1 25  ? -2.222  -1.558  6.602   1.00 18.68 ? 211 VAL A CB  1 
ATOM   95  C CG1 . VAL A 1 25  ? -1.611  -2.075  5.300   1.00 20.00 ? 211 VAL A CG1 1 
ATOM   96  C CG2 . VAL A 1 25  ? -3.735  -1.774  6.613   1.00 19.15 ? 211 VAL A CG2 1 
ATOM   97  N N   . GLU A 1 26  ? 0.749   -2.990  7.693   1.00 16.85 ? 212 GLU A N   1 
ATOM   98  C CA  . GLU A 1 26  ? 2.193   -2.794  7.648   1.00 16.92 ? 212 GLU A CA  1 
ATOM   99  C C   . GLU A 1 26  ? 2.558   -2.247  6.283   1.00 14.46 ? 212 GLU A C   1 
ATOM   100 O O   . GLU A 1 26  ? 2.354   -2.926  5.275   1.00 16.15 ? 212 GLU A O   1 
ATOM   101 C CB  . GLU A 1 26  ? 2.908   -4.125  7.833   1.00 18.00 ? 212 GLU A CB  1 
ATOM   102 C CG  . GLU A 1 26  ? 2.703   -4.769  9.168   1.00 22.88 ? 212 GLU A CG  1 
ATOM   103 C CD  . GLU A 1 26  ? 3.436   -6.089  9.254   1.00 31.17 ? 212 GLU A CD  1 
ATOM   104 O OE1 . GLU A 1 26  ? 4.683   -6.076  9.190   1.00 33.57 ? 212 GLU A OE1 1 
ATOM   105 O OE2 . GLU A 1 26  ? 2.768   -7.136  9.357   1.00 35.79 ? 212 GLU A OE2 1 
ATOM   106 N N   . VAL A 1 27  ? 3.124   -1.047  6.242   1.00 13.23 ? 213 VAL A N   1 
ATOM   107 C CA  . VAL A 1 27  ? 3.670   -0.505  5.004   1.00 14.11 ? 213 VAL A CA  1 
ATOM   108 C C   . VAL A 1 27  ? 5.137   -0.896  4.958   1.00 13.58 ? 213 VAL A C   1 
ATOM   109 O O   . VAL A 1 27  ? 5.935   -0.418  5.764   1.00 13.72 ? 213 VAL A O   1 
ATOM   110 C CB  . VAL A 1 27  ? 3.486   1.011   4.909   1.00 15.45 ? 213 VAL A CB  1 
ATOM   111 C CG1 . VAL A 1 27  ? 4.073   1.521   3.601   1.00 17.44 ? 213 VAL A CG1 1 
ATOM   112 C CG2 . VAL A 1 27  ? 2.009   1.368   5.030   1.00 16.74 ? 213 VAL A CG2 1 
ATOM   113 N N   . LEU A 1 28  ? 5.480   -1.757  4.014   1.00 12.51 ? 214 LEU A N   1 
ATOM   114 C CA  . LEU A 1 28  ? 6.789   -2.386  3.927   1.00 12.83 ? 214 LEU A CA  1 
ATOM   115 C C   . LEU A 1 28  ? 7.463   -2.015  2.621   1.00 12.68 ? 214 LEU A C   1 
ATOM   116 O O   . LEU A 1 28  ? 6.796   -1.698  1.634   1.00 14.03 ? 214 LEU A O   1 
ATOM   117 C CB  . LEU A 1 28  ? 6.646   -3.907  3.942   1.00 14.03 ? 214 LEU A CB  1 
ATOM   118 C CG  . LEU A 1 28  ? 5.968   -4.517  5.159   1.00 14.23 ? 214 LEU A CG  1 
ATOM   119 C CD1 . LEU A 1 28  ? 5.641   -5.979  4.881   1.00 16.79 ? 214 LEU A CD1 1 
ATOM   120 C CD2 . LEU A 1 28  ? 6.872   -4.390  6.371   1.00 15.78 ? 214 LEU A CD2 1 
ATOM   121 N N   . THR A 1 29  ? 8.792   -2.065  2.620   1.00 12.35 ? 215 THR A N   1 
ATOM   122 C CA  . THR A 1 29  ? 9.555   -1.923  1.388   1.00 12.92 ? 215 THR A CA  1 
ATOM   123 C C   . THR A 1 29  ? 10.744  -2.864  1.488   1.00 12.43 ? 215 THR A C   1 
ATOM   124 O O   . THR A 1 29  ? 11.166  -3.197  2.599   1.00 13.23 ? 215 THR A O   1 
ATOM   125 C CB  . THR A 1 29  ? 9.981   -0.458  1.156   1.00 14.31 ? 215 THR A CB  1 
ATOM   126 O OG1 . THR A 1 29  ? 10.460  -0.286  -0.179  1.00 14.10 ? 215 THR A OG1 1 
ATOM   127 C CG2 . THR A 1 29  ? 11.063  -0.009  2.111   1.00 12.70 ? 215 THR A CG2 1 
ATOM   128 N N   . PRO A 1 30  ? 11.281  -3.344  0.367   1.00 13.47 ? 216 PRO A N   1 
ATOM   129 C CA  . PRO A 1 30  ? 12.465  -4.204  0.453   1.00 14.45 ? 216 PRO A CA  1 
ATOM   130 C C   . PRO A 1 30  ? 13.576  -3.527  1.250   1.00 13.78 ? 216 PRO A C   1 
ATOM   131 O O   . PRO A 1 30  ? 13.733  -2.303  1.228   1.00 13.96 ? 216 PRO A O   1 
ATOM   132 C CB  . PRO A 1 30  ? 12.855  -4.418  -1.016  1.00 15.07 ? 216 PRO A CB  1 
ATOM   133 C CG  . PRO A 1 30  ? 11.554  -4.295  -1.750  1.00 15.42 ? 216 PRO A CG  1 
ATOM   134 C CD  . PRO A 1 30  ? 10.823  -3.186  -1.026  1.00 14.10 ? 216 PRO A CD  1 
ATOM   135 N N   . LEU A 1 31  ? 14.352  -4.353  1.963   1.00 15.15 ? 217 LEU A N   1 
ATOM   136 C CA  . LEU A 1 31  ? 15.339  -3.873  2.933   1.00 14.71 ? 217 LEU A CA  1 
ATOM   137 C C   . LEU A 1 31  ? 16.174  -2.726  2.393   1.00 13.68 ? 217 LEU A C   1 
ATOM   138 O O   . LEU A 1 31  ? 16.340  -1.691  3.050   1.00 14.99 ? 217 LEU A O   1 
ATOM   139 C CB  . LEU A 1 31  ? 16.268  -5.018  3.334   1.00 17.89 ? 217 LEU A CB  1 
ATOM   140 C CG  . LEU A 1 31  ? 17.428  -4.611  4.245   1.00 19.36 ? 217 LEU A CG  1 
ATOM   141 C CD1 . LEU A 1 31  ? 16.907  -4.123  5.591   1.00 20.73 ? 217 LEU A CD1 1 
ATOM   142 C CD2 . LEU A 1 31  ? 18.375  -5.785  4.431   1.00 20.91 ? 217 LEU A CD2 1 
ATOM   143 N N   . ASN A 1 32  ? 16.727  -2.898  1.200   1.00 14.13 ? 218 ASN A N   1 
ATOM   144 C CA  . ASN A 1 32  ? 17.639  -1.907  0.667   1.00 14.31 ? 218 ASN A CA  1 
ATOM   145 C C   . ASN A 1 32  ? 17.015  -1.015  -0.393  1.00 13.41 ? 218 ASN A C   1 
ATOM   146 O O   . ASN A 1 32  ? 17.741  -0.299  -1.094  1.00 15.15 ? 218 ASN A O   1 
ATOM   147 C CB  . ASN A 1 32  ? 18.922  -2.577  0.185   1.00 18.20 ? 218 ASN A CB  1 
ATOM   148 C CG  . ASN A 1 32  ? 19.757  -3.085  1.343   1.00 18.97 ? 218 ASN A CG  1 
ATOM   149 O OD1 . ASN A 1 32  ? 20.066  -2.328  2.254   1.00 24.46 ? 218 ASN A OD1 1 
ATOM   150 N ND2 . ASN A 1 32  ? 20.066  -4.361  1.336   1.00 24.17 ? 218 ASN A ND2 1 
ATOM   151 N N   . HIS A 1 33  ? 15.691  -1.018  -0.511  1.00 13.32 ? 219 HIS A N   1 
ATOM   152 C CA  . HIS A 1 33  ? 15.047  -0.110  -1.437  1.00 13.32 ? 219 HIS A CA  1 
ATOM   153 C C   . HIS A 1 33  ? 15.396  1.334   -1.071  1.00 13.26 ? 219 HIS A C   1 
ATOM   154 O O   . HIS A 1 33  ? 15.534  1.668   0.103   1.00 13.71 ? 219 HIS A O   1 
ATOM   155 C CB  . HIS A 1 33  ? 13.537  -0.317  -1.368  1.00 12.48 ? 219 HIS A CB  1 
ATOM   156 C CG  . HIS A 1 33  ? 12.794  0.361   -2.465  1.00 12.93 ? 219 HIS A CG  1 
ATOM   157 N ND1 . HIS A 1 33  ? 12.479  1.704   -2.440  1.00 12.36 ? 219 HIS A ND1 1 
ATOM   158 C CD2 . HIS A 1 33  ? 12.301  -0.122  -3.631  1.00 13.32 ? 219 HIS A CD2 1 
ATOM   159 C CE1 . HIS A 1 33  ? 11.841  2.023   -3.553  1.00 12.50 ? 219 HIS A CE1 1 
ATOM   160 N NE2 . HIS A 1 33  ? 11.718  0.931   -4.293  1.00 12.85 ? 219 HIS A NE2 1 
ATOM   161 N N   . PRO A 1 34  ? 15.516  2.214   -2.060  1.00 13.16 ? 220 PRO A N   1 
ATOM   162 C CA  . PRO A 1 34  ? 15.814  3.624   -1.776  1.00 13.45 ? 220 PRO A CA  1 
ATOM   163 C C   . PRO A 1 34  ? 14.725  4.276   -0.941  1.00 15.17 ? 220 PRO A C   1 
ATOM   164 O O   . PRO A 1 34  ? 13.609  3.738   -0.797  1.00 15.30 ? 220 PRO A O   1 
ATOM   165 C CB  . PRO A 1 34  ? 15.876  4.250   -3.183  1.00 15.67 ? 220 PRO A CB  1 
ATOM   166 C CG  . PRO A 1 34  ? 16.217  3.115   -4.101  1.00 18.95 ? 220 PRO A CG  1 
ATOM   167 C CD  . PRO A 1 34  ? 15.519  1.925   -3.504  1.00 14.61 ? 220 PRO A CD  1 
ATOM   168 N N   . PRO A 1 35  ? 14.991  5.468   -0.404  1.00 17.17 ? 221 PRO A N   1 
ATOM   169 C CA  . PRO A 1 35  ? 14.049  6.094   0.529   1.00 18.01 ? 221 PRO A CA  1 
ATOM   170 C C   . PRO A 1 35  ? 12.703  6.414   -0.110  1.00 15.89 ? 221 PRO A C   1 
ATOM   171 O O   . PRO A 1 35  ? 12.611  6.783   -1.280  1.00 17.01 ? 221 PRO A O   1 
ATOM   172 C CB  . PRO A 1 35  ? 14.779  7.369   0.968   1.00 19.49 ? 221 PRO A CB  1 
ATOM   173 C CG  . PRO A 1 35  ? 16.232  7.103   0.673   1.00 23.59 ? 221 PRO A CG  1 
ATOM   174 C CD  . PRO A 1 35  ? 16.235  6.253   -0.540  1.00 19.91 ? 221 PRO A CD  1 
ATOM   175 N N   . LEU A 1 36  ? 11.651  6.270   0.695   1.00 16.43 ? 222 LEU A N   1 
ATOM   176 C CA  . LEU A 1 36  ? 10.289  6.549   0.268   1.00 16.95 ? 222 LEU A CA  1 
ATOM   177 C C   . LEU A 1 36  ? 9.554   7.513   1.187   1.00 19.68 ? 222 LEU A C   1 
ATOM   178 O O   . LEU A 1 36  ? 8.368   7.766   0.958   1.00 17.93 ? 222 LEU A O   1 
ATOM   179 C CB  . LEU A 1 36  ? 9.489   5.245   0.152   1.00 17.83 ? 222 LEU A CB  1 
ATOM   180 C CG  . LEU A 1 36  ? 9.904   4.343   -1.002  1.00 14.84 ? 222 LEU A CG  1 
ATOM   181 C CD1 . LEU A 1 36  ? 9.188   3.006   -0.892  1.00 17.64 ? 222 LEU A CD1 1 
ATOM   182 C CD2 . LEU A 1 36  ? 9.606   5.009   -2.347  1.00 17.40 ? 222 LEU A CD2 1 
ATOM   183 N N   . GLN A 1 37  ? 10.227  8.079   2.192   1.00 19.34 ? 223 GLN A N   1 
ATOM   184 C CA  . GLN A 1 37  ? 9.559   8.942   3.168   1.00 24.66 ? 223 GLN A CA  1 
ATOM   185 C C   . GLN A 1 37  ? 8.701   10.027  2.512   1.00 22.34 ? 223 GLN A C   1 
ATOM   186 O O   . GLN A 1 37  ? 7.607   10.345  3.000   1.00 21.29 ? 223 GLN A O   1 
ATOM   187 C CB  . GLN A 1 37  ? 10.601  9.552   4.118   1.00 28.80 ? 223 GLN A CB  1 
ATOM   188 C CG  . GLN A 1 37  ? 10.033  10.531  5.138   1.00 31.84 ? 223 GLN A CG  1 
ATOM   189 C CD  . GLN A 1 37  ? 8.991   9.903   6.042   1.00 39.39 ? 223 GLN A CD  1 
ATOM   190 O OE1 . GLN A 1 37  ? 9.117   8.748   6.449   1.00 43.65 ? 223 GLN A OE1 1 
ATOM   191 N NE2 . GLN A 1 37  ? 7.946   10.664  6.356   1.00 41.17 ? 223 GLN A NE2 1 
ATOM   192 N N   . ALA A 1 38  ? 9.160   10.589  1.396   1.00 20.44 ? 224 ALA A N   1 
ATOM   193 C CA  . ALA A 1 38  ? 8.416   11.659  0.737   1.00 22.78 ? 224 ALA A CA  1 
ATOM   194 C C   . ALA A 1 38  ? 7.035   11.214  0.261   1.00 20.30 ? 224 ALA A C   1 
ATOM   195 O O   . ALA A 1 38  ? 6.150   12.056  0.067   1.00 21.91 ? 224 ALA A O   1 
ATOM   196 C CB  . ALA A 1 38  ? 9.206   12.209  -0.448  1.00 24.03 ? 224 ALA A CB  1 
ATOM   197 N N   . TRP A 1 39  ? 6.834   9.924   0.048   1.00 17.22 ? 225 TRP A N   1 
ATOM   198 C CA  . TRP A 1 39  ? 5.548   9.417   -0.401  1.00 16.13 ? 225 TRP A CA  1 
ATOM   199 C C   . TRP A 1 39  ? 4.587   9.135   0.737   1.00 15.60 ? 225 TRP A C   1 
ATOM   200 O O   . TRP A 1 39  ? 3.437   8.785   0.475   1.00 13.84 ? 225 TRP A O   1 
ATOM   201 C CB  . TRP A 1 39  ? 5.752   8.124   -1.191  1.00 15.32 ? 225 TRP A CB  1 
ATOM   202 C CG  . TRP A 1 39  ? 6.347   8.332   -2.547  1.00 14.34 ? 225 TRP A CG  1 
ATOM   203 C CD1 . TRP A 1 39  ? 7.680   8.341   -2.876  1.00 13.99 ? 225 TRP A CD1 1 
ATOM   204 C CD2 . TRP A 1 39  ? 5.632   8.542   -3.764  1.00 13.47 ? 225 TRP A CD2 1 
ATOM   205 N NE1 . TRP A 1 39  ? 7.826   8.555   -4.227  1.00 15.39 ? 225 TRP A NE1 1 
ATOM   206 C CE2 . TRP A 1 39  ? 6.584   8.665   -4.798  1.00 15.12 ? 225 TRP A CE2 1 
ATOM   207 C CE3 . TRP A 1 39  ? 4.275   8.628   -4.086  1.00 14.82 ? 225 TRP A CE3 1 
ATOM   208 C CZ2 . TRP A 1 39  ? 6.225   8.880   -6.123  1.00 16.54 ? 225 TRP A CZ2 1 
ATOM   209 C CZ3 . TRP A 1 39  ? 3.913   8.843   -5.411  1.00 16.57 ? 225 TRP A CZ3 1 
ATOM   210 C CH2 . TRP A 1 39  ? 4.890   8.959   -6.412  1.00 17.03 ? 225 TRP A CH2 1 
ATOM   211 N N   . MET A 1 40  ? 5.016   9.275   1.989   1.00 15.07 ? 226 MET A N   1 
ATOM   212 C CA  . MET A 1 40  ? 4.168   8.808   3.081   1.00 17.14 ? 226 MET A CA  1 
ATOM   213 C C   . MET A 1 40  ? 2.796   9.466   3.142   1.00 15.56 ? 226 MET A C   1 
ATOM   214 O O   . MET A 1 40  ? 1.823   8.738   3.377   1.00 14.29 ? 226 MET A O   1 
ATOM   215 C CB  . MET A 1 40  ? 4.902   8.802   4.430   1.00 18.96 ? 226 MET A CB  1 
ATOM   216 C CG  . MET A 1 40  ? 5.917   7.660   4.592   1.00 23.99 ? 226 MET A CG  1 
ATOM   217 S SD  . MET A 1 40  ? 5.284   5.971   4.319   1.00 23.93 ? 226 MET A SD  1 
ATOM   218 C CE  . MET A 1 40  ? 3.840   5.922   5.377   1.00 26.50 ? 226 MET A CE  1 
ATOM   219 N N   . PRO A 1 41  ? 2.629   10.780  2.952   1.00 15.52 ? 227 PRO A N   1 
ATOM   220 C CA  . PRO A 1 41  ? 1.264   11.321  2.994   1.00 14.92 ? 227 PRO A CA  1 
ATOM   221 C C   . PRO A 1 41  ? 0.361   10.713  1.939   1.00 13.17 ? 227 PRO A C   1 
ATOM   222 O O   . PRO A 1 41  ? -0.817  10.448  2.215   1.00 12.85 ? 227 PRO A O   1 
ATOM   223 C CB  . PRO A 1 41  ? 1.479   12.829  2.814   1.00 16.77 ? 227 PRO A CB  1 
ATOM   224 C CG  . PRO A 1 41  ? 2.830   13.059  3.351   1.00 19.74 ? 227 PRO A CG  1 
ATOM   225 C CD  . PRO A 1 41  ? 3.629   11.861  2.912   1.00 17.85 ? 227 PRO A CD  1 
ATOM   226 N N   . SER A 1 42  ? 0.897   10.456  0.739   1.00 13.78 ? 228 SER A N   1 
ATOM   227 C CA  . SER A 1 42  ? 0.116   9.792   -0.299  1.00 13.96 ? 228 SER A CA  1 
ATOM   228 C C   . SER A 1 42  ? -0.187  8.356   0.077   1.00 12.92 ? 228 SER A C   1 
ATOM   229 O O   . SER A 1 42  ? -1.312  7.891   -0.123  1.00 13.18 ? 228 SER A O   1 
ATOM   230 C CB  . SER A 1 42  ? 0.872   9.785   -1.622  1.00 15.06 ? 228 SER A CB  1 
ATOM   231 O OG  . SER A 1 42  ? 1.112   11.100  -2.079  1.00 19.59 ? 228 SER A OG  1 
ATOM   232 N N   . ILE A 1 43  ? 0.813   7.634   0.591   1.00 12.11 ? 229 ILE A N   1 
ATOM   233 C CA  . ILE A 1 43  ? 0.586   6.251   0.995   1.00 12.19 ? 229 ILE A CA  1 
ATOM   234 C C   . ILE A 1 43  ? -0.484  6.183   2.072   1.00 13.17 ? 229 ILE A C   1 
ATOM   235 O O   . ILE A 1 43  ? -1.369  5.325   2.028   1.00 13.42 ? 229 ILE A O   1 
ATOM   236 C CB  . ILE A 1 43  ? 1.900   5.583   1.443   1.00 12.94 ? 229 ILE A CB  1 
ATOM   237 C CG1 . ILE A 1 43  ? 2.873   5.437   0.270   1.00 13.89 ? 229 ILE A CG1 1 
ATOM   238 C CG2 . ILE A 1 43  ? 1.609   4.207   2.038   1.00 15.62 ? 229 ILE A CG2 1 
ATOM   239 C CD1 . ILE A 1 43  ? 4.266   5.024   0.711   1.00 14.88 ? 229 ILE A CD1 1 
ATOM   240 N N   . ARG A 1 44  ? -0.420  7.084   3.060   1.00 12.59 ? 230 ARG A N   1 
ATOM   241 C CA  . ARG A 1 44  ? -1.411  7.066   4.132   1.00 13.06 ? 230 ARG A CA  1 
ATOM   242 C C   . ARG A 1 44  ? -2.814  7.302   3.594   1.00 12.57 ? 230 ARG A C   1 
ATOM   243 O O   . ARG A 1 44  ? -3.769  6.646   4.019   1.00 14.49 ? 230 ARG A O   1 
ATOM   244 C CB  . ARG A 1 44  ? -1.061  8.102   5.203   1.00 13.70 ? 230 ARG A CB  1 
ATOM   245 C CG  . ARG A 1 44  ? 0.185   7.754   6.005   1.00 13.76 ? 230 ARG A CG  1 
ATOM   246 C CD  . ARG A 1 44  ? 0.564   8.901   6.916   1.00 16.73 ? 230 ARG A CD  1 
ATOM   247 N NE  . ARG A 1 44  ? 1.911   8.736   7.461   1.00 16.34 ? 230 ARG A NE  1 
ATOM   248 C CZ  . ARG A 1 44  ? 2.871   9.642   7.365   1.00 18.35 ? 230 ARG A CZ  1 
ATOM   249 N NH1 . ARG A 1 44  ? 2.657   10.809  6.762   1.00 17.07 ? 230 ARG A NH1 1 
ATOM   250 N NH2 . ARG A 1 44  ? 4.066   9.378   7.875   1.00 17.97 ? 230 ARG A NH2 1 
ATOM   251 N N   . GLN A 1 45  ? -2.959  8.238   2.660   1.00 12.94 ? 231 GLN A N   1 
ATOM   252 C CA  . GLN A 1 45  ? -4.272  8.471   2.076   1.00 12.96 ? 231 GLN A CA  1 
ATOM   253 C C   . GLN A 1 45  ? -4.749  7.249   1.314   1.00 14.58 ? 231 GLN A C   1 
ATOM   254 O O   . GLN A 1 45  ? -5.921  6.868   1.406   1.00 15.94 ? 231 GLN A O   1 
ATOM   255 C CB  . GLN A 1 45  ? -4.245  9.693   1.161   1.00 13.61 ? 231 GLN A CB  1 
ATOM   256 C CG  . GLN A 1 45  ? -5.593  9.979   0.490   1.00 13.59 ? 231 GLN A CG  1 
ATOM   257 C CD  . GLN A 1 45  ? -6.620  10.558  1.450   1.00 18.61 ? 231 GLN A CD  1 
ATOM   258 O OE1 . GLN A 1 45  ? -6.397  10.623  2.664   1.00 21.43 ? 231 GLN A OE1 1 
ATOM   259 N NE2 . GLN A 1 45  ? -7.752  10.991  0.909   1.00 18.54 ? 231 GLN A NE2 1 
ATOM   260 N N   . CYS A 1 46  ? -3.849  6.616   0.566   1.00 13.86 ? 232 CYS A N   1 
ATOM   261 C CA  . CYS A 1 46  ? -4.207  5.424   -0.194  1.00 13.85 ? 232 CYS A CA  1 
ATOM   262 C C   . CYS A 1 46  ? -4.668  4.300   0.728   1.00 14.93 ? 232 CYS A C   1 
ATOM   263 O O   . CYS A 1 46  ? -5.698  3.667   0.485   1.00 15.78 ? 232 CYS A O   1 
ATOM   264 C CB  . CYS A 1 46  ? -3.016  4.989   -1.042  1.00 13.88 ? 232 CYS A CB  1 
ATOM   265 S SG  . CYS A 1 46  ? -3.427  3.769   -2.316  1.00 16.77 ? 232 CYS A SG  1 
ATOM   266 N N   . VAL A 1 47  ? -3.931  4.061   1.811   1.00 14.23 ? 233 VAL A N   1 
ATOM   267 C CA  . VAL A 1 47  ? -4.335  3.038   2.771   1.00 14.42 ? 233 VAL A CA  1 
ATOM   268 C C   . VAL A 1 47  ? -5.682  3.389   3.392   1.00 17.91 ? 233 VAL A C   1 
ATOM   269 O O   . VAL A 1 47  ? -6.550  2.522   3.559   1.00 19.91 ? 233 VAL A O   1 
ATOM   270 C CB  . VAL A 1 47  ? -3.229  2.838   3.818   1.00 15.69 ? 233 VAL A CB  1 
ATOM   271 C CG1 . VAL A 1 47  ? -3.689  1.894   4.942   1.00 19.79 ? 233 VAL A CG1 1 
ATOM   272 C CG2 . VAL A 1 47  ? -1.957  2.312   3.134   1.00 16.94 ? 233 VAL A CG2 1 
ATOM   273 N N   . ASN A 1 48  ? -5.883  4.668   3.731   1.00 18.65 ? 234 ASN A N   1 
ATOM   274 C CA  . ASN A 1 48  ? -7.177  5.123   4.254   1.00 20.34 ? 234 ASN A CA  1 
ATOM   275 C C   . ASN A 1 48  ? -8.313  4.784   3.295   1.00 24.69 ? 234 ASN A C   1 
ATOM   276 O O   . ASN A 1 48  ? -9.345  4.233   3.700   1.00 23.05 ? 234 ASN A O   1 
ATOM   277 C CB  . ASN A 1 48  ? -7.112  6.640   4.475   1.00 19.13 ? 234 ASN A CB  1 
ATOM   278 C CG  . ASN A 1 48  ? -8.472  7.266   4.823   1.00 25.51 ? 234 ASN A CG  1 
ATOM   279 O OD1 . ASN A 1 48  ? -9.334  7.454   3.956   1.00 30.61 ? 234 ASN A OD1 1 
ATOM   280 N ND2 . ASN A 1 48  ? -8.649  7.610   6.086   1.00 27.09 ? 234 ASN A ND2 1 
ATOM   281 N N   . LYS A 1 49  ? -8.153  5.127   2.018   1.00 19.89 ? 235 LYS A N   1 
ATOM   282 C CA  . LYS A 1 49  ? -9.228  4.905   1.058   1.00 20.50 ? 235 LYS A CA  1 
ATOM   283 C C   . LYS A 1 49  ? -9.421  3.421   0.778   1.00 23.94 ? 235 LYS A C   1 
ATOM   284 O O   . LYS A 1 49  ? -10.554 2.959   0.589   1.00 22.95 ? 235 LYS A O   1 
ATOM   285 C CB  . LYS A 1 49  ? -8.959  5.670   -0.235  1.00 21.59 ? 235 LYS A CB  1 
ATOM   286 C CG  . LYS A 1 49  ? -8.708  7.150   -0.036  1.00 24.01 ? 235 LYS A CG  1 
ATOM   287 C CD  . LYS A 1 49  ? -9.727  7.805   0.871   1.00 37.56 ? 235 LYS A CD  1 
ATOM   288 C CE  . LYS A 1 49  ? -11.065 7.956   0.194   1.00 32.49 ? 235 LYS A CE  1 
ATOM   289 N NZ  . LYS A 1 49  ? -11.997 8.766   1.041   1.00 38.39 ? 235 LYS A NZ  1 
ATOM   290 N N   . TYR A 1 50  ? -8.329  2.654   0.768   1.00 20.81 ? 236 TYR A N   1 
ATOM   291 C CA  . TYR A 1 50  ? -8.443  1.227   0.508   1.00 20.35 ? 236 TYR A CA  1 
ATOM   292 C C   . TYR A 1 50  ? -9.199  0.543   1.627   1.00 21.65 ? 236 TYR A C   1 
ATOM   293 O O   . TYR A 1 50  ? -9.999  -0.370  1.381   1.00 21.77 ? 236 TYR A O   1 
ATOM   294 C CB  . TYR A 1 50  ? -7.049  0.640   0.359   1.00 18.64 ? 236 TYR A CB  1 
ATOM   295 C CG  . TYR A 1 50  ? -7.021  -0.762  -0.199  1.00 15.79 ? 236 TYR A CG  1 
ATOM   296 C CD1 . TYR A 1 50  ? -7.069  -0.979  -1.565  1.00 20.25 ? 236 TYR A CD1 1 
ATOM   297 C CD2 . TYR A 1 50  ? -6.923  -1.862  0.635   1.00 14.96 ? 236 TYR A CD2 1 
ATOM   298 C CE1 . TYR A 1 50  ? -7.032  -2.254  -2.095  1.00 17.60 ? 236 TYR A CE1 1 
ATOM   299 C CE2 . TYR A 1 50  ? -6.882  -3.151  0.112   1.00 16.17 ? 236 TYR A CE2 1 
ATOM   300 C CZ  . TYR A 1 50  ? -6.933  -3.330  -1.255  1.00 17.31 ? 236 TYR A CZ  1 
ATOM   301 O OH  . TYR A 1 50  ? -6.889  -4.597  -1.807  1.00 18.93 ? 236 TYR A OH  1 
ATOM   302 N N   . ALA A 1 51  ? -8.985  0.997   2.856   1.00 20.02 ? 237 ALA A N   1 
ATOM   303 C CA  . ALA A 1 51  ? -9.742  0.467   3.981   1.00 24.57 ? 237 ALA A CA  1 
ATOM   304 C C   . ALA A 1 51  ? -11.248 0.652   3.815   1.00 26.78 ? 237 ALA A C   1 
ATOM   305 O O   . ALA A 1 51  ? -12.020 -0.139  4.366   1.00 24.54 ? 237 ALA A O   1 
ATOM   306 C CB  . ALA A 1 51  ? -9.245  1.113   5.271   1.00 23.84 ? 237 ALA A CB  1 
ATOM   307 N N   . GLU A 1 52  ? -11.688 1.646   3.040   1.00 23.11 ? 238 GLU A N   1 
ATOM   308 C CA  . GLU A 1 52  ? -13.124 1.893   2.911   1.00 24.86 ? 238 GLU A CA  1 
ATOM   309 C C   . GLU A 1 52  ? -13.840 0.772   2.171   1.00 27.39 ? 238 GLU A C   1 
ATOM   310 O O   . GLU A 1 52  ? -15.038 0.561   2.386   1.00 27.83 ? 238 GLU A O   1 
ATOM   311 C CB  . GLU A 1 52  ? -13.377 3.229   2.221   1.00 25.14 ? 238 GLU A CB  1 
ATOM   312 C CG  . GLU A 1 52  ? -13.001 4.418   3.075   1.00 26.73 ? 238 GLU A CG  1 
ATOM   313 C CD  . GLU A 1 52  ? -13.380 5.734   2.441   1.00 26.13 ? 238 GLU A CD  1 
ATOM   314 O OE1 . GLU A 1 52  ? -13.110 6.781   3.065   1.00 30.64 ? 238 GLU A OE1 1 
ATOM   315 O OE2 . GLU A 1 52  ? -13.941 5.723   1.323   1.00 32.04 ? 238 GLU A OE2 1 
ATOM   316 N N   . THR A 1 53  ? -13.146 0.057   1.293   1.00 24.00 ? 239 THR A N   1 
ATOM   317 C CA  . THR A 1 53  ? -13.733 -1.075  0.593   1.00 23.42 ? 239 THR A CA  1 
ATOM   318 C C   . THR A 1 53  ? -13.148 -2.409  1.038   1.00 22.88 ? 239 THR A C   1 
ATOM   319 O O   . THR A 1 53  ? -13.414 -3.431  0.393   1.00 27.91 ? 239 THR A O   1 
ATOM   320 C CB  . THR A 1 53  ? -13.574 -0.896  -0.913  1.00 28.18 ? 239 THR A CB  1 
ATOM   321 O OG1 . THR A 1 53  ? -12.248 -0.419  -1.187  1.00 30.01 ? 239 THR A OG1 1 
ATOM   322 C CG2 . THR A 1 53  ? -14.592 0.107   -1.436  1.00 31.20 ? 239 THR A CG2 1 
ATOM   323 N N   . HIS A 1 54  ? -12.364 -2.431  2.124   1.00 24.49 ? 240 HIS A N   1 
ATOM   324 C CA  . HIS A 1 54  ? -11.726 -3.667  2.598   1.00 20.17 ? 240 HIS A CA  1 
ATOM   325 C C   . HIS A 1 54  ? -11.661 -3.615  4.127   1.00 23.58 ? 240 HIS A C   1 
ATOM   326 O O   . HIS A 1 54  ? -10.690 -3.117  4.699   1.00 24.31 ? 240 HIS A O   1 
ATOM   327 C CB  . HIS A 1 54  ? -10.332 -3.821  2.004   1.00 18.41 ? 240 HIS A CB  1 
ATOM   328 C CG  . HIS A 1 54  ? -10.295 -3.786  0.510   1.00 20.13 ? 240 HIS A CG  1 
ATOM   329 N ND1 . HIS A 1 54  ? -10.238 -2.608  -0.202  1.00 22.14 ? 240 HIS A ND1 1 
ATOM   330 C CD2 . HIS A 1 54  ? -10.276 -4.780  -0.409  1.00 22.11 ? 240 HIS A CD2 1 
ATOM   331 C CE1 . HIS A 1 54  ? -10.206 -2.878  -1.495  1.00 25.71 ? 240 HIS A CE1 1 
ATOM   332 N NE2 . HIS A 1 54  ? -10.224 -4.190  -1.648  1.00 25.74 ? 240 HIS A NE2 1 
ATOM   333 N N   . THR A 1 55  ? -12.688 -4.155  4.785   1.00 29.64 ? 241 THR A N   1 
ATOM   334 C CA  . THR A 1 55  ? -12.780 -4.087  6.238   1.00 29.52 ? 241 THR A CA  1 
ATOM   335 C C   . THR A 1 55  ? -12.822 -5.477  6.857   1.00 29.84 ? 241 THR A C   1 
ATOM   336 O O   . THR A 1 55  ? -13.111 -6.476  6.189   1.00 29.08 ? 241 THR A O   1 
ATOM   337 C CB  . THR A 1 55  ? -14.025 -3.310  6.709   1.00 34.60 ? 241 THR A CB  1 
ATOM   338 O OG1 . THR A 1 55  ? -15.211 -3.969  6.246   1.00 34.96 ? 241 THR A OG1 1 
ATOM   339 C CG2 . THR A 1 55  ? -14.008 -1.883  6.195   1.00 37.49 ? 241 THR A CG2 1 
ATOM   340 N N   . GLY A 1 56  ? -12.538 -5.521  8.155   1.00 31.60 ? 242 GLY A N   1 
ATOM   341 C CA  . GLY A 1 56  ? -12.665 -6.764  8.898   1.00 33.64 ? 242 GLY A CA  1 
ATOM   342 C C   . GLY A 1 56  ? -11.646 -7.776  8.424   1.00 34.30 ? 242 GLY A C   1 
ATOM   343 O O   . GLY A 1 56  ? -10.462 -7.465  8.253   1.00 30.59 ? 242 GLY A O   1 
ATOM   344 N N   . ASP A 1 57  ? -12.112 -9.006  8.190   1.00 32.18 ? 243 ASP A N   1 
ATOM   345 C CA  . ASP A 1 57  ? -11.226 -10.053 7.686   1.00 30.85 ? 243 ASP A CA  1 
ATOM   346 C C   . ASP A 1 57  ? -10.621 -9.685  6.339   1.00 24.78 ? 243 ASP A C   1 
ATOM   347 O O   . ASP A 1 57  ? -9.555  -10.199 5.988   1.00 27.62 ? 243 ASP A O   1 
ATOM   348 C CB  . ASP A 1 57  ? -11.986 -11.371 7.555   1.00 32.87 ? 243 ASP A CB  1 
ATOM   349 C CG  . ASP A 1 57  ? -12.402 -11.936 8.895   1.00 42.47 ? 243 ASP A CG  1 
ATOM   350 O OD1 . ASP A 1 57  ? -11.733 -11.624 9.902   1.00 46.89 ? 243 ASP A OD1 1 
ATOM   351 O OD2 . ASP A 1 57  ? -13.394 -12.697 8.936   1.00 46.90 ? 243 ASP A OD2 1 
ATOM   352 N N   A SER A 1 58  ? -11.278 -8.817  5.576   0.74 25.09 ? 244 SER A N   1 
ATOM   353 N N   B SER A 1 58  ? -11.282 -8.806  5.587   0.26 25.17 ? 244 SER A N   1 
ATOM   354 C CA  A SER A 1 58  ? -10.784 -8.408  4.268   0.74 23.78 ? 244 SER A CA  1 
ATOM   355 C CA  B SER A 1 58  ? -10.841 -8.366  4.270   0.26 23.85 ? 244 SER A CA  1 
ATOM   356 C C   A SER A 1 58  ? -9.800  -7.246  4.321   0.74 21.84 ? 244 SER A C   1 
ATOM   357 C C   B SER A 1 58  ? -9.840  -7.219  4.318   0.26 21.96 ? 244 SER A C   1 
ATOM   358 O O   A SER A 1 58  ? -9.321  -6.820  3.267   0.74 21.89 ? 244 SER A O   1 
ATOM   359 O O   B SER A 1 58  ? -9.389  -6.777  3.257   0.26 21.89 ? 244 SER A O   1 
ATOM   360 C CB  A SER A 1 58  ? -11.949 -8.067  3.335   0.74 24.62 ? 244 SER A CB  1 
ATOM   361 C CB  B SER A 1 58  ? -12.050 -7.949  3.429   0.26 24.75 ? 244 SER A CB  1 
ATOM   362 O OG  A SER A 1 58  ? -12.633 -9.242  2.941   0.74 27.47 ? 244 SER A OG  1 
ATOM   363 O OG  B SER A 1 58  ? -11.651 -7.167  2.318   0.26 25.38 ? 244 SER A OG  1 
ATOM   364 N N   . ALA A 1 59  ? -9.495  -6.717  5.499   1.00 22.00 ? 245 ALA A N   1 
ATOM   365 C CA  . ALA A 1 59  ? -8.497  -5.659  5.578   1.00 19.99 ? 245 ALA A CA  1 
ATOM   366 C C   . ALA A 1 59  ? -7.149  -6.220  5.135   1.00 19.49 ? 245 ALA A C   1 
ATOM   367 O O   . ALA A 1 59  ? -6.823  -7.370  5.446   1.00 18.35 ? 245 ALA A O   1 
ATOM   368 C CB  . ALA A 1 59  ? -8.374  -5.140  7.008   1.00 25.08 ? 245 ALA A CB  1 
ATOM   369 N N   . PRO A 1 60  ? -6.353  -5.457  4.392   1.00 17.40 ? 246 PRO A N   1 
ATOM   370 C CA  . PRO A 1 60  ? -5.050  -5.979  3.984   1.00 16.69 ? 246 PRO A CA  1 
ATOM   371 C C   . PRO A 1 60  ? -4.153  -6.102  5.197   1.00 17.07 ? 246 PRO A C   1 
ATOM   372 O O   . PRO A 1 60  ? -4.258  -5.334  6.159   1.00 19.79 ? 246 PRO A O   1 
ATOM   373 C CB  . PRO A 1 60  ? -4.531  -4.907  3.020   1.00 17.21 ? 246 PRO A CB  1 
ATOM   374 C CG  . PRO A 1 60  ? -5.171  -3.651  3.515   1.00 18.40 ? 246 PRO A CG  1 
ATOM   375 C CD  . PRO A 1 60  ? -6.555  -4.071  3.936   1.00 19.05 ? 246 PRO A CD  1 
ATOM   376 N N   A VAL A 1 61  ? -3.281  -7.110  5.152   0.61 14.40 ? 247 VAL A N   1 
ATOM   377 N N   B VAL A 1 61  ? -3.259  -7.084  5.157   0.39 14.44 ? 247 VAL A N   1 
ATOM   378 C CA  A VAL A 1 61  ? -2.261  -7.296  6.178   0.61 17.07 ? 247 VAL A CA  1 
ATOM   379 C CA  B VAL A 1 61  ? -2.297  -7.233  6.242   0.39 17.06 ? 247 VAL A CA  1 
ATOM   380 C C   A VAL A 1 61  ? -1.140  -6.287  5.983   0.61 16.65 ? 247 VAL A C   1 
ATOM   381 C C   B VAL A 1 61  ? -1.021  -6.440  5.992   0.39 16.68 ? 247 VAL A C   1 
ATOM   382 O O   A VAL A 1 61  ? -0.646  -5.669  6.937   0.61 14.22 ? 247 VAL A O   1 
ATOM   383 O O   B VAL A 1 61  ? -0.301  -6.119  6.951   0.39 16.14 ? 247 VAL A O   1 
ATOM   384 C CB  A VAL A 1 61  ? -1.719  -8.741  6.117   0.61 16.83 ? 247 VAL A CB  1 
ATOM   385 C CB  B VAL A 1 61  ? -2.002  -8.708  6.564   0.39 17.77 ? 247 VAL A CB  1 
ATOM   386 C CG1 A VAL A 1 61  ? -0.614  -8.944  7.150   0.61 20.08 ? 247 VAL A CG1 1 
ATOM   387 C CG1 B VAL A 1 61  ? -3.234  -9.373  7.161   0.39 17.68 ? 247 VAL A CG1 1 
ATOM   388 C CG2 A VAL A 1 61  ? -2.840  -9.768  6.293   0.61 17.90 ? 247 VAL A CG2 1 
ATOM   389 C CG2 B VAL A 1 61  ? -1.551  -9.432  5.315   0.39 16.65 ? 247 VAL A CG2 1 
ATOM   390 N N   . LYS A 1 62  ? -0.727  -6.099  4.741   1.00 15.56 ? 248 LYS A N   1 
ATOM   391 C CA  . LYS A 1 62  ? 0.433   -5.287  4.456   1.00 15.04 ? 248 LYS A CA  1 
ATOM   392 C C   . LYS A 1 62  ? 0.272   -4.693  3.081   1.00 15.88 ? 248 LYS A C   1 
ATOM   393 O O   . LYS A 1 62  ? -0.549  -5.140  2.270   1.00 14.75 ? 248 LYS A O   1 
ATOM   394 C CB  . LYS A 1 62  ? 1.728   -6.095  4.553   1.00 19.96 ? 248 LYS A CB  1 
ATOM   395 C CG  . LYS A 1 62  ? 1.761   -7.323  3.709   1.00 19.79 ? 248 LYS A CG  1 
ATOM   396 C CD  . LYS A 1 62  ? 2.802   -8.286  4.276   1.00 23.31 ? 248 LYS A CD  1 
ATOM   397 C CE  . LYS A 1 62  ? 2.749   -9.643  3.607   1.00 34.49 ? 248 LYS A CE  1 
ATOM   398 N NZ  . LYS A 1 62  ? 3.686   -10.579 4.291   1.00 38.13 ? 248 LYS A NZ  1 
ATOM   399 N N   . VAL A 1 63  ? 1.056   -3.657  2.846   1.00 14.49 ? 249 VAL A N   1 
ATOM   400 C CA  . VAL A 1 63  ? 1.180   -3.039  1.538   1.00 13.78 ? 249 VAL A CA  1 
ATOM   401 C C   . VAL A 1 63  ? 2.665   -2.856  1.272   1.00 14.03 ? 249 VAL A C   1 
ATOM   402 O O   . VAL A 1 63  ? 3.399   -2.334  2.126   1.00 15.01 ? 249 VAL A O   1 
ATOM   403 C CB  . VAL A 1 63  ? 0.366   -1.731  1.399   1.00 14.46 ? 249 VAL A CB  1 
ATOM   404 C CG1 . VAL A 1 63  ? 0.827   -0.660  2.350   1.00 18.39 ? 249 VAL A CG1 1 
ATOM   405 C CG2 . VAL A 1 63  ? 0.387   -1.233  -0.044  1.00 16.65 ? 249 VAL A CG2 1 
ATOM   406 N N   . ILE A 1 64  ? 3.121   -3.362  0.137   1.00 13.16 ? 250 ILE A N   1 
ATOM   407 C CA  . ILE A 1 64  ? 4.523   -3.270  -0.248  1.00 13.07 ? 250 ILE A CA  1 
ATOM   408 C C   . ILE A 1 64  ? 4.654   -2.083  -1.182  1.00 12.96 ? 250 ILE A C   1 
ATOM   409 O O   . ILE A 1 64  ? 4.021   -2.047  -2.247  1.00 13.61 ? 250 ILE A O   1 
ATOM   410 C CB  . ILE A 1 64  ? 5.011   -4.543  -0.953  1.00 13.89 ? 250 ILE A CB  1 
ATOM   411 C CG1 . ILE A 1 64  ? 4.535   -5.802  -0.221  1.00 17.83 ? 250 ILE A CG1 1 
ATOM   412 C CG2 . ILE A 1 64  ? 6.543   -4.490  -1.148  1.00 17.08 ? 250 ILE A CG2 1 
ATOM   413 C CD1 . ILE A 1 64  ? 5.003   -5.921  1.170   1.00 20.98 ? 250 ILE A CD1 1 
ATOM   414 N N   . ALA A 1 65  ? 5.483   -1.127  -0.800  1.00 12.37 ? 251 ALA A N   1 
ATOM   415 C CA  . ALA A 1 65  ? 5.717   0.077   -1.583  1.00 12.54 ? 251 ALA A CA  1 
ATOM   416 C C   . ALA A 1 65  ? 7.073   -0.020  -2.270  1.00 12.28 ? 251 ALA A C   1 
ATOM   417 O O   . ALA A 1 65  ? 8.086   -0.261  -1.607  1.00 13.49 ? 251 ALA A O   1 
ATOM   418 C CB  . ALA A 1 65  ? 5.696   1.295   -0.665  1.00 13.86 ? 251 ALA A CB  1 
ATOM   419 N N   . THR A 1 66  ? 7.091   0.171   -3.593  1.00 12.40 ? 252 THR A N   1 
ATOM   420 C CA  . THR A 1 66  ? 8.327   0.162   -4.363  1.00 12.78 ? 252 THR A CA  1 
ATOM   421 C C   . THR A 1 66  ? 8.266   1.213   -5.464  1.00 13.16 ? 252 THR A C   1 
ATOM   422 O O   . THR A 1 66  ? 7.206   1.758   -5.792  1.00 13.84 ? 252 THR A O   1 
ATOM   423 C CB  . THR A 1 66  ? 8.606   -1.199  -5.003  1.00 13.24 ? 252 THR A CB  1 
ATOM   424 O OG1 . THR A 1 66  ? 7.533   -1.533  -5.881  1.00 13.99 ? 252 THR A OG1 1 
ATOM   425 C CG2 . THR A 1 66  ? 8.772   -2.284  -3.958  1.00 15.62 ? 252 THR A CG2 1 
ATOM   426 N N   . GLY A 1 67  ? 9.426   1.496   -6.045  1.00 12.75 ? 253 GLY A N   1 
ATOM   427 C CA  . GLY A 1 67  ? 9.507   2.525   -7.078  1.00 14.59 ? 253 GLY A CA  1 
ATOM   428 C C   . GLY A 1 67  ? 9.644   3.886   -6.449  1.00 14.69 ? 253 GLY A C   1 
ATOM   429 O O   . GLY A 1 67  ? 10.453  4.076   -5.539  1.00 14.12 ? 253 GLY A O   1 
ATOM   430 N N   . GLY A 1 68  ? 8.879   4.857   -6.942  1.00 13.53 ? 254 GLY A N   1 
ATOM   431 C CA  . GLY A 1 68  ? 8.831   6.149   -6.287  1.00 14.51 ? 254 GLY A CA  1 
ATOM   432 C C   . GLY A 1 68  ? 10.033  7.035   -6.487  1.00 15.53 ? 254 GLY A C   1 
ATOM   433 O O   . GLY A 1 68  ? 10.108  8.103   -5.876  1.00 15.52 ? 254 GLY A O   1 
ATOM   434 N N   . GLN A 1 69  ? 10.990  6.635   -7.317  1.00 15.73 ? 255 GLN A N   1 
ATOM   435 C CA  . GLN A 1 69  ? 12.150  7.495   -7.520  1.00 16.41 ? 255 GLN A CA  1 
ATOM   436 C C   . GLN A 1 69  ? 11.878  8.542   -8.587  1.00 18.23 ? 255 GLN A C   1 
ATOM   437 O O   . GLN A 1 69  ? 12.483  9.624   -8.559  1.00 21.28 ? 255 GLN A O   1 
ATOM   438 C CB  . GLN A 1 69  ? 13.390  6.639   -7.776  1.00 20.75 ? 255 GLN A CB  1 
ATOM   439 C CG  . GLN A 1 69  ? 13.534  5.543   -6.706  1.00 20.72 ? 255 GLN A CG  1 
ATOM   440 C CD  . GLN A 1 69  ? 13.615  6.103   -5.289  1.00 20.31 ? 255 GLN A CD  1 
ATOM   441 O OE1 . GLN A 1 69  ? 14.569  6.785   -4.946  1.00 20.46 ? 255 GLN A OE1 1 
ATOM   442 N NE2 . GLN A 1 69  ? 12.613  5.818   -4.466  1.00 18.79 ? 255 GLN A NE2 1 
ATOM   443 N N   . GLY A 1 70  ? 10.956  8.258   -9.496  1.00 20.43 ? 256 GLY A N   1 
ATOM   444 C CA  . GLY A 1 70  ? 10.345  9.247   -10.355 1.00 19.48 ? 256 GLY A CA  1 
ATOM   445 C C   . GLY A 1 70  ? 8.986   9.646   -9.823  1.00 20.66 ? 256 GLY A C   1 
ATOM   446 O O   . GLY A 1 70  ? 8.784   9.777   -8.609  1.00 23.22 ? 256 GLY A O   1 
ATOM   447 N N   . ASN A 1 71  ? 8.021   9.800   -10.724 1.00 20.38 ? 257 ASN A N   1 
ATOM   448 C CA  . ASN A 1 71  ? 6.711   10.295  -10.332 1.00 21.77 ? 257 ASN A CA  1 
ATOM   449 C C   . ASN A 1 71  ? 5.684   9.190   -10.111 1.00 17.30 ? 257 ASN A C   1 
ATOM   450 O O   . ASN A 1 71  ? 4.502   9.495   -9.949  1.00 19.76 ? 257 ASN A O   1 
ATOM   451 C CB  . ASN A 1 71  ? 6.185   11.326  -11.336 1.00 25.75 ? 257 ASN A CB  1 
ATOM   452 C CG  . ASN A 1 71  ? 5.957   10.743  -12.715 1.00 28.85 ? 257 ASN A CG  1 
ATOM   453 O OD1 . ASN A 1 71  ? 6.140   9.549   -12.946 1.00 33.30 ? 257 ASN A OD1 1 
ATOM   454 N ND2 . ASN A 1 71  ? 5.551   11.597  -13.650 1.00 39.83 ? 257 ASN A ND2 1 
ATOM   455 N N   . GLN A 1 72  ? 6.109   7.927   -10.084 1.00 17.75 ? 258 GLN A N   1 
ATOM   456 C CA  . GLN A 1 72  ? 5.198   6.795   -9.964  1.00 16.57 ? 258 GLN A CA  1 
ATOM   457 C C   . GLN A 1 72  ? 5.644   5.873   -8.836  1.00 14.78 ? 258 GLN A C   1 
ATOM   458 O O   . GLN A 1 72  ? 6.829   5.529   -8.739  1.00 17.25 ? 258 GLN A O   1 
ATOM   459 C CB  . GLN A 1 72  ? 5.123   6.005   -11.270 1.00 20.71 ? 258 GLN A CB  1 
ATOM   460 C CG  . GLN A 1 72  ? 4.000   4.993   -11.294 1.00 25.84 ? 258 GLN A CG  1 
ATOM   461 C CD  . GLN A 1 72  ? 3.623   4.554   -12.702 1.00 31.89 ? 258 GLN A CD  1 
ATOM   462 O OE1 . GLN A 1 72  ? 2.893   3.577   -12.879 1.00 37.72 ? 258 GLN A OE1 1 
ATOM   463 N NE2 . GLN A 1 72  ? 4.124   5.267   -13.708 1.00 32.30 ? 258 GLN A NE2 1 
ATOM   464 N N   . LEU A 1 73  ? 4.692   5.474   -8.000  1.00 14.27 ? 259 LEU A N   1 
ATOM   465 C CA  . LEU A 1 73  ? 4.904   4.536   -6.907  1.00 13.52 ? 259 LEU A CA  1 
ATOM   466 C C   . LEU A 1 73  ? 4.006   3.321   -7.107  1.00 12.75 ? 259 LEU A C   1 
ATOM   467 O O   . LEU A 1 73  ? 2.849   3.461   -7.517  1.00 14.18 ? 259 LEU A O   1 
ATOM   468 C CB  . LEU A 1 73  ? 4.551   5.212   -5.577  1.00 14.61 ? 259 LEU A CB  1 
ATOM   469 C CG  . LEU A 1 73  ? 4.817   4.383   -4.312  1.00 14.48 ? 259 LEU A CG  1 
ATOM   470 C CD1 . LEU A 1 73  ? 6.311   4.405   -3.984  1.00 15.02 ? 259 LEU A CD1 1 
ATOM   471 C CD2 . LEU A 1 73  ? 4.018   4.884   -3.125  1.00 17.52 ? 259 LEU A CD2 1 
ATOM   472 N N   . ILE A 1 74  ? 4.543   2.131   -6.834  1.00 12.71 ? 260 ILE A N   1 
ATOM   473 C CA  . ILE A 1 74  ? 3.787   0.887   -6.876  1.00 12.65 ? 260 ILE A CA  1 
ATOM   474 C C   . ILE A 1 74  ? 3.416   0.500   -5.453  1.00 13.18 ? 260 ILE A C   1 
ATOM   475 O O   . ILE A 1 74  ? 4.281   0.470   -4.566  1.00 12.81 ? 260 ILE A O   1 
ATOM   476 C CB  . ILE A 1 74  ? 4.610   -0.229  -7.538  1.00 13.58 ? 260 ILE A CB  1 
ATOM   477 C CG1 . ILE A 1 74  ? 5.206   0.247   -8.866  1.00 16.87 ? 260 ILE A CG1 1 
ATOM   478 C CG2 . ILE A 1 74  ? 3.762   -1.473  -7.715  1.00 18.08 ? 260 ILE A CG2 1 
ATOM   479 C CD1 . ILE A 1 74  ? 4.173   0.752   -9.850  1.00 20.53 ? 260 ILE A CD1 1 
ATOM   480 N N   . LEU A 1 75  ? 2.136   0.212   -5.222  1.00 12.81 ? 261 LEU A N   1 
ATOM   481 C CA  . LEU A 1 75  ? 1.674   -0.309  -3.938  1.00 12.68 ? 261 LEU A CA  1 
ATOM   482 C C   . LEU A 1 75  ? 1.018   -1.661  -4.167  1.00 14.20 ? 261 LEU A C   1 
ATOM   483 O O   . LEU A 1 75  ? 0.074   -1.771  -4.958  1.00 15.53 ? 261 LEU A O   1 
ATOM   484 C CB  . LEU A 1 75  ? 0.663   0.641   -3.298  1.00 13.55 ? 261 LEU A CB  1 
ATOM   485 C CG  . LEU A 1 75  ? 1.223   1.991   -2.868  1.00 13.06 ? 261 LEU A CG  1 
ATOM   486 C CD1 . LEU A 1 75  ? 0.108   2.928   -2.421  1.00 17.65 ? 261 LEU A CD1 1 
ATOM   487 C CD2 . LEU A 1 75  ? 2.247   1.824   -1.762  1.00 15.50 ? 261 LEU A CD2 1 
ATOM   488 N N   . ASN A 1 76  ? 1.509   -2.679  -3.482  1.00 12.86 ? 262 ASN A N   1 
ATOM   489 C CA  . ASN A 1 76  ? 0.959   -4.025  -3.583  1.00 13.29 ? 262 ASN A CA  1 
ATOM   490 C C   . ASN A 1 76  ? 0.270   -4.353  -2.263  1.00 12.61 ? 262 ASN A C   1 
ATOM   491 O O   . ASN A 1 76  ? 0.939   -4.552  -1.239  1.00 14.28 ? 262 ASN A O   1 
ATOM   492 C CB  . ASN A 1 76  ? 2.061   -5.025  -3.919  1.00 15.44 ? 262 ASN A CB  1 
ATOM   493 C CG  . ASN A 1 76  ? 2.258   -5.176  -5.419  1.00 19.56 ? 262 ASN A CG  1 
ATOM   494 O OD1 . ASN A 1 76  ? 1.451   -5.820  -6.092  1.00 22.87 ? 262 ASN A OD1 1 
ATOM   495 N ND2 . ASN A 1 76  ? 3.287   -4.561  -5.950  1.00 23.75 ? 262 ASN A ND2 1 
ATOM   496 N N   . TYR A 1 77  ? -1.057  -4.386  -2.290  1.00 13.19 ? 263 TYR A N   1 
ATOM   497 C CA  . TYR A 1 77  ? -1.848  -4.728  -1.114  1.00 12.61 ? 263 TYR A CA  1 
ATOM   498 C C   . TYR A 1 77  ? -1.971  -6.235  -1.006  1.00 13.43 ? 263 TYR A C   1 
ATOM   499 O O   . TYR A 1 77  ? -2.424  -6.895  -1.952  1.00 15.41 ? 263 TYR A O   1 
ATOM   500 C CB  . TYR A 1 77  ? -3.234  -4.108  -1.238  1.00 14.58 ? 263 TYR A CB  1 
ATOM   501 C CG  . TYR A 1 77  ? -3.258  -2.636  -0.918  1.00 13.65 ? 263 TYR A CG  1 
ATOM   502 C CD1 . TYR A 1 77  ? -3.405  -2.206  0.386   1.00 16.84 ? 263 TYR A CD1 1 
ATOM   503 C CD2 . TYR A 1 77  ? -3.117  -1.685  -1.915  1.00 16.94 ? 263 TYR A CD2 1 
ATOM   504 C CE1 . TYR A 1 77  ? -3.423  -0.861  0.701   1.00 16.10 ? 263 TYR A CE1 1 
ATOM   505 C CE2 . TYR A 1 77  ? -3.134  -0.329  -1.610  1.00 19.67 ? 263 TYR A CE2 1 
ATOM   506 C CZ  . TYR A 1 77  ? -3.297  0.064   -0.299  1.00 16.94 ? 263 TYR A CZ  1 
ATOM   507 O OH  . TYR A 1 77  ? -3.313  1.411   0.015   1.00 18.23 ? 263 TYR A OH  1 
ATOM   508 N N   A ILE A 1 78  ? -1.631  -6.781  0.163   0.48 12.26 ? 264 ILE A N   1 
ATOM   509 N N   B ILE A 1 78  ? -1.569  -6.774  0.135   0.52 12.25 ? 264 ILE A N   1 
ATOM   510 C CA  A ILE A 1 78  ? -1.550  -8.226  0.383   0.48 12.77 ? 264 ILE A CA  1 
ATOM   511 C CA  B ILE A 1 78  ? -1.589  -8.206  0.384   0.52 12.74 ? 264 ILE A CA  1 
ATOM   512 C C   A ILE A 1 78  ? -2.473  -8.615  1.532   0.48 13.58 ? 264 ILE A C   1 
ATOM   513 C C   B ILE A 1 78  ? -2.593  -8.485  1.490   0.52 13.76 ? 264 ILE A C   1 
ATOM   514 O O   A ILE A 1 78  ? -2.241  -8.218  2.684   0.48 13.67 ? 264 ILE A O   1 
ATOM   515 O O   B ILE A 1 78  ? -2.571  -7.836  2.546   0.52 12.28 ? 264 ILE A O   1 
ATOM   516 C CB  A ILE A 1 78  ? -0.111  -8.671  0.684   0.48 12.98 ? 264 ILE A CB  1 
ATOM   517 C CB  B ILE A 1 78  ? -0.188  -8.731  0.733   0.52 12.96 ? 264 ILE A CB  1 
ATOM   518 C CG1 A ILE A 1 78  ? 0.848   -8.123  -0.371  0.48 15.20 ? 264 ILE A CG1 1 
ATOM   519 C CG1 B ILE A 1 78  ? 0.749   -8.523  -0.463  0.52 15.51 ? 264 ILE A CG1 1 
ATOM   520 C CG2 A ILE A 1 78  ? -0.027  -10.192 0.740   0.48 15.38 ? 264 ILE A CG2 1 
ATOM   521 C CG2 B ILE A 1 78  ? -0.257  -10.205 1.126   0.52 14.62 ? 264 ILE A CG2 1 
ATOM   522 C CD1 A ILE A 1 78  ? 0.545   -8.616  -1.754  0.48 15.48 ? 264 ILE A CD1 1 
ATOM   523 C CD1 B ILE A 1 78  ? 2.223   -8.686  -0.149  0.52 16.71 ? 264 ILE A CD1 1 
ATOM   524 N N   . HIS A 1 79  ? -3.488  -9.420  1.224   1.00 13.02 ? 265 HIS A N   1 
ATOM   525 C CA  . HIS A 1 79  ? -4.524  -9.820  2.164   1.00 14.23 ? 265 HIS A CA  1 
ATOM   526 C C   . HIS A 1 79  ? -4.168  -11.148 2.820   1.00 13.05 ? 265 HIS A C   1 
ATOM   527 O O   . HIS A 1 79  ? -3.198  -11.815 2.463   1.00 14.58 ? 265 HIS A O   1 
ATOM   528 C CB  . HIS A 1 79  ? -5.862  -9.900  1.427   1.00 13.38 ? 265 HIS A CB  1 
ATOM   529 C CG  . HIS A 1 79  ? -6.349  -8.569  0.958   1.00 13.72 ? 265 HIS A CG  1 
ATOM   530 N ND1 . HIS A 1 79  ? -7.356  -7.876  1.596   1.00 15.86 ? 265 HIS A ND1 1 
ATOM   531 C CD2 . HIS A 1 79  ? -5.930  -7.778  -0.056  1.00 14.38 ? 265 HIS A CD2 1 
ATOM   532 C CE1 . HIS A 1 79  ? -7.540  -6.719  0.984   1.00 17.15 ? 265 HIS A CE1 1 
ATOM   533 N NE2 . HIS A 1 79  ? -6.685  -6.631  -0.016  1.00 15.17 ? 265 HIS A NE2 1 
ATOM   534 N N   . THR A 1 80  ? -4.973  -11.534 3.809   1.00 16.26 ? 266 THR A N   1 
ATOM   535 C CA  . THR A 1 80  ? -4.856  -12.890 4.317   1.00 16.43 ? 266 THR A CA  1 
ATOM   536 C C   . THR A 1 80  ? -5.136  -13.870 3.179   1.00 17.12 ? 266 THR A C   1 
ATOM   537 O O   . THR A 1 80  ? -5.812  -13.542 2.200   1.00 15.83 ? 266 THR A O   1 
ATOM   538 C CB  . THR A 1 80  ? -5.854  -13.123 5.455   1.00 18.21 ? 266 THR A CB  1 
ATOM   539 O OG1 . THR A 1 80  ? -7.183  -13.002 4.948   1.00 19.62 ? 266 THR A OG1 1 
ATOM   540 C CG2 . THR A 1 80  ? -5.639  -12.127 6.597   1.00 20.61 ? 266 THR A CG2 1 
ATOM   541 N N   . LEU A 1 81  ? -4.591  -15.080 3.300   1.00 17.17 ? 267 LEU A N   1 
ATOM   542 C CA  . LEU A 1 81  ? -4.763  -16.064 2.231   1.00 18.43 ? 267 LEU A CA  1 
ATOM   543 C C   . LEU A 1 81  ? -6.221  -16.317 1.852   1.00 18.08 ? 267 LEU A C   1 
ATOM   544 O O   . LEU A 1 81  ? -6.517  -16.367 0.646   1.00 18.21 ? 267 LEU A O   1 
ATOM   545 C CB  . LEU A 1 81  ? -3.984  -17.351 2.542   1.00 22.91 ? 267 LEU A CB  1 
ATOM   546 C CG  . LEU A 1 81  ? -2.470  -17.185 2.374   1.00 24.76 ? 267 LEU A CG  1 
ATOM   547 C CD1 . LEU A 1 81  ? -1.736  -18.357 2.999   1.00 31.69 ? 267 LEU A CD1 1 
ATOM   548 C CD2 . LEU A 1 81  ? -2.094  -17.030 0.902   1.00 24.15 ? 267 LEU A CD2 1 
ATOM   549 N N   . PRO A 1 82  ? -7.167  -16.456 2.783   1.00 17.44 ? 268 PRO A N   1 
ATOM   550 C CA  . PRO A 1 82  ? -8.565  -16.640 2.363   1.00 18.97 ? 268 PRO A CA  1 
ATOM   551 C C   . PRO A 1 82  ? -9.115  -15.476 1.577   1.00 18.26 ? 268 PRO A C   1 
ATOM   552 O O   . PRO A 1 82  ? -10.132 -15.634 0.888   1.00 21.39 ? 268 PRO A O   1 
ATOM   553 C CB  . PRO A 1 82  ? -9.324  -16.812 3.686   1.00 21.99 ? 268 PRO A CB  1 
ATOM   554 C CG  . PRO A 1 82  ? -8.290  -17.184 4.673   1.00 22.60 ? 268 PRO A CG  1 
ATOM   555 C CD  . PRO A 1 82  ? -7.024  -16.519 4.247   1.00 17.72 ? 268 PRO A CD  1 
ATOM   556 N N   . HIS A 1 83  ? -8.498  -14.299 1.675   1.00 16.60 ? 269 HIS A N   1 
ATOM   557 C CA  . HIS A 1 83  ? -8.944  -13.127 0.937   1.00 16.97 ? 269 HIS A CA  1 
ATOM   558 C C   . HIS A 1 83  ? -7.938  -12.703 -0.122  1.00 14.12 ? 269 HIS A C   1 
ATOM   559 O O   . HIS A 1 83  ? -7.960  -11.553 -0.577  1.00 15.18 ? 269 HIS A O   1 
ATOM   560 C CB  . HIS A 1 83  ? -9.294  -11.991 1.894   1.00 18.58 ? 269 HIS A CB  1 
ATOM   561 C CG  . HIS A 1 83  ? -10.445 -12.322 2.787   1.00 21.71 ? 269 HIS A CG  1 
ATOM   562 N ND1 . HIS A 1 83  ? -11.746 -12.357 2.333   1.00 30.34 ? 269 HIS A ND1 1 
ATOM   563 C CD2 . HIS A 1 83  ? -10.489 -12.677 4.092   1.00 25.21 ? 269 HIS A CD2 1 
ATOM   564 C CE1 . HIS A 1 83  ? -12.545 -12.700 3.329   1.00 30.81 ? 269 HIS A CE1 1 
ATOM   565 N NE2 . HIS A 1 83  ? -11.808 -12.898 4.406   1.00 28.79 ? 269 HIS A NE2 1 
ATOM   566 N N   A SER A 1 84  ? -7.078  -13.620 -0.553  0.69 14.37 ? 270 SER A N   1 
ATOM   567 N N   B SER A 1 84  ? -7.083  -13.643 -0.547  0.31 14.46 ? 270 SER A N   1 
ATOM   568 C CA  A SER A 1 84  ? -6.050  -13.261 -1.517  0.69 13.54 ? 270 SER A CA  1 
ATOM   569 C CA  B SER A 1 84  ? -6.052  -13.359 -1.541  0.31 13.65 ? 270 SER A CA  1 
ATOM   570 C C   A SER A 1 84  ? -6.605  -12.924 -2.892  0.69 15.00 ? 270 SER A C   1 
ATOM   571 C C   B SER A 1 84  ? -6.642  -12.842 -2.842  0.31 14.97 ? 270 SER A C   1 
ATOM   572 O O   A SER A 1 84  ? -5.867  -12.366 -3.709  0.69 13.45 ? 270 SER A O   1 
ATOM   573 O O   B SER A 1 84  ? -5.980  -12.081 -3.559  0.31 14.07 ? 270 SER A O   1 
ATOM   574 C CB  A SER A 1 84  ? -5.002  -14.366 -1.616  0.69 16.72 ? 270 SER A CB  1 
ATOM   575 C CB  B SER A 1 84  ? -5.239  -14.622 -1.831  0.31 16.91 ? 270 SER A CB  1 
ATOM   576 O OG  A SER A 1 84  ? -5.600  -15.622 -1.895  0.69 15.06 ? 270 SER A OG  1 
ATOM   577 O OG  B SER A 1 84  ? -4.503  -15.058 -0.702  0.31 15.44 ? 270 SER A OG  1 
ATOM   578 N N   . ASN A 1 85  ? -7.873  -13.237 -3.178  1.00 14.42 ? 271 ASN A N   1 
ATOM   579 C CA  . ASN A 1 85  ? -8.450  -12.748 -4.422  1.00 14.82 ? 271 ASN A CA  1 
ATOM   580 C C   . ASN A 1 85  ? -8.601  -11.233 -4.436  1.00 15.16 ? 271 ASN A C   1 
ATOM   581 O O   . ASN A 1 85  ? -8.831  -10.654 -5.505  1.00 16.79 ? 271 ASN A O   1 
ATOM   582 C CB  . ASN A 1 85  ? -9.772  -13.450 -4.760  1.00 17.97 ? 271 ASN A CB  1 
ATOM   583 C CG  . ASN A 1 85  ? -10.877 -13.128 -3.784  1.00 21.38 ? 271 ASN A CG  1 
ATOM   584 O OD1 . ASN A 1 85  ? -10.633 -12.809 -2.623  1.00 25.22 ? 271 ASN A OD1 1 
ATOM   585 N ND2 . ASN A 1 85  ? -12.115 -13.231 -4.248  1.00 36.46 ? 271 ASN A ND2 1 
ATOM   586 N N   . GLU A 1 86  ? -8.434  -10.579 -3.288  1.00 14.69 ? 272 GLU A N   1 
ATOM   587 C CA  . GLU A 1 86  ? -8.474  -9.134  -3.201  1.00 15.72 ? 272 GLU A CA  1 
ATOM   588 C C   . GLU A 1 86  ? -7.099  -8.496  -3.329  1.00 15.00 ? 272 GLU A C   1 
ATOM   589 O O   . GLU A 1 86  ? -7.011  -7.265  -3.359  1.00 15.69 ? 272 GLU A O   1 
ATOM   590 C CB  . GLU A 1 86  ? -9.131  -8.716  -1.884  1.00 16.44 ? 272 GLU A CB  1 
ATOM   591 C CG  . GLU A 1 86  ? -10.501 -9.357  -1.686  1.00 19.41 ? 272 GLU A CG  1 
ATOM   592 C CD  . GLU A 1 86  ? -11.211 -8.896  -0.431  1.00 24.82 ? 272 GLU A CD  1 
ATOM   593 O OE1 . GLU A 1 86  ? -11.323 -7.670  -0.219  1.00 27.77 ? 272 GLU A OE1 1 
ATOM   594 O OE2 . GLU A 1 86  ? -11.661 -9.762  0.350   1.00 26.52 ? 272 GLU A OE2 1 
ATOM   595 N N   . ASN A 1 87  ? -6.031  -9.285  -3.429  1.00 13.63 ? 273 ASN A N   1 
ATOM   596 C CA  . ASN A 1 87  ? -4.709  -8.683  -3.569  1.00 12.62 ? 273 ASN A CA  1 
ATOM   597 C C   . ASN A 1 87  ? -4.661  -7.844  -4.833  1.00 14.69 ? 273 ASN A C   1 
ATOM   598 O O   . ASN A 1 87  ? -5.137  -8.264  -5.892  1.00 14.31 ? 273 ASN A O   1 
ATOM   599 C CB  . ASN A 1 87  ? -3.640  -9.762  -3.707  1.00 14.04 ? 273 ASN A CB  1 
ATOM   600 C CG  . ASN A 1 87  ? -3.449  -10.566 -2.448  1.00 13.92 ? 273 ASN A CG  1 
ATOM   601 O OD1 . ASN A 1 87  ? -3.977  -10.225 -1.397  1.00 14.76 ? 273 ASN A OD1 1 
ATOM   602 N ND2 . ASN A 1 87  ? -2.677  -11.635 -2.546  1.00 16.10 ? 273 ASN A ND2 1 
ATOM   603 N N   . VAL A 1 88  ? -4.033  -6.672  -4.742  1.00 14.61 ? 274 VAL A N   1 
ATOM   604 C CA  . VAL A 1 88  ? -3.943  -5.794  -5.900  1.00 14.74 ? 274 VAL A CA  1 
ATOM   605 C C   . VAL A 1 88  ? -2.611  -5.072  -5.936  1.00 15.00 ? 274 VAL A C   1 
ATOM   606 O O   . VAL A 1 88  ? -2.028  -4.727  -4.899  1.00 15.48 ? 274 VAL A O   1 
ATOM   607 C CB  . VAL A 1 88  ? -5.076  -4.756  -5.981  1.00 16.38 ? 274 VAL A CB  1 
ATOM   608 C CG1 . VAL A 1 88  ? -6.394  -5.413  -6.263  1.00 18.89 ? 274 VAL A CG1 1 
ATOM   609 C CG2 . VAL A 1 88  ? -5.127  -3.949  -4.715  1.00 18.63 ? 274 VAL A CG2 1 
ATOM   610 N N   . THR A 1 89  ? -2.135  -4.856  -7.154  1.00 14.53 ? 275 THR A N   1 
ATOM   611 C CA  . THR A 1 89  ? -1.075  -3.906  -7.436  1.00 15.52 ? 275 THR A CA  1 
ATOM   612 C C   . THR A 1 89  ? -1.714  -2.626  -7.944  1.00 16.82 ? 275 THR A C   1 
ATOM   613 O O   . THR A 1 89  ? -2.476  -2.654  -8.921  1.00 18.65 ? 275 THR A O   1 
ATOM   614 C CB  . THR A 1 89  ? -0.148  -4.447  -8.515  1.00 17.21 ? 275 THR A CB  1 
ATOM   615 O OG1 . THR A 1 89  ? 0.353   -5.722  -8.128  1.00 21.06 ? 275 THR A OG1 1 
ATOM   616 C CG2 . THR A 1 89  ? 1.027   -3.506  -8.697  1.00 18.84 ? 275 THR A CG2 1 
ATOM   617 N N   . LEU A 1 90  ? -1.400  -1.511  -7.291  1.00 16.40 ? 276 LEU A N   1 
ATOM   618 C CA  . LEU A 1 90  ? -1.881  -0.197  -7.685  1.00 18.50 ? 276 LEU A CA  1 
ATOM   619 C C   . LEU A 1 90  ? -0.687  0.692   -7.998  1.00 17.80 ? 276 LEU A C   1 
ATOM   620 O O   . LEU A 1 90  ? 0.407   0.497   -7.471  1.00 15.24 ? 276 LEU A O   1 
ATOM   621 C CB  . LEU A 1 90  ? -2.683  0.455   -6.550  1.00 20.92 ? 276 LEU A CB  1 
ATOM   622 C CG  . LEU A 1 90  ? -3.843  -0.319  -5.917  1.00 27.14 ? 276 LEU A CG  1 
ATOM   623 C CD1 . LEU A 1 90  ? -4.496  0.519   -4.838  1.00 26.71 ? 276 LEU A CD1 1 
ATOM   624 C CD2 . LEU A 1 90  ? -4.851  -0.732  -6.976  1.00 26.12 ? 276 LEU A CD2 1 
ATOM   625 N N   . ARG A 1 91  ? -0.907  1.683   -8.849  1.00 17.52 ? 277 ARG A N   1 
ATOM   626 C CA  . ARG A 1 91  ? 0.118   2.644   -9.223  1.00 17.50 ? 277 ARG A CA  1 
ATOM   627 C C   . ARG A 1 91  ? -0.413  4.037   -8.929  1.00 15.75 ? 277 ARG A C   1 
ATOM   628 O O   . ARG A 1 91  ? -1.526  4.384   -9.343  1.00 18.97 ? 277 ARG A O   1 
ATOM   629 C CB  . ARG A 1 91  ? 0.468   2.507   -10.703 1.00 21.92 ? 277 ARG A CB  1 
ATOM   630 C CG  . ARG A 1 91  ? 0.811   1.072   -11.096 1.00 30.28 ? 277 ARG A CG  1 
ATOM   631 C CD  . ARG A 1 91  ? -0.170  0.508   -12.116 1.00 40.92 ? 277 ARG A CD  1 
ATOM   632 N NE  . ARG A 1 91  ? -0.310  -0.947  -12.013 1.00 41.38 ? 277 ARG A NE  1 
ATOM   633 C CZ  . ARG A 1 91  ? 0.614   -1.818  -12.404 1.00 40.19 ? 277 ARG A CZ  1 
ATOM   634 N NH1 . ARG A 1 91  ? 1.760   -1.386  -12.917 1.00 44.40 ? 277 ARG A NH1 1 
ATOM   635 N NH2 . ARG A 1 91  ? 0.397   -3.122  -12.282 1.00 43.06 ? 277 ARG A NH2 1 
ATOM   636 N N   . ILE A 1 92  ? 0.354   4.824   -8.192  1.00 16.60 ? 278 ILE A N   1 
ATOM   637 C CA  . ILE A 1 92  ? -0.050  6.188   -7.897  1.00 18.43 ? 278 ILE A CA  1 
ATOM   638 C C   . ILE A 1 92  ? 1.023   7.140   -8.394  1.00 19.16 ? 278 ILE A C   1 
ATOM   639 O O   . ILE A 1 92  ? 2.207   6.803   -8.455  1.00 17.20 ? 278 ILE A O   1 
ATOM   640 C CB  . ILE A 1 92  ? -0.381  6.421   -6.406  1.00 23.58 ? 278 ILE A CB  1 
ATOM   641 C CG1 . ILE A 1 92  ? 0.864   6.238   -5.542  1.00 22.09 ? 278 ILE A CG1 1 
ATOM   642 C CG2 . ILE A 1 92  ? -1.503  5.481   -5.951  1.00 23.71 ? 278 ILE A CG2 1 
ATOM   643 C CD1 . ILE A 1 92  ? 0.633   6.595   -4.091  1.00 23.53 ? 278 ILE A CD1 1 
ATOM   644 N N   . PHE A 1 93  ? 0.594   8.340   -8.761  1.00 21.87 ? 279 PHE A N   1 
ATOM   645 C CA  . PHE A 1 93  ? 1.491   9.362   -9.266  1.00 24.50 ? 279 PHE A CA  1 
ATOM   646 C C   . PHE A 1 93  ? 1.667   10.457  -8.227  1.00 30.42 ? 279 PHE A C   1 
ATOM   647 O O   . PHE A 1 93  ? 0.807   10.665  -7.367  1.00 33.88 ? 279 PHE A O   1 
ATOM   648 C CB  . PHE A 1 93  ? 0.963   9.945   -10.579 1.00 28.25 ? 279 PHE A CB  1 
ATOM   649 C CG  . PHE A 1 93  ? 1.006   8.972   -11.717 1.00 26.43 ? 279 PHE A CG  1 
ATOM   650 C CD1 . PHE A 1 93  ? 0.001   8.036   -11.882 1.00 31.61 ? 279 PHE A CD1 1 
ATOM   651 C CD2 . PHE A 1 93  ? 2.071   8.968   -12.604 1.00 31.98 ? 279 PHE A CD2 1 
ATOM   652 C CE1 . PHE A 1 93  ? 0.043   7.123   -12.922 1.00 35.39 ? 279 PHE A CE1 1 
ATOM   653 C CE2 . PHE A 1 93  ? 2.121   8.061   -13.649 1.00 37.11 ? 279 PHE A CE2 1 
ATOM   654 C CZ  . PHE A 1 93  ? 1.104   7.137   -13.809 1.00 40.04 ? 279 PHE A CZ  1 
ATOM   655 N N   . SER A 1 94  ? 2.807   11.142  -8.298  1.00 26.34 ? 280 SER A N   1 
ATOM   656 C CA  . SER A 1 94  ? 3.076   12.206  -7.338  1.00 31.38 ? 280 SER A CA  1 
ATOM   657 C C   . SER A 1 94  ? 2.167   13.407  -7.577  1.00 48.26 ? 280 SER A C   1 
ATOM   658 O O   . SER A 1 94  ? 1.565   13.941  -6.638  1.00 57.68 ? 280 SER A O   1 
ATOM   659 C CB  . SER A 1 94  ? 4.547   12.613  -7.399  1.00 33.68 ? 280 SER A CB  1 
ATOM   660 O OG  . SER A 1 94  ? 4.911   12.973  -8.716  1.00 38.77 ? 280 SER A OG  1 
ATOM   661 N N   . GLU A 1 95  ? 2.045   13.839  -8.833  1.00 48.29 ? 281 GLU A N   1 
ATOM   662 C CA  . GLU A 1 95  ? 1.290   15.053  -9.127  1.00 62.23 ? 281 GLU A CA  1 
ATOM   663 C C   . GLU A 1 95  ? -0.212  14.786  -9.173  1.00 60.59 ? 281 GLU A C   1 
ATOM   664 O O   . GLU A 1 95  ? -1.000  15.544  -8.596  1.00 60.62 ? 281 GLU A O   1 
ATOM   665 C CB  . GLU A 1 95  ? 1.777   15.678  -10.438 1.00 67.86 ? 281 GLU A CB  1 
ATOM   666 C CG  . GLU A 1 95  ? 3.208   16.203  -10.380 1.00 69.34 ? 281 GLU A CG  1 
ATOM   667 C CD  . GLU A 1 95  ? 3.689   16.744  -11.716 1.00 74.98 ? 281 GLU A CD  1 
ATOM   668 O OE1 . GLU A 1 95  ? 2.968   16.576  -12.723 1.00 76.40 ? 281 GLU A OE1 1 
ATOM   669 O OE2 . GLU A 1 95  ? 4.790   17.335  -11.761 1.00 73.48 ? 281 GLU A OE2 1 
ATOM   670 N N   . GLN A 1 96  ? -0.625  13.718  -9.853  1.00 57.11 ? 282 GLN A N   1 
ATOM   671 C CA  . GLN A 1 96  ? -2.043  13.419  -9.995  1.00 55.81 ? 282 GLN A CA  1 
ATOM   672 C C   . GLN A 1 96  ? -2.681  13.186  -8.627  1.00 51.31 ? 282 GLN A C   1 
ATOM   673 O O   . GLN A 1 96  ? -2.013  12.849  -7.646  1.00 57.94 ? 282 GLN A O   1 
ATOM   674 C CB  . GLN A 1 96  ? -2.243  12.201  -10.897 1.00 56.11 ? 282 GLN A CB  1 
ATOM   675 C CG  . GLN A 1 96  ? -1.616  12.348  -12.280 1.00 58.13 ? 282 GLN A CG  1 
ATOM   676 C CD  . GLN A 1 96  ? -2.042  11.251  -13.236 1.00 61.69 ? 282 GLN A CD  1 
ATOM   677 O OE1 . GLN A 1 96  ? -3.110  10.656  -13.082 1.00 68.52 ? 282 GLN A OE1 1 
ATOM   678 N NE2 . GLN A 1 96  ? -1.205  10.974  -14.231 1.00 62.78 ? 282 GLN A NE2 1 
ATOM   679 N N   . ASN A 1 97  ? -4.002  13.379  -8.571  1.00 48.06 ? 283 ASN A N   1 
ATOM   680 C CA  . ASN A 1 97  ? -4.755  13.358  -7.317  1.00 48.34 ? 283 ASN A CA  1 
ATOM   681 C C   . ASN A 1 97  ? -6.045  12.556  -7.485  1.00 52.91 ? 283 ASN A C   1 
ATOM   682 O O   . ASN A 1 97  ? -7.148  13.074  -7.334  1.00 55.06 ? 283 ASN A O   1 
ATOM   683 C CB  . ASN A 1 97  ? -5.118  14.766  -6.843  1.00 47.17 ? 283 ASN A CB  1 
ATOM   684 C CG  . ASN A 1 97  ? -3.904  15.638  -6.613  1.00 39.34 ? 283 ASN A CG  1 
ATOM   685 O OD1 . ASN A 1 97  ? -3.207  15.491  -5.609  1.00 35.20 ? 283 ASN A OD1 1 
ATOM   686 N ND2 . ASN A 1 97  ? -3.648  16.561  -7.541  1.00 40.55 ? 283 ASN A ND2 1 
ATOM   687 N N   . ASP A 1 98  ? -5.910  11.274  -7.792  1.00 48.14 ? 284 ASP A N   1 
ATOM   688 C CA  . ASP A 1 98  ? -7.053  10.376  -7.887  1.00 48.38 ? 284 ASP A CA  1 
ATOM   689 C C   . ASP A 1 98  ? -6.958  9.246   -6.870  1.00 39.55 ? 284 ASP A C   1 
ATOM   690 O O   . ASP A 1 98  ? -7.366  8.117   -7.139  1.00 38.94 ? 284 ASP A O   1 
ATOM   691 C CB  . ASP A 1 98  ? -7.237  9.838   -9.307  1.00 45.48 ? 284 ASP A CB  1 
ATOM   692 C CG  . ASP A 1 98  ? -6.043  10.120  -10.202 1.00 57.33 ? 284 ASP A CG  1 
ATOM   693 O OD1 . ASP A 1 98  ? -5.848  11.292  -10.590 1.00 63.38 ? 284 ASP A OD1 1 
ATOM   694 O OD2 . ASP A 1 98  ? -5.292  9.170   -10.514 1.00 64.86 ? 284 ASP A OD2 1 
ATOM   695 N N   . LEU A 1 99  ? -6.411  9.535   -5.684  1.00 35.24 ? 285 LEU A N   1 
ATOM   696 C CA  . LEU A 1 99  ? -6.242  8.476   -4.690  1.00 31.38 ? 285 LEU A CA  1 
ATOM   697 C C   . LEU A 1 99  ? -7.580  7.903   -4.243  1.00 34.99 ? 285 LEU A C   1 
ATOM   698 O O   . LEU A 1 99  ? -7.673  6.709   -3.943  1.00 30.65 ? 285 LEU A O   1 
ATOM   699 C CB  . LEU A 1 99  ? -5.424  8.963   -3.491  1.00 26.77 ? 285 LEU A CB  1 
ATOM   700 C CG  . LEU A 1 99  ? -3.969  9.377   -3.734  1.00 24.69 ? 285 LEU A CG  1 
ATOM   701 C CD1 . LEU A 1 99  ? -3.267  9.670   -2.423  1.00 26.39 ? 285 LEU A CD1 1 
ATOM   702 C CD2 . LEU A 1 99  ? -3.205  8.312   -4.498  1.00 26.28 ? 285 LEU A CD2 1 
ATOM   703 N N   . GLY A 1 100 ? -8.629  8.727   -4.205  1.00 32.44 ? 286 GLY A N   1 
ATOM   704 C CA  . GLY A 1 100 ? -9.937  8.223   -3.823  1.00 34.01 ? 286 GLY A CA  1 
ATOM   705 C C   . GLY A 1 100 ? -10.479 7.167   -4.766  1.00 39.97 ? 286 GLY A C   1 
ATOM   706 O O   . GLY A 1 100 ? -11.183 6.250   -4.337  1.00 42.95 ? 286 GLY A O   1 
ATOM   707 N N   . SER A 1 101 ? -10.157 7.272   -6.057  1.00 36.49 ? 287 SER A N   1 
ATOM   708 C CA  . SER A 1 101 ? -10.626 6.308   -7.046  1.00 38.58 ? 287 SER A CA  1 
ATOM   709 C C   . SER A 1 101 ? -9.588  5.257   -7.415  1.00 37.28 ? 287 SER A C   1 
ATOM   710 O O   . SER A 1 101 ? -9.963  4.161   -7.844  1.00 38.53 ? 287 SER A O   1 
ATOM   711 C CB  . SER A 1 101 ? -11.096 7.022   -8.316  1.00 41.83 ? 287 SER A CB  1 
ATOM   712 O OG  . SER A 1 101 ? -10.018 7.687   -8.948  1.00 49.23 ? 287 SER A OG  1 
ATOM   713 N N   . ILE A 1 102 ? -8.296  5.557   -7.277  1.00 32.05 ? 288 ILE A N   1 
ATOM   714 C CA  . ILE A 1 102 ? -7.280  4.536   -7.520  1.00 32.18 ? 288 ILE A CA  1 
ATOM   715 C C   . ILE A 1 102 ? -7.227  3.552   -6.359  1.00 27.27 ? 288 ILE A C   1 
ATOM   716 O O   . ILE A 1 102 ? -7.104  2.336   -6.559  1.00 24.86 ? 288 ILE A O   1 
ATOM   717 C CB  . ILE A 1 102 ? -5.911  5.189   -7.782  1.00 30.43 ? 288 ILE A CB  1 
ATOM   718 C CG1 . ILE A 1 102 ? -5.885  5.850   -9.162  1.00 40.94 ? 288 ILE A CG1 1 
ATOM   719 C CG2 . ILE A 1 102 ? -4.791  4.164   -7.664  1.00 31.54 ? 288 ILE A CG2 1 
ATOM   720 C CD1 . ILE A 1 102 ? -6.213  4.901   -10.303 1.00 48.38 ? 288 ILE A CD1 1 
ATOM   721 N N   . CYS A 1 103 ? -7.329  4.059   -5.135  1.00 24.14 ? 289 CYS A N   1 
ATOM   722 C CA  . CYS A 1 103 ? -7.185  3.257   -3.933  1.00 24.61 ? 289 CYS A CA  1 
ATOM   723 C C   . CYS A 1 103 ? -8.518  2.774   -3.394  1.00 28.52 ? 289 CYS A C   1 
ATOM   724 O O   . CYS A 1 103 ? -8.555  2.214   -2.299  1.00 30.12 ? 289 CYS A O   1 
ATOM   725 C CB  . CYS A 1 103 ? -6.420  4.044   -2.867  1.00 21.26 ? 289 CYS A CB  1 
ATOM   726 S SG  . CYS A 1 103 ? -4.843  4.688   -3.473  1.00 19.32 ? 289 CYS A SG  1 
ATOM   727 N N   . LYS A 1 104 ? -9.597  2.964   -4.153  1.00 35.98 ? 290 LYS A N   1 
ATOM   728 C CA  . LYS A 1 104 ? -10.954 2.518   -3.803  1.00 40.64 ? 290 LYS A CA  1 
ATOM   729 C C   . LYS A 1 104 ? -11.313 2.653   -2.326  1.00 40.44 ? 290 LYS A C   1 
ATOM   730 O O   . LYS A 1 104 ? -11.921 1.760   -1.742  1.00 40.83 ? 290 LYS A O   1 
ATOM   731 C CB  . LYS A 1 104 ? -11.238 1.095   -4.314  1.00 40.87 ? 290 LYS A CB  1 
ATOM   732 C CG  . LYS A 1 104 ? -10.339 -0.015  -3.776  1.00 36.10 ? 290 LYS A CG  1 
ATOM   733 C CD  . LYS A 1 104 ? -9.086  -0.196  -4.623  1.00 40.43 ? 290 LYS A CD  1 
ATOM   734 C CE  . LYS A 1 104 ? -9.413  -0.164  -6.105  1.00 49.95 ? 290 LYS A CE  1 
ATOM   735 N NZ  . LYS A 1 104 ? -8.194  -0.334  -6.942  1.00 51.85 ? 290 LYS A NZ  1 
HETATM 736 S S   . SO4 B 2 .   ? 12.945  5.574   4.086   1.00 21.94 ? 301 SO4 A S   1 
HETATM 737 O O1  . SO4 B 2 .   ? 14.406  5.562   4.114   1.00 28.16 ? 301 SO4 A O1  1 
HETATM 738 O O2  . SO4 B 2 .   ? 12.463  4.654   3.061   1.00 20.42 ? 301 SO4 A O2  1 
HETATM 739 O O3  . SO4 B 2 .   ? 12.509  6.929   3.728   1.00 24.37 ? 301 SO4 A O3  1 
HETATM 740 O O4  . SO4 B 2 .   ? 12.439  5.200   5.401   1.00 26.44 ? 301 SO4 A O4  1 
HETATM 741 O O   . HOH C 3 .   ? -0.968  1.043   13.396  1.00 47.01 ? 401 HOH A O   1 
HETATM 742 O O   . HOH C 3 .   ? 16.709  -11.487 0.042   1.00 48.06 ? 402 HOH A O   1 
HETATM 743 O O   . HOH C 3 .   ? -8.175  -2.422  -7.987  1.00 34.16 ? 403 HOH A O   1 
HETATM 744 O O   . HOH C 3 .   ? -12.404 6.675   5.317   1.00 30.89 ? 404 HOH A O   1 
HETATM 745 O O   . HOH C 3 .   ? 3.408   -12.280 2.511   1.00 41.41 ? 405 HOH A O   1 
HETATM 746 O O   . HOH C 3 .   ? 11.094  6.766   6.807   1.00 37.29 ? 406 HOH A O   1 
HETATM 747 O O   . HOH C 3 .   ? -10.812 4.517   5.705   1.00 28.45 ? 407 HOH A O   1 
HETATM 748 O O   . HOH C 3 .   ? -7.433  1.056   -8.878  1.00 42.63 ? 408 HOH A O   1 
HETATM 749 O O   . HOH C 3 .   ? 14.565  8.204   -2.839  1.00 35.91 ? 409 HOH A O   1 
HETATM 750 O O   . HOH C 3 .   ? 0.757   3.223   -14.310 1.00 35.92 ? 410 HOH A O   1 
HETATM 751 O O   . HOH C 3 .   ? 8.658   9.196   -13.512 1.00 48.77 ? 411 HOH A O   1 
HETATM 752 O O   . HOH C 3 .   ? -13.551 -6.547  0.554   1.00 32.29 ? 412 HOH A O   1 
HETATM 753 O O   . HOH C 3 .   ? -6.731  7.075   7.782   1.00 25.63 ? 413 HOH A O   1 
HETATM 754 O O   . HOH C 3 .   ? 0.452   11.904  -4.479  1.00 39.59 ? 414 HOH A O   1 
HETATM 755 O O   . HOH C 3 .   ? 4.337   -1.263  -13.349 1.00 34.64 ? 415 HOH A O   1 
HETATM 756 O O   . HOH C 3 .   ? -11.921 -17.528 1.127   1.00 26.34 ? 416 HOH A O   1 
HETATM 757 O O   . HOH C 3 .   ? -2.612  10.289  -7.506  1.00 45.79 ? 417 HOH A O   1 
HETATM 758 O O   . HOH C 3 .   ? 6.683   12.394  4.785   1.00 31.84 ? 418 HOH A O   1 
HETATM 759 O O   . HOH C 3 .   ? 0.702   5.683   11.102  1.00 31.98 ? 419 HOH A O   1 
HETATM 760 O O   . HOH C 3 .   ? 16.585  4.233   3.339   1.00 28.32 ? 420 HOH A O   1 
HETATM 761 O O   . HOH C 3 .   ? -9.943  -1.796  6.901   1.00 27.03 ? 421 HOH A O   1 
HETATM 762 O O   . HOH C 3 .   ? -4.661  -4.974  8.790   1.00 29.53 ? 422 HOH A O   1 
HETATM 763 O O   . HOH C 3 .   ? 8.861   6.359   -10.289 1.00 21.53 ? 423 HOH A O   1 
HETATM 764 O O   . HOH C 3 .   ? 6.256   -9.833  4.063   1.00 36.72 ? 424 HOH A O   1 
HETATM 765 O O   . HOH C 3 .   ? -7.397  -9.717  4.262   1.00 19.13 ? 425 HOH A O   1 
HETATM 766 O O   . HOH C 3 .   ? -0.650  -6.458  9.601   1.00 34.44 ? 426 HOH A O   1 
HETATM 767 O O   . HOH C 3 .   ? 6.376   -3.880  -6.562  1.00 29.05 ? 427 HOH A O   1 
HETATM 768 O O   . HOH C 3 .   ? 17.129  7.227   -5.727  1.00 29.78 ? 428 HOH A O   1 
HETATM 769 O O   . HOH C 3 .   ? -12.244 -12.386 -0.480  1.00 30.45 ? 429 HOH A O   1 
HETATM 770 O O   . HOH C 3 .   ? 9.545   11.145  -6.391  1.00 30.58 ? 430 HOH A O   1 
HETATM 771 O O   . HOH C 3 .   ? -7.691  -8.535  -6.846  1.00 16.25 ? 431 HOH A O   1 
HETATM 772 O O   . HOH C 3 .   ? 5.327   -2.860  -4.519  1.00 19.19 ? 432 HOH A O   1 
HETATM 773 O O   . HOH C 3 .   ? -9.691  -15.285 -1.900  1.00 29.86 ? 433 HOH A O   1 
HETATM 774 O O   . HOH C 3 .   ? 17.609  1.964   1.884   1.00 27.61 ? 434 HOH A O   1 
HETATM 775 O O   . HOH C 3 .   ? -3.161  5.113   -11.435 1.00 44.71 ? 435 HOH A O   1 
HETATM 776 O O   . HOH C 3 .   ? 5.938   -4.921  11.352  1.00 34.77 ? 436 HOH A O   1 
HETATM 777 O O   . HOH C 3 .   ? 14.090  9.159   4.118   1.00 25.98 ? 437 HOH A O   1 
HETATM 778 O O   . HOH C 3 .   ? -8.946  -5.361  -3.914  1.00 25.96 ? 438 HOH A O   1 
HETATM 779 O O   . HOH C 3 .   ? 9.997   4.702   9.469   1.00 31.96 ? 439 HOH A O   1 
HETATM 780 O O   . HOH C 3 .   ? -11.851 -6.723  -2.796  1.00 36.49 ? 440 HOH A O   1 
HETATM 781 O O   . HOH C 3 .   ? -4.672  5.667   6.482   1.00 25.99 ? 441 HOH A O   1 
HETATM 782 O O   . HOH C 3 .   ? 5.981   7.143   -14.653 1.00 37.83 ? 442 HOH A O   1 
HETATM 783 O O   . HOH C 3 .   ? 5.785   -8.437  8.149   1.00 33.27 ? 443 HOH A O   1 
HETATM 784 O O   . HOH C 3 .   ? 3.207   12.121  -0.508  1.00 18.49 ? 444 HOH A O   1 
HETATM 785 O O   . HOH C 3 .   ? -1.638  18.283  -8.700  1.00 39.83 ? 445 HOH A O   1 
HETATM 786 O O   . HOH C 3 .   ? -0.803  -12.649 3.689   1.00 27.98 ? 446 HOH A O   1 
HETATM 787 O O   . HOH C 3 .   ? -8.818  -14.096 6.968   1.00 33.59 ? 447 HOH A O   1 
HETATM 788 O O   . HOH C 3 .   ? 2.729   -1.997  -15.498 1.00 34.63 ? 448 HOH A O   1 
HETATM 789 O O   . HOH C 3 .   ? 11.702  10.228  0.199   1.00 32.57 ? 449 HOH A O   1 
HETATM 790 O O   . HOH C 3 .   ? -2.469  -13.120 0.022   1.00 16.77 ? 450 HOH A O   1 
HETATM 791 O O   . HOH C 3 .   ? -10.960 -3.388  9.235   1.00 31.81 ? 451 HOH A O   1 
HETATM 792 O O   . HOH C 3 .   ? -2.362  12.693  -4.797  1.00 41.73 ? 452 HOH A O   1 
HETATM 793 O O   . HOH C 3 .   ? 4.195   -5.558  -8.511  1.00 26.05 ? 453 HOH A O   1 
HETATM 794 O O   . HOH C 3 .   ? 16.335  -4.930  -0.834  1.00 17.26 ? 454 HOH A O   1 
HETATM 795 O O   . HOH C 3 .   ? 20.345  0.507   1.642   1.00 33.58 ? 455 HOH A O   1 
HETATM 796 O O   . HOH C 3 .   ? 14.429  10.521  -6.566  1.00 37.07 ? 456 HOH A O   1 
HETATM 797 O O   . HOH C 3 .   ? -6.366  -2.494  8.863   1.00 33.53 ? 457 HOH A O   1 
HETATM 798 O O   . HOH C 3 .   ? -6.440  3.401   7.332   1.00 28.59 ? 458 HOH A O   1 
HETATM 799 O O   . HOH C 3 .   ? 10.389  -9.545  5.545   1.00 29.37 ? 459 HOH A O   1 
HETATM 800 O O   . HOH C 3 .   ? -6.228  -0.413  3.715   1.00 27.17 ? 460 HOH A O   1 
HETATM 801 O O   . HOH C 3 .   ? -3.092  -15.712 5.774   1.00 27.83 ? 461 HOH A O   1 
HETATM 802 O O   . HOH C 3 .   ? 11.090  9.009   -2.511  1.00 32.23 ? 462 HOH A O   1 
HETATM 803 O O   . HOH C 3 .   ? 5.477   12.265  6.728   1.00 33.48 ? 463 HOH A O   1 
HETATM 804 O O   . HOH C 3 .   ? -15.409 8.672   3.074   1.00 32.02 ? 464 HOH A O   1 
HETATM 805 O O   . HOH C 3 .   ? -3.479  1.592   -10.379 1.00 28.67 ? 465 HOH A O   1 
HETATM 806 O O   . HOH C 3 .   ? -14.567 -5.697  3.035   1.00 29.95 ? 466 HOH A O   1 
HETATM 807 O O   . HOH C 3 .   ? -1.418  4.272   12.477  1.00 29.22 ? 467 HOH A O   1 
HETATM 808 O O   . HOH C 3 .   ? 8.002   1.865   11.178  1.00 40.42 ? 468 HOH A O   1 
HETATM 809 O O   . HOH C 3 .   ? -6.725  -8.687  8.159   1.00 36.71 ? 469 HOH A O   1 
HETATM 810 O O   . HOH C 3 .   ? 5.457   14.802  1.156   1.00 32.99 ? 470 HOH A O   1 
HETATM 811 O O   . HOH C 3 .   ? -2.406  8.784   -9.137  1.00 37.72 ? 471 HOH A O   1 
HETATM 812 O O   . HOH C 3 .   ? -12.385 -12.791 -7.264  1.00 33.77 ? 472 HOH A O   1 
HETATM 813 O O   . HOH C 3 .   ? -15.721 -7.388  4.846   1.00 33.49 ? 473 HOH A O   1 
HETATM 814 O O   . HOH C 3 .   ? -11.503 -10.026 -6.891  1.00 37.36 ? 474 HOH A O   1 
HETATM 815 O O   . HOH C 3 .   ? 11.204  4.575   -9.618  1.00 14.42 ? 475 HOH A O   1 
HETATM 816 O O   . HOH C 3 .   ? -8.541  -17.852 -1.166  1.00 29.38 ? 476 HOH A O   1 
HETATM 817 O O   . HOH C 3 .   ? -15.111 -9.507  8.804   1.00 45.32 ? 477 HOH A O   1 
HETATM 818 O O   . HOH C 3 .   ? 4.170   -3.468  12.606  1.00 34.42 ? 478 HOH A O   1 
HETATM 819 O O   . HOH C 3 .   ? -6.273  0.705   7.737   1.00 31.75 ? 479 HOH A O   1 
HETATM 820 O O   . HOH C 3 .   ? 19.007  -6.140  -1.130  1.00 36.13 ? 480 HOH A O   1 
HETATM 821 O O   . HOH C 3 .   ? 14.956  -7.414  -0.318  1.00 32.53 ? 481 HOH A O   1 
HETATM 822 O O   . HOH C 3 .   ? -13.291 -10.203 -4.827  1.00 41.98 ? 482 HOH A O   1 
HETATM 823 O O   . HOH C 3 .   ? 21.264  -7.356  2.124   1.00 42.02 ? 483 HOH A O   1 
HETATM 824 O O   . HOH C 3 .   ? 15.428  9.179   -10.044 1.00 33.49 ? 484 HOH A O   1 
HETATM 825 O O   . HOH C 3 .   ? 0.911   0.492   -15.560 1.00 34.31 ? 485 HOH A O   1 
HETATM 826 O O   . HOH C 3 .   ? -5.997  12.525  -4.224  1.00 36.26 ? 486 HOH A O   1 
HETATM 827 O O   . HOH C 3 .   ? -1.545  -3.227  -15.087 1.00 30.51 ? 487 HOH A O   1 
HETATM 828 O O   . HOH C 3 .   ? 6.568   -5.403  -4.824  1.00 26.06 ? 488 HOH A O   1 
HETATM 829 O O   . HOH C 3 .   ? -16.208 -3.988  2.652   1.00 42.73 ? 489 HOH A O   1 
HETATM 830 O O   . HOH C 3 .   ? -7.472  3.777   14.685  1.00 44.36 ? 490 HOH A O   1 
HETATM 831 O O   . HOH C 3 .   ? -1.655  -0.205  -15.359 1.00 35.97 ? 491 HOH A O   1 
HETATM 832 O O   . HOH C 3 .   ? 5.586   -7.425  -6.731  1.00 37.49 ? 492 HOH A O   1 
HETATM 833 O O   . HOH C 3 .   ? 12.047  5.709   -12.114 1.00 27.20 ? 493 HOH A O   1 
HETATM 834 O O   . HOH C 3 .   ? -11.367 -15.317 -7.354  1.00 27.43 ? 494 HOH A O   1 
HETATM 835 O O   . HOH C 3 .   ? -9.628  -6.659  -6.086  1.00 24.41 ? 495 HOH A O   1 
HETATM 836 O O   . HOH C 3 .   ? 8.390   6.298   -13.213 1.00 37.86 ? 496 HOH A O   1 
HETATM 837 O O   . HOH C 3 .   ? -14.041 -15.966 -0.450  1.00 37.83 ? 497 HOH A O   1 
HETATM 838 O O   . HOH C 3 .   ? -7.254  -1.480  6.583   1.00 28.46 ? 498 HOH A O   1 
HETATM 839 O O   . HOH C 3 .   ? 16.644  9.745   -7.379  1.00 33.40 ? 499 HOH A O   1 
HETATM 840 O O   . HOH C 3 .   ? 13.750  10.721  1.957   1.00 34.64 ? 500 HOH A O   1 
HETATM 841 O O   . HOH C 3 .   ? -15.189 -13.380 -7.378  1.00 48.53 ? 501 HOH A O   1 
HETATM 842 O O   . HOH C 3 .   ? 6.285   14.908  3.442   1.00 35.23 ? 502 HOH A O   1 
HETATM 843 O O   . HOH C 3 .   ? 16.116  9.830   -2.118  1.00 39.63 ? 503 HOH A O   1 
HETATM 844 O O   . HOH C 3 .   ? 7.566   -8.887  6.426   1.00 30.86 ? 504 HOH A O   1 
# 
